data_4DC9
#
_entry.id   4DC9
#
_cell.length_a   186.351
_cell.length_b   118.577
_cell.length_c   141.731
_cell.angle_alpha   90.00
_cell.angle_beta   138.05
_cell.angle_gamma   90.00
#
_symmetry.space_group_name_H-M   'C 1 2 1'
#
loop_
_entity.id
_entity.type
_entity.pdbx_description
1 polymer 'DNA repair and recombination protein radA'
2 non-polymer 'NITRATE ION'
3 water water
#
_entity_poly.entity_id   1
_entity_poly.type   'polypeptide(L)'
_entity_poly.pdbx_seq_one_letter_code
;GSHMDLGFKSGIDLLKQRSTVWKLSTSSSELDSVLGGGLESQSVTEFAGVFGSGKTQIMHQSCVNLQNPEFLFYDEEAVS
KGEVAQPKAVYIDTEGTFRPERIMQMAEHAGIDGQTVLDNTFVARAYNSDMQMLFAEKIEDLIQEGNNIKLVVIDSLTST
FRNEYTGRGKLAERQQKLGRHMATLNKLADLFNCVVLVTNQVSAKPDAFFGMAEQAIGGHIVGHAATFRFFVRKGKGDKR
VAKLYDSPHLPDAEAIFRITEKGIQD
;
_entity_poly.pdbx_strand_id   A,B,C,D,E,F
#
# COMPACT_ATOMS: atom_id res chain seq x y z
N SER A 2 -12.78 31.55 15.66
CA SER A 2 -14.17 31.03 15.88
C SER A 2 -14.36 29.61 15.37
N HIS A 3 -15.60 29.14 15.46
CA HIS A 3 -15.93 27.73 15.29
C HIS A 3 -16.33 27.33 13.89
N MET A 4 -16.70 28.32 13.07
CA MET A 4 -17.03 28.12 11.65
C MET A 4 -15.76 27.69 10.86
N ASP A 5 -14.63 28.21 11.31
CA ASP A 5 -13.27 27.87 10.87
C ASP A 5 -12.95 26.35 10.95
N LEU A 6 -13.27 25.76 12.10
CA LEU A 6 -13.04 24.33 12.37
C LEU A 6 -14.08 23.41 11.68
N GLY A 7 -15.27 23.95 11.43
CA GLY A 7 -16.34 23.23 10.74
C GLY A 7 -17.48 23.04 11.71
N PHE A 8 -17.44 23.75 12.83
CA PHE A 8 -18.55 23.63 13.75
C PHE A 8 -19.55 24.75 13.52
N LYS A 9 -20.83 24.39 13.53
CA LYS A 9 -21.92 25.33 13.42
C LYS A 9 -22.76 25.17 14.68
N SER A 10 -23.06 26.26 15.37
CA SER A 10 -23.93 26.15 16.53
C SER A 10 -25.35 25.88 16.07
N GLY A 11 -26.18 25.47 17.00
CA GLY A 11 -27.59 25.25 16.70
C GLY A 11 -28.28 26.50 16.17
N ILE A 12 -27.83 27.66 16.65
CA ILE A 12 -28.39 28.88 16.16
C ILE A 12 -27.86 29.25 14.78
N ASP A 13 -26.59 28.97 14.49
CA ASP A 13 -26.10 29.19 13.12
C ASP A 13 -26.90 28.40 12.08
N LEU A 14 -27.29 27.16 12.42
CA LEU A 14 -28.17 26.37 11.57
C LEU A 14 -29.49 27.11 11.30
N LEU A 15 -30.23 27.50 12.35
CA LEU A 15 -31.39 28.39 12.18
C LEU A 15 -31.13 29.63 11.27
N LYS A 16 -30.04 30.36 11.51
CA LYS A 16 -29.67 31.50 10.68
C LYS A 16 -29.52 31.06 9.23
N GLN A 17 -28.54 30.19 8.93
CA GLN A 17 -28.45 29.54 7.61
C GLN A 17 -29.81 29.38 6.89
N ARG A 18 -30.79 28.83 7.61
CA ARG A 18 -32.04 28.37 7.01
C ARG A 18 -32.77 29.54 6.34
N SER A 19 -32.32 30.76 6.68
CA SER A 19 -32.95 32.02 6.22
C SER A 19 -32.43 32.58 4.89
N THR A 20 -31.14 32.41 4.67
CA THR A 20 -30.54 32.78 3.42
C THR A 20 -30.81 31.75 2.34
N VAL A 21 -31.65 30.74 2.64
CA VAL A 21 -31.94 29.70 1.64
C VAL A 21 -32.76 30.28 0.50
N TRP A 22 -32.32 30.13 -0.75
CA TRP A 22 -33.18 30.57 -1.87
C TRP A 22 -33.50 29.40 -2.73
N LYS A 23 -34.30 29.59 -3.78
CA LYS A 23 -34.75 28.44 -4.61
C LYS A 23 -34.84 28.77 -6.08
N LEU A 24 -34.55 27.77 -6.92
CA LEU A 24 -34.48 27.96 -8.36
C LEU A 24 -35.55 27.03 -8.96
N SER A 25 -36.49 27.61 -9.69
CA SER A 25 -37.51 26.89 -10.46
C SER A 25 -36.93 25.90 -11.49
N THR A 26 -37.64 24.78 -11.65
CA THR A 26 -37.30 23.79 -12.61
C THR A 26 -37.97 23.95 -13.96
N SER A 27 -38.83 24.97 -14.08
CA SER A 27 -39.76 25.20 -15.23
C SER A 27 -40.91 24.21 -15.25
N SER A 28 -40.97 23.32 -14.29
CA SER A 28 -42.08 22.37 -14.21
C SER A 28 -42.91 22.67 -12.97
N SER A 29 -44.22 22.73 -13.13
CA SER A 29 -45.10 23.13 -12.02
C SER A 29 -45.12 22.04 -10.99
N GLU A 30 -45.37 20.83 -11.48
CA GLU A 30 -45.44 19.70 -10.58
C GLU A 30 -44.12 19.56 -9.83
N LEU A 31 -43.01 19.68 -10.56
CA LEU A 31 -41.71 19.43 -9.97
C LEU A 31 -41.46 20.44 -8.91
N ASP A 32 -41.63 21.72 -9.26
CA ASP A 32 -41.52 22.84 -8.29
C ASP A 32 -42.36 22.66 -7.02
N SER A 33 -43.59 22.23 -7.22
CA SER A 33 -44.56 22.09 -6.16
C SER A 33 -44.07 21.03 -5.18
N VAL A 34 -43.51 19.97 -5.75
CA VAL A 34 -43.06 18.81 -4.98
C VAL A 34 -41.85 19.15 -4.11
N LEU A 35 -41.12 20.18 -4.53
CA LEU A 35 -39.85 20.65 -3.93
C LEU A 35 -40.16 21.77 -2.95
N GLY A 36 -41.44 22.19 -2.91
CA GLY A 36 -41.87 23.22 -1.97
C GLY A 36 -41.42 24.58 -2.46
N GLY A 37 -41.31 24.73 -3.78
CA GLY A 37 -40.95 26.01 -4.38
C GLY A 37 -39.88 25.91 -5.46
N GLY A 38 -38.89 25.05 -5.28
CA GLY A 38 -37.86 24.87 -6.30
C GLY A 38 -36.66 24.21 -5.69
N LEU A 39 -35.62 23.97 -6.50
CA LEU A 39 -34.35 23.46 -5.97
C LEU A 39 -33.78 24.45 -4.96
N GLU A 40 -33.28 23.91 -3.84
CA GLU A 40 -32.89 24.74 -2.73
C GLU A 40 -31.39 24.99 -2.78
N SER A 41 -30.98 26.22 -2.49
CA SER A 41 -29.58 26.48 -2.14
C SER A 41 -29.25 25.76 -0.82
N GLN A 42 -27.96 25.58 -0.54
CA GLN A 42 -27.49 24.96 0.72
C GLN A 42 -27.75 23.45 0.86
N SER A 43 -28.23 22.87 -0.23
CA SER A 43 -28.59 21.49 -0.28
C SER A 43 -28.08 20.88 -1.56
N VAL A 44 -27.83 19.57 -1.47
CA VAL A 44 -27.49 18.73 -2.63
C VAL A 44 -28.72 17.95 -3.06
N THR A 45 -29.09 18.13 -4.32
CA THR A 45 -30.26 17.48 -4.84
C THR A 45 -29.80 16.53 -5.91
N GLU A 46 -30.28 15.29 -5.81
CA GLU A 46 -29.91 14.20 -6.66
C GLU A 46 -31.06 13.75 -7.52
N PHE A 47 -30.82 13.66 -8.81
CA PHE A 47 -31.74 13.04 -9.72
C PHE A 47 -31.10 11.71 -10.21
N ALA A 48 -31.79 10.58 -10.00
CA ALA A 48 -31.30 9.26 -10.35
C ALA A 48 -32.30 8.60 -11.20
N GLY A 49 -31.85 7.83 -12.16
CA GLY A 49 -32.72 7.24 -13.18
C GLY A 49 -31.91 6.70 -14.35
N VAL A 50 -32.56 5.97 -15.25
CA VAL A 50 -31.87 5.38 -16.40
C VAL A 50 -31.45 6.40 -17.43
N PHE A 51 -30.53 6.05 -18.34
CA PHE A 51 -30.26 6.92 -19.50
C PHE A 51 -31.56 7.39 -20.17
N GLY A 52 -31.59 8.63 -20.69
CA GLY A 52 -32.81 9.17 -21.30
C GLY A 52 -33.89 9.59 -20.31
N SER A 53 -33.66 9.37 -19.01
CA SER A 53 -34.70 9.74 -18.05
C SER A 53 -34.89 11.24 -17.87
N GLY A 54 -33.98 12.05 -18.41
CA GLY A 54 -34.11 13.49 -18.32
C GLY A 54 -33.17 14.20 -17.36
N LYS A 55 -32.21 13.48 -16.80
CA LYS A 55 -31.33 14.08 -15.81
C LYS A 55 -30.56 15.28 -16.38
N THR A 56 -29.80 15.03 -17.44
CA THR A 56 -29.06 16.08 -18.11
C THR A 56 -29.96 17.28 -18.49
N GLN A 57 -31.14 16.99 -18.99
CA GLN A 57 -32.08 18.04 -19.36
C GLN A 57 -32.37 18.94 -18.18
N ILE A 58 -32.59 18.40 -16.99
CA ILE A 58 -32.82 19.27 -15.87
C ILE A 58 -31.55 20.03 -15.61
N MET A 59 -30.40 19.35 -15.62
CA MET A 59 -29.15 20.10 -15.42
C MET A 59 -29.12 21.33 -16.32
N HIS A 60 -29.43 21.14 -17.62
CA HIS A 60 -29.30 22.24 -18.58
C HIS A 60 -30.32 23.28 -18.33
N GLN A 61 -31.58 22.88 -18.12
CA GLN A 61 -32.64 23.85 -17.74
C GLN A 61 -32.20 24.71 -16.61
N SER A 62 -31.56 24.08 -15.64
CA SER A 62 -31.14 24.78 -14.45
C SER A 62 -30.13 25.86 -14.76
N CYS A 63 -29.23 25.61 -15.71
CA CYS A 63 -28.22 26.58 -16.10
C CYS A 63 -28.90 27.74 -16.77
N VAL A 64 -29.95 27.44 -17.50
CA VAL A 64 -30.73 28.51 -18.12
C VAL A 64 -31.53 29.31 -17.07
N ASN A 65 -32.30 28.61 -16.27
CA ASN A 65 -33.21 29.32 -15.38
C ASN A 65 -32.44 30.14 -14.35
N LEU A 66 -31.13 29.91 -14.22
CA LEU A 66 -30.34 30.70 -13.26
C LEU A 66 -30.21 32.13 -13.76
N GLN A 67 -30.30 32.30 -15.08
CA GLN A 67 -30.17 33.60 -15.70
C GLN A 67 -31.51 34.38 -15.76
N ASN A 68 -32.58 33.87 -15.17
CA ASN A 68 -33.84 34.56 -15.27
C ASN A 68 -34.30 34.81 -13.86
N PRO A 69 -34.17 36.06 -13.37
CA PRO A 69 -34.38 36.35 -11.95
C PRO A 69 -35.82 36.12 -11.44
N GLU A 70 -36.81 36.01 -12.34
CA GLU A 70 -38.17 35.57 -11.96
C GLU A 70 -38.12 34.15 -11.43
N PHE A 71 -37.16 33.38 -11.93
CA PHE A 71 -37.00 31.98 -11.57
C PHE A 71 -36.23 31.73 -10.26
N LEU A 72 -35.66 32.78 -9.65
CA LEU A 72 -35.10 32.66 -8.28
C LEU A 72 -35.99 33.20 -7.15
N PHE A 73 -36.43 32.34 -6.24
CA PHE A 73 -37.31 32.75 -5.14
C PHE A 73 -36.56 32.76 -3.82
N TYR A 74 -36.58 33.89 -3.12
CA TYR A 74 -35.94 34.05 -1.80
C TYR A 74 -36.62 35.11 -0.92
N ASP A 75 -36.17 35.19 0.32
CA ASP A 75 -36.60 36.23 1.24
C ASP A 75 -35.76 37.49 1.06
N GLU A 76 -36.37 38.56 0.54
CA GLU A 76 -35.63 39.80 0.27
C GLU A 76 -35.06 40.45 1.53
N GLU A 77 -35.76 40.20 2.65
CA GLU A 77 -35.33 40.57 3.98
C GLU A 77 -34.11 39.79 4.47
N ALA A 78 -34.04 38.49 4.18
CA ALA A 78 -32.89 37.65 4.57
C ALA A 78 -31.74 37.69 3.54
N VAL A 79 -32.10 37.73 2.26
CA VAL A 79 -31.15 37.70 1.14
C VAL A 79 -31.22 39.04 0.39
N SER A 80 -30.15 39.83 0.52
CA SER A 80 -29.95 41.07 -0.24
C SER A 80 -29.81 40.79 -1.74
N LYS A 81 -30.45 41.60 -2.59
CA LYS A 81 -30.44 41.37 -4.04
C LYS A 81 -29.03 41.21 -4.63
N GLY A 82 -28.04 41.80 -3.94
CA GLY A 82 -26.61 41.62 -4.23
C GLY A 82 -26.20 40.16 -4.39
N GLU A 83 -26.40 39.38 -3.33
CA GLU A 83 -26.01 37.97 -3.26
C GLU A 83 -26.33 37.11 -4.50
N VAL A 84 -27.48 37.36 -5.13
CA VAL A 84 -27.90 36.56 -6.31
C VAL A 84 -27.76 37.29 -7.67
N ALA A 85 -27.15 38.47 -7.66
CA ALA A 85 -26.92 39.21 -8.91
C ALA A 85 -25.70 38.65 -9.69
N GLN A 86 -25.68 38.86 -11.02
CA GLN A 86 -24.77 38.17 -11.94
C GLN A 86 -24.35 36.81 -11.39
N PRO A 87 -25.33 35.92 -11.25
CA PRO A 87 -24.97 34.61 -10.77
C PRO A 87 -24.37 33.80 -11.91
N LYS A 88 -23.62 32.78 -11.55
CA LYS A 88 -23.02 31.94 -12.54
C LYS A 88 -23.15 30.54 -12.03
N ALA A 89 -22.87 29.59 -12.91
CA ALA A 89 -23.07 28.20 -12.68
C ALA A 89 -21.83 27.47 -13.20
N VAL A 90 -21.53 26.34 -12.55
CA VAL A 90 -20.45 25.45 -12.94
C VAL A 90 -21.07 24.12 -13.28
N TYR A 91 -20.58 23.47 -14.35
CA TYR A 91 -21.15 22.22 -14.78
C TYR A 91 -19.97 21.26 -14.92
N ILE A 92 -19.83 20.31 -14.01
CA ILE A 92 -18.78 19.29 -14.13
C ILE A 92 -19.36 18.19 -14.96
N ASP A 93 -18.73 18.01 -16.12
CA ASP A 93 -19.23 17.11 -17.13
C ASP A 93 -18.35 15.84 -17.28
N THR A 94 -18.99 14.73 -16.94
CA THR A 94 -18.38 13.42 -16.70
C THR A 94 -18.32 12.50 -17.89
N GLU A 95 -19.21 12.70 -18.86
CA GLU A 95 -19.23 11.88 -20.09
C GLU A 95 -19.60 12.68 -21.36
N GLY A 96 -19.20 13.94 -21.45
CA GLY A 96 -19.54 14.79 -22.59
C GLY A 96 -21.02 15.12 -22.80
N THR A 97 -21.79 15.34 -21.73
CA THR A 97 -23.20 15.61 -21.94
C THR A 97 -23.50 17.08 -22.20
N PHE A 98 -22.54 17.97 -21.99
CA PHE A 98 -22.85 19.41 -22.14
C PHE A 98 -23.10 19.87 -23.56
N ARG A 99 -24.26 20.53 -23.78
CA ARG A 99 -24.71 20.92 -25.11
C ARG A 99 -24.95 22.42 -25.24
N PRO A 100 -23.96 23.17 -25.78
CA PRO A 100 -24.24 24.60 -25.93
C PRO A 100 -25.49 24.86 -26.76
N GLU A 101 -25.68 24.06 -27.79
CA GLU A 101 -26.81 24.24 -28.69
C GLU A 101 -28.11 24.12 -27.89
N ARG A 102 -28.16 23.12 -27.01
CA ARG A 102 -29.31 22.91 -26.13
C ARG A 102 -29.46 23.99 -25.10
N ILE A 103 -28.34 24.51 -24.59
CA ILE A 103 -28.48 25.70 -23.77
C ILE A 103 -29.16 26.84 -24.55
N MET A 104 -28.68 27.09 -25.80
CA MET A 104 -29.23 28.15 -26.69
C MET A 104 -30.75 28.01 -26.88
N GLN A 105 -31.13 26.81 -27.29
CA GLN A 105 -32.46 26.46 -27.61
C GLN A 105 -33.37 26.71 -26.40
N MET A 106 -33.11 26.05 -25.26
CA MET A 106 -33.91 26.22 -24.04
C MET A 106 -34.12 27.71 -23.71
N ALA A 107 -33.06 28.50 -23.94
CA ALA A 107 -33.01 29.91 -23.58
C ALA A 107 -33.84 30.83 -24.50
N GLU A 108 -33.76 30.55 -25.79
CA GLU A 108 -34.61 31.21 -26.74
C GLU A 108 -36.06 31.01 -26.34
N HIS A 109 -36.45 29.77 -26.11
CA HIS A 109 -37.81 29.52 -25.75
C HIS A 109 -38.26 30.19 -24.47
N ALA A 110 -37.34 30.46 -23.53
CA ALA A 110 -37.79 31.09 -22.30
C ALA A 110 -37.53 32.58 -22.35
N GLY A 111 -37.19 33.05 -23.53
CA GLY A 111 -36.95 34.48 -23.69
C GLY A 111 -35.73 34.98 -22.96
N ILE A 112 -34.73 34.11 -22.80
CA ILE A 112 -33.46 34.54 -22.18
C ILE A 112 -32.39 34.57 -23.26
N ASP A 113 -31.45 35.49 -23.13
CA ASP A 113 -30.31 35.45 -24.05
C ASP A 113 -29.39 34.22 -23.88
N GLY A 114 -29.44 33.28 -24.83
CA GLY A 114 -28.58 32.11 -24.83
C GLY A 114 -27.11 32.46 -24.67
N GLN A 115 -26.69 33.57 -25.24
CA GLN A 115 -25.29 33.98 -25.16
C GLN A 115 -24.92 34.31 -23.70
N THR A 116 -25.85 34.96 -23.02
CA THR A 116 -25.70 35.32 -21.61
C THR A 116 -25.51 34.06 -20.73
N VAL A 117 -26.30 33.02 -21.01
CA VAL A 117 -26.18 31.77 -20.25
C VAL A 117 -24.82 31.12 -20.51
N LEU A 118 -24.38 31.02 -21.77
CA LEU A 118 -23.05 30.42 -22.01
C LEU A 118 -21.90 31.18 -21.36
N ASP A 119 -22.14 32.44 -21.07
CA ASP A 119 -21.07 33.30 -20.62
C ASP A 119 -20.93 33.23 -19.12
N ASN A 120 -22.02 32.86 -18.44
CA ASN A 120 -22.00 32.66 -16.98
C ASN A 120 -22.15 31.19 -16.58
N THR A 121 -21.80 30.31 -17.52
CA THR A 121 -21.79 28.91 -17.23
C THR A 121 -20.40 28.41 -17.52
N PHE A 122 -19.71 28.01 -16.44
CA PHE A 122 -18.40 27.42 -16.53
C PHE A 122 -18.52 25.90 -16.61
N VAL A 123 -17.72 25.31 -17.50
CA VAL A 123 -17.86 23.91 -17.92
C VAL A 123 -16.55 23.18 -17.71
N ALA A 124 -16.51 22.26 -16.74
CA ALA A 124 -15.34 21.43 -16.55
C ALA A 124 -15.59 20.00 -17.04
N ARG A 125 -14.77 19.56 -18.01
CA ARG A 125 -14.91 18.26 -18.62
C ARG A 125 -13.99 17.38 -17.84
N ALA A 126 -14.54 16.43 -17.08
CA ALA A 126 -13.73 15.52 -16.22
C ALA A 126 -13.63 14.11 -16.81
N TYR A 127 -12.43 13.54 -16.91
CA TYR A 127 -12.32 12.21 -17.53
C TYR A 127 -12.18 11.05 -16.50
N ASN A 128 -11.92 11.44 -15.26
CA ASN A 128 -11.77 10.52 -14.13
C ASN A 128 -12.17 11.21 -12.82
N SER A 129 -12.35 10.42 -11.76
CA SER A 129 -12.75 10.95 -10.47
C SER A 129 -11.77 11.87 -9.83
N ASP A 130 -10.48 11.72 -10.12
CA ASP A 130 -9.56 12.74 -9.62
C ASP A 130 -9.96 14.13 -10.13
N MET A 131 -10.10 14.25 -11.46
CA MET A 131 -10.43 15.52 -12.07
C MET A 131 -11.78 15.98 -11.53
N GLN A 132 -12.75 15.06 -11.54
CA GLN A 132 -14.09 15.35 -11.03
C GLN A 132 -13.98 16.06 -9.67
N MET A 133 -13.33 15.41 -8.72
CA MET A 133 -13.17 15.92 -7.38
C MET A 133 -12.34 17.18 -7.35
N LEU A 134 -11.25 17.19 -8.10
CA LEU A 134 -10.39 18.39 -8.06
C LEU A 134 -11.22 19.57 -8.53
N PHE A 135 -11.90 19.40 -9.67
CA PHE A 135 -12.83 20.41 -10.18
C PHE A 135 -13.77 20.96 -9.15
N ALA A 136 -14.43 20.08 -8.43
CA ALA A 136 -15.38 20.53 -7.42
C ALA A 136 -14.68 21.38 -6.35
N GLU A 137 -13.54 20.89 -5.85
CA GLU A 137 -12.73 21.66 -4.88
C GLU A 137 -12.35 23.04 -5.44
N LYS A 138 -12.03 23.10 -6.71
CA LYS A 138 -11.55 24.29 -7.35
C LYS A 138 -12.63 25.34 -7.48
N ILE A 139 -13.87 24.98 -7.19
CA ILE A 139 -14.93 26.03 -7.24
C ILE A 139 -14.65 27.14 -6.23
N GLU A 140 -14.04 26.80 -5.09
CA GLU A 140 -13.59 27.83 -4.16
C GLU A 140 -12.82 28.89 -4.91
N ASP A 141 -11.82 28.47 -5.67
CA ASP A 141 -10.95 29.40 -6.39
C ASP A 141 -11.70 30.31 -7.34
N LEU A 142 -12.74 29.80 -8.00
CA LEU A 142 -13.55 30.64 -8.91
C LEU A 142 -14.33 31.72 -8.18
N ILE A 143 -14.72 31.41 -6.96
CA ILE A 143 -15.47 32.34 -6.15
C ILE A 143 -14.51 33.42 -5.65
N GLN A 144 -13.29 33.01 -5.29
CA GLN A 144 -12.20 33.90 -4.85
C GLN A 144 -11.83 34.90 -5.91
N GLU A 145 -11.74 34.45 -7.18
CA GLU A 145 -11.58 35.35 -8.33
C GLU A 145 -12.79 36.25 -8.53
N GLY A 146 -13.76 36.14 -7.63
CA GLY A 146 -14.94 36.99 -7.60
C GLY A 146 -16.09 36.62 -8.53
N ASN A 147 -16.25 35.33 -8.86
CA ASN A 147 -17.40 34.83 -9.62
C ASN A 147 -18.45 34.35 -8.68
N ASN A 148 -19.67 34.82 -8.88
CA ASN A 148 -20.78 34.50 -8.00
C ASN A 148 -21.42 33.19 -8.39
N ILE A 149 -20.79 32.10 -7.94
CA ILE A 149 -21.19 30.79 -8.31
C ILE A 149 -22.40 30.50 -7.46
N LYS A 150 -23.54 30.21 -8.10
CA LYS A 150 -24.77 29.98 -7.35
C LYS A 150 -25.37 28.65 -7.72
N LEU A 151 -24.80 28.03 -8.77
CA LEU A 151 -25.28 26.72 -9.20
C LEU A 151 -24.13 25.75 -9.55
N VAL A 152 -24.08 24.62 -8.84
CA VAL A 152 -23.11 23.56 -9.18
C VAL A 152 -23.85 22.32 -9.59
N VAL A 153 -23.56 21.88 -10.81
CA VAL A 153 -24.05 20.63 -11.41
C VAL A 153 -22.88 19.63 -11.50
N ILE A 154 -23.14 18.38 -11.13
CA ILE A 154 -22.20 17.24 -11.33
C ILE A 154 -22.92 16.20 -12.20
N ASP A 155 -22.66 16.26 -13.49
CA ASP A 155 -23.31 15.36 -14.40
C ASP A 155 -22.22 14.49 -14.98
N SER A 156 -22.05 13.27 -14.45
CA SER A 156 -22.90 12.66 -13.41
C SER A 156 -22.06 12.45 -12.14
N LEU A 157 -22.68 12.03 -11.06
CA LEU A 157 -21.92 11.92 -9.82
C LEU A 157 -20.93 10.73 -9.75
N THR A 158 -21.38 9.54 -10.23
CA THR A 158 -20.75 8.27 -10.03
C THR A 158 -20.17 7.54 -11.29
N SER A 159 -20.28 8.12 -12.47
CA SER A 159 -19.86 7.46 -13.65
C SER A 159 -18.31 7.09 -13.58
N THR A 160 -17.45 8.07 -13.27
CA THR A 160 -16.04 7.86 -13.05
C THR A 160 -15.76 6.72 -12.04
N PHE A 161 -16.26 6.89 -10.83
CA PHE A 161 -16.04 5.91 -9.72
C PHE A 161 -16.42 4.50 -10.06
N ARG A 162 -17.57 4.32 -10.66
CA ARG A 162 -17.95 2.99 -11.00
C ARG A 162 -17.25 2.46 -12.26
N ASN A 163 -16.70 3.37 -13.08
CA ASN A 163 -15.80 2.95 -14.16
C ASN A 163 -14.43 2.51 -13.66
N GLU A 164 -13.90 3.24 -12.67
CA GLU A 164 -12.61 2.99 -12.11
C GLU A 164 -12.59 1.75 -11.21
N TYR A 165 -13.70 1.42 -10.58
CA TYR A 165 -13.73 0.26 -9.65
C TYR A 165 -14.53 -0.95 -10.12
N THR A 166 -13.90 -2.10 -10.02
CA THR A 166 -14.37 -3.36 -10.58
C THR A 166 -13.50 -4.40 -9.87
N GLY A 167 -13.84 -4.70 -8.62
CA GLY A 167 -13.05 -5.65 -7.82
C GLY A 167 -13.17 -5.40 -6.32
N ARG A 168 -14.04 -6.19 -5.70
CA ARG A 168 -14.55 -6.07 -4.30
C ARG A 168 -13.59 -5.64 -3.13
N GLY A 169 -12.28 -5.76 -3.30
CA GLY A 169 -11.31 -5.36 -2.26
C GLY A 169 -10.91 -3.89 -2.32
N LYS A 170 -10.84 -3.37 -3.56
CA LYS A 170 -10.59 -1.97 -3.81
C LYS A 170 -11.88 -1.15 -3.86
N LEU A 171 -12.92 -1.64 -3.19
CA LEU A 171 -14.20 -0.98 -3.07
C LEU A 171 -14.20 0.01 -1.92
N ALA A 172 -13.43 -0.27 -0.89
CA ALA A 172 -13.38 0.58 0.28
C ALA A 172 -12.80 1.96 -0.04
N GLU A 173 -11.92 2.06 -1.02
CA GLU A 173 -11.40 3.39 -1.40
C GLU A 173 -12.42 4.22 -2.22
N ARG A 174 -13.02 3.57 -3.21
CA ARG A 174 -14.19 4.08 -3.89
C ARG A 174 -15.15 4.73 -2.90
N GLN A 175 -15.69 3.97 -1.94
CA GLN A 175 -16.62 4.53 -0.95
C GLN A 175 -16.04 5.74 -0.20
N GLN A 176 -14.81 5.66 0.27
CA GLN A 176 -14.22 6.80 0.99
C GLN A 176 -14.02 7.98 0.06
N LYS A 177 -13.66 7.70 -1.19
CA LYS A 177 -13.44 8.76 -2.18
C LYS A 177 -14.77 9.49 -2.51
N LEU A 178 -15.82 8.71 -2.69
CA LEU A 178 -17.15 9.23 -2.84
C LEU A 178 -17.56 10.13 -1.71
N GLY A 179 -17.41 9.60 -0.49
CA GLY A 179 -17.72 10.31 0.77
C GLY A 179 -16.97 11.60 0.84
N ARG A 180 -15.70 11.55 0.42
CA ARG A 180 -14.87 12.78 0.38
C ARG A 180 -15.49 13.81 -0.52
N HIS A 181 -16.04 13.35 -1.65
CA HIS A 181 -16.57 14.28 -2.66
C HIS A 181 -17.94 14.82 -2.32
N MET A 182 -18.78 13.96 -1.76
CA MET A 182 -20.06 14.30 -1.23
C MET A 182 -19.91 15.42 -0.17
N ALA A 183 -18.91 15.27 0.69
CA ALA A 183 -18.43 16.34 1.58
C ALA A 183 -18.12 17.61 0.85
N THR A 184 -17.26 17.57 -0.17
CA THR A 184 -16.99 18.79 -0.94
C THR A 184 -18.29 19.45 -1.47
N LEU A 185 -19.16 18.65 -2.06
CA LEU A 185 -20.39 19.16 -2.66
C LEU A 185 -21.27 19.80 -1.54
N ASN A 186 -21.40 19.11 -0.41
CA ASN A 186 -22.15 19.63 0.70
C ASN A 186 -21.52 20.89 1.31
N LYS A 187 -20.20 20.95 1.26
CA LYS A 187 -19.48 22.08 1.82
C LYS A 187 -19.90 23.27 1.01
N LEU A 188 -19.63 23.20 -0.29
CA LEU A 188 -19.79 24.37 -1.11
C LEU A 188 -21.25 24.83 -1.25
N ALA A 189 -22.23 23.93 -1.15
CA ALA A 189 -23.62 24.36 -1.11
C ALA A 189 -23.83 25.24 0.10
N ASP A 190 -23.32 24.78 1.24
CA ASP A 190 -23.46 25.42 2.52
C ASP A 190 -22.62 26.69 2.59
N LEU A 191 -21.31 26.60 2.41
CA LEU A 191 -20.48 27.81 2.43
C LEU A 191 -20.87 28.93 1.47
N PHE A 192 -21.20 28.62 0.23
CA PHE A 192 -21.44 29.69 -0.74
C PHE A 192 -22.89 29.83 -1.09
N ASN A 193 -23.76 29.44 -0.15
CA ASN A 193 -25.20 29.51 -0.33
C ASN A 193 -25.57 29.27 -1.80
N CYS A 194 -25.14 28.13 -2.34
CA CYS A 194 -25.59 27.83 -3.68
C CYS A 194 -26.33 26.49 -3.80
N VAL A 195 -27.04 26.28 -4.92
CA VAL A 195 -27.65 24.97 -5.13
C VAL A 195 -26.68 23.98 -5.77
N VAL A 196 -26.68 22.75 -5.27
CA VAL A 196 -25.85 21.73 -5.85
C VAL A 196 -26.71 20.57 -6.29
N LEU A 197 -26.59 20.26 -7.59
CA LEU A 197 -27.35 19.17 -8.23
C LEU A 197 -26.42 18.08 -8.71
N VAL A 198 -26.81 16.83 -8.50
CA VAL A 198 -26.04 15.70 -9.00
C VAL A 198 -26.99 14.77 -9.71
N THR A 199 -26.49 14.12 -10.77
CA THR A 199 -27.28 13.13 -11.48
C THR A 199 -26.60 11.80 -11.21
N ASN A 200 -27.39 10.76 -11.07
CA ASN A 200 -26.87 9.47 -10.74
C ASN A 200 -27.65 8.43 -11.55
N GLN A 201 -26.97 7.36 -11.94
CA GLN A 201 -27.63 6.20 -12.55
C GLN A 201 -28.22 5.25 -11.45
N VAL A 202 -29.10 4.32 -11.81
CA VAL A 202 -29.58 3.38 -10.79
C VAL A 202 -29.17 1.92 -11.00
N SER A 203 -29.27 1.14 -9.92
CA SER A 203 -29.15 -0.33 -9.95
C SER A 203 -30.43 -0.96 -9.41
N ALA A 204 -30.52 -2.29 -9.43
CA ALA A 204 -31.63 -3.04 -8.79
C ALA A 204 -31.25 -3.71 -7.45
N ALA A 213 -35.88 -4.94 -5.08
CA ALA A 213 -34.82 -4.37 -5.91
C ALA A 213 -35.11 -2.92 -6.37
N GLU A 214 -34.43 -1.91 -5.77
CA GLU A 214 -34.61 -0.49 -6.16
C GLU A 214 -33.72 0.61 -5.48
N GLN A 215 -32.55 0.91 -6.06
CA GLN A 215 -31.58 1.81 -5.39
C GLN A 215 -30.72 2.69 -6.33
N ALA A 216 -30.27 3.85 -5.82
CA ALA A 216 -29.37 4.74 -6.59
C ALA A 216 -27.92 4.45 -6.25
N ILE A 217 -27.02 4.52 -7.23
CA ILE A 217 -25.60 4.11 -7.00
C ILE A 217 -24.81 4.93 -5.99
N GLY A 218 -24.05 4.24 -5.12
CA GLY A 218 -23.18 4.88 -4.12
C GLY A 218 -23.60 4.43 -2.75
N GLY A 219 -24.80 3.87 -2.69
CA GLY A 219 -25.32 3.36 -1.46
C GLY A 219 -25.66 4.52 -0.55
N HIS A 220 -25.50 4.26 0.75
CA HIS A 220 -25.89 5.18 1.81
C HIS A 220 -24.85 6.23 2.00
N ILE A 221 -23.61 5.93 1.57
CA ILE A 221 -22.57 6.98 1.51
C ILE A 221 -23.06 8.22 0.73
N VAL A 222 -23.88 7.96 -0.31
CA VAL A 222 -24.49 9.00 -1.10
C VAL A 222 -25.84 9.43 -0.52
N GLY A 223 -26.78 8.51 -0.41
CA GLY A 223 -28.09 8.79 0.21
C GLY A 223 -28.06 9.67 1.44
N HIS A 224 -27.18 9.36 2.40
CA HIS A 224 -27.12 10.15 3.67
C HIS A 224 -26.55 11.52 3.46
N ALA A 225 -25.82 11.70 2.36
CA ALA A 225 -25.20 12.97 2.12
C ALA A 225 -26.00 13.83 1.11
N ALA A 226 -27.05 13.30 0.49
CA ALA A 226 -27.89 14.18 -0.31
C ALA A 226 -29.22 14.48 0.44
N THR A 227 -29.52 15.77 0.60
CA THR A 227 -30.77 16.22 1.19
C THR A 227 -32.05 15.86 0.45
N PHE A 228 -32.10 16.10 -0.86
CA PHE A 228 -33.31 15.82 -1.62
C PHE A 228 -33.01 14.74 -2.64
N ARG A 229 -33.92 13.76 -2.76
CA ARG A 229 -33.57 12.66 -3.66
C ARG A 229 -34.72 12.24 -4.49
N PHE A 230 -34.46 12.11 -5.80
CA PHE A 230 -35.47 11.79 -6.80
C PHE A 230 -35.13 10.53 -7.59
N PHE A 231 -36.14 9.71 -7.87
CA PHE A 231 -36.04 8.69 -8.90
C PHE A 231 -36.86 9.23 -10.05
N VAL A 232 -36.19 9.49 -11.17
CA VAL A 232 -36.85 9.95 -12.37
C VAL A 232 -37.10 8.77 -13.29
N ARG A 233 -38.36 8.49 -13.60
CA ARG A 233 -38.69 7.48 -14.64
C ARG A 233 -39.38 8.05 -15.89
N LYS A 234 -39.16 7.37 -17.03
CA LYS A 234 -39.85 7.69 -18.27
C LYS A 234 -41.35 7.39 -18.18
N GLY A 235 -42.17 8.28 -18.73
CA GLY A 235 -43.58 7.98 -18.95
C GLY A 235 -43.73 7.45 -20.38
N LYS A 236 -44.90 7.66 -20.98
CA LYS A 236 -45.10 7.38 -22.39
C LYS A 236 -44.47 8.53 -23.15
N GLY A 237 -43.76 8.21 -24.23
CA GLY A 237 -43.15 9.24 -25.08
C GLY A 237 -42.19 10.19 -24.37
N ASP A 238 -42.64 11.45 -24.22
CA ASP A 238 -41.82 12.54 -23.73
C ASP A 238 -42.18 12.90 -22.31
N LYS A 239 -43.13 12.18 -21.71
CA LYS A 239 -43.47 12.53 -20.34
C LYS A 239 -42.51 11.82 -19.33
N ARG A 240 -42.34 12.42 -18.14
CA ARG A 240 -41.35 11.90 -17.20
C ARG A 240 -41.88 12.09 -15.82
N VAL A 241 -41.41 11.25 -14.90
CA VAL A 241 -41.92 11.32 -13.54
C VAL A 241 -40.85 11.24 -12.46
N ALA A 242 -40.64 12.34 -11.75
CA ALA A 242 -39.66 12.38 -10.72
C ALA A 242 -40.39 12.04 -9.43
N LYS A 243 -39.80 11.10 -8.68
CA LYS A 243 -40.32 10.65 -7.39
C LYS A 243 -39.41 11.19 -6.29
N LEU A 244 -39.91 12.14 -5.49
CA LEU A 244 -39.10 12.63 -4.40
C LEU A 244 -39.32 11.63 -3.24
N TYR A 245 -38.25 10.98 -2.78
CA TYR A 245 -38.39 9.90 -1.78
C TYR A 245 -37.61 10.14 -0.52
N ASP A 246 -36.93 11.28 -0.44
CA ASP A 246 -36.09 11.59 0.72
C ASP A 246 -35.97 13.08 0.72
N SER A 247 -36.34 13.68 1.83
CA SER A 247 -36.26 15.12 2.02
C SER A 247 -36.50 15.36 3.49
N PRO A 248 -35.70 16.26 4.12
CA PRO A 248 -35.89 16.53 5.52
C PRO A 248 -37.37 16.78 5.88
N HIS A 249 -38.05 17.70 5.19
CA HIS A 249 -39.38 18.08 5.69
C HIS A 249 -40.56 18.03 4.75
N LEU A 250 -40.48 17.23 3.70
CA LEU A 250 -41.52 17.26 2.69
C LEU A 250 -42.06 15.86 2.51
N PRO A 251 -43.36 15.72 2.11
CA PRO A 251 -43.83 14.34 1.84
C PRO A 251 -43.22 13.74 0.56
N ASP A 252 -43.03 12.42 0.54
CA ASP A 252 -42.76 11.70 -0.69
C ASP A 252 -43.88 12.00 -1.68
N ALA A 253 -43.54 12.34 -2.91
CA ALA A 253 -44.52 12.74 -3.94
C ALA A 253 -43.97 12.64 -5.39
N GLU A 254 -44.89 12.49 -6.34
CA GLU A 254 -44.54 12.26 -7.76
C GLU A 254 -44.89 13.48 -8.56
N ALA A 255 -44.01 13.86 -9.47
CA ALA A 255 -44.21 15.04 -10.27
C ALA A 255 -44.01 14.60 -11.68
N ILE A 256 -44.96 14.95 -12.54
CA ILE A 256 -44.91 14.57 -13.95
C ILE A 256 -44.70 15.83 -14.74
N PHE A 257 -43.83 15.72 -15.76
CA PHE A 257 -43.48 16.80 -16.68
C PHE A 257 -42.94 16.21 -17.98
N ARG A 258 -42.61 17.10 -18.89
CA ARG A 258 -42.20 16.66 -20.20
C ARG A 258 -40.91 17.30 -20.56
N ILE A 259 -40.25 16.71 -21.53
CA ILE A 259 -39.04 17.25 -22.10
C ILE A 259 -39.29 17.47 -23.57
N THR A 260 -38.99 18.68 -24.01
CA THR A 260 -39.29 19.06 -25.38
C THR A 260 -38.16 19.93 -25.88
N GLU A 261 -38.30 20.35 -27.14
CA GLU A 261 -37.40 21.30 -27.78
C GLU A 261 -37.45 22.62 -27.01
N LYS A 262 -38.57 22.90 -26.36
CA LYS A 262 -38.60 24.07 -25.45
C LYS A 262 -37.65 23.89 -24.26
N GLY A 263 -37.50 22.63 -23.80
CA GLY A 263 -36.81 22.25 -22.53
C GLY A 263 -37.70 21.43 -21.60
N ILE A 264 -37.66 21.71 -20.30
CA ILE A 264 -38.60 21.07 -19.34
C ILE A 264 -39.90 21.82 -19.40
N GLN A 265 -41.05 21.13 -19.49
CA GLN A 265 -42.33 21.90 -19.35
C GLN A 265 -43.56 21.24 -18.68
N ASP A 266 -44.56 22.06 -18.37
CA ASP A 266 -45.78 21.72 -17.60
C ASP A 266 -45.67 22.06 -16.11
N SER B 2 -7.05 33.61 -14.23
CA SER B 2 -8.15 33.26 -15.17
C SER B 2 -8.93 32.05 -14.65
N HIS B 3 -9.90 31.58 -15.43
CA HIS B 3 -10.60 30.31 -15.19
C HIS B 3 -10.16 29.23 -16.13
N MET B 4 -9.70 29.65 -17.32
CA MET B 4 -8.93 28.84 -18.28
C MET B 4 -7.72 28.19 -17.58
N ASP B 5 -7.07 28.97 -16.71
CA ASP B 5 -5.92 28.50 -15.90
C ASP B 5 -6.34 27.37 -14.97
N LEU B 6 -7.59 27.41 -14.48
CA LEU B 6 -8.14 26.36 -13.60
C LEU B 6 -8.66 25.12 -14.34
N GLY B 7 -8.86 25.25 -15.65
CA GLY B 7 -9.37 24.18 -16.49
C GLY B 7 -10.87 24.38 -16.74
N PHE B 8 -11.38 25.56 -16.38
CA PHE B 8 -12.80 25.87 -16.56
C PHE B 8 -12.97 26.66 -17.87
N LYS B 9 -13.97 26.32 -18.68
CA LYS B 9 -14.22 27.05 -19.90
C LYS B 9 -15.60 27.62 -19.81
N SER B 10 -15.81 28.82 -20.31
CA SER B 10 -17.18 29.31 -20.40
C SER B 10 -17.86 28.59 -21.54
N GLY B 11 -19.18 28.59 -21.52
CA GLY B 11 -19.93 28.07 -22.65
C GLY B 11 -19.59 28.86 -23.90
N ILE B 12 -19.20 30.11 -23.74
CA ILE B 12 -18.77 30.86 -24.90
C ILE B 12 -17.37 30.47 -25.33
N ASP B 13 -16.49 30.19 -24.37
CA ASP B 13 -15.17 29.64 -24.68
C ASP B 13 -15.30 28.35 -25.50
N LEU B 14 -16.23 27.47 -25.13
CA LEU B 14 -16.44 26.28 -25.95
C LEU B 14 -16.65 26.66 -27.42
N LEU B 15 -17.71 27.42 -27.73
CA LEU B 15 -18.00 27.85 -29.11
C LEU B 15 -16.78 28.48 -29.80
N LYS B 16 -16.00 29.27 -29.05
CA LYS B 16 -14.81 29.89 -29.62
C LYS B 16 -13.75 28.88 -30.02
N GLN B 17 -13.47 27.89 -29.17
CA GLN B 17 -12.63 26.75 -29.53
C GLN B 17 -13.17 25.99 -30.76
N ARG B 18 -14.49 25.83 -30.83
CA ARG B 18 -15.12 25.09 -31.90
C ARG B 18 -14.60 25.62 -33.25
N SER B 19 -14.20 26.88 -33.28
CA SER B 19 -13.81 27.56 -34.53
C SER B 19 -12.45 27.20 -35.07
N THR B 20 -11.55 26.90 -34.15
CA THR B 20 -10.16 26.79 -34.48
C THR B 20 -9.87 25.32 -34.76
N VAL B 21 -10.93 24.55 -34.97
CA VAL B 21 -10.77 23.12 -35.22
C VAL B 21 -10.46 22.93 -36.69
N TRP B 22 -9.42 22.13 -36.95
CA TRP B 22 -9.06 21.81 -38.32
C TRP B 22 -9.17 20.35 -38.44
N LYS B 23 -9.21 19.85 -39.68
CA LYS B 23 -9.35 18.41 -39.97
C LYS B 23 -8.31 17.88 -40.93
N LEU B 24 -7.88 16.63 -40.69
CA LEU B 24 -6.78 15.96 -41.41
C LEU B 24 -7.32 14.80 -42.23
N SER B 25 -6.91 14.73 -43.50
CA SER B 25 -7.45 13.76 -44.42
C SER B 25 -6.73 12.47 -44.21
N THR B 26 -7.46 11.39 -44.41
CA THR B 26 -6.95 10.07 -44.21
C THR B 26 -6.65 9.39 -45.53
N SER B 27 -6.71 10.14 -46.63
CA SER B 27 -6.48 9.63 -47.99
C SER B 27 -7.56 8.64 -48.37
N SER B 28 -8.49 8.41 -47.46
CA SER B 28 -9.69 7.66 -47.80
C SER B 28 -10.79 8.69 -47.98
N SER B 29 -11.47 8.56 -49.10
CA SER B 29 -12.59 9.40 -49.45
C SER B 29 -13.72 9.08 -48.52
N GLU B 30 -13.97 7.77 -48.36
CA GLU B 30 -15.11 7.29 -47.61
C GLU B 30 -14.93 7.53 -46.10
N LEU B 31 -13.72 7.31 -45.62
CA LEU B 31 -13.39 7.61 -44.24
C LEU B 31 -13.62 9.07 -43.98
N ASP B 32 -12.84 9.89 -44.68
CA ASP B 32 -12.99 11.35 -44.67
C ASP B 32 -14.44 11.84 -44.57
N SER B 33 -15.34 11.18 -45.27
CA SER B 33 -16.65 11.72 -45.43
C SER B 33 -17.37 11.40 -44.17
N VAL B 34 -17.24 10.15 -43.74
CA VAL B 34 -17.80 9.63 -42.47
C VAL B 34 -17.46 10.55 -41.29
N LEU B 35 -16.18 10.93 -41.22
CA LEU B 35 -15.67 11.88 -40.20
C LEU B 35 -16.22 13.29 -40.33
N GLY B 36 -17.07 13.52 -41.33
CA GLY B 36 -17.52 14.84 -41.73
C GLY B 36 -16.41 15.72 -42.27
N GLY B 37 -15.42 15.13 -42.93
CA GLY B 37 -14.35 15.93 -43.52
C GLY B 37 -12.96 15.33 -43.35
N GLY B 38 -12.72 14.73 -42.18
CA GLY B 38 -11.42 14.17 -41.78
C GLY B 38 -11.18 14.16 -40.28
N LEU B 39 -9.99 13.73 -39.86
CA LEU B 39 -9.70 13.65 -38.43
C LEU B 39 -9.75 15.06 -37.83
N GLU B 40 -10.51 15.24 -36.74
CA GLU B 40 -10.65 16.54 -36.04
C GLU B 40 -9.54 16.82 -35.06
N SER B 41 -9.09 18.08 -34.98
CA SER B 41 -8.25 18.48 -33.87
C SER B 41 -9.14 18.74 -32.59
N GLN B 42 -8.52 18.88 -31.42
CA GLN B 42 -9.27 19.09 -30.16
C GLN B 42 -10.16 17.91 -29.81
N SER B 43 -9.87 16.75 -30.41
CA SER B 43 -10.54 15.48 -30.11
C SER B 43 -9.54 14.33 -30.14
N VAL B 44 -9.99 13.20 -29.57
CA VAL B 44 -9.24 11.96 -29.51
C VAL B 44 -10.03 10.98 -30.34
N THR B 45 -9.36 10.41 -31.34
CA THR B 45 -10.02 9.50 -32.26
C THR B 45 -9.42 8.17 -32.07
N GLU B 46 -10.30 7.17 -32.03
CA GLU B 46 -9.92 5.81 -31.66
C GLU B 46 -10.21 4.84 -32.78
N PHE B 47 -9.17 4.06 -33.12
CA PHE B 47 -9.30 2.93 -34.07
C PHE B 47 -9.06 1.61 -33.38
N ALA B 48 -10.11 0.80 -33.38
CA ALA B 48 -10.12 -0.46 -32.63
C ALA B 48 -10.50 -1.55 -33.59
N GLY B 49 -9.83 -2.69 -33.44
CA GLY B 49 -9.81 -3.75 -34.46
C GLY B 49 -8.75 -4.77 -34.10
N VAL B 50 -8.84 -5.94 -34.72
CA VAL B 50 -7.80 -6.97 -34.52
C VAL B 50 -6.52 -6.52 -35.15
N PHE B 51 -5.40 -7.12 -34.76
CA PHE B 51 -4.18 -7.01 -35.56
C PHE B 51 -4.45 -7.22 -37.07
N GLY B 52 -3.74 -6.47 -37.91
CA GLY B 52 -3.88 -6.57 -39.38
C GLY B 52 -5.01 -5.73 -39.96
N SER B 53 -5.81 -5.11 -39.08
CA SER B 53 -6.97 -4.33 -39.57
C SER B 53 -6.63 -2.92 -40.06
N GLY B 54 -5.40 -2.44 -39.86
CA GLY B 54 -4.99 -1.17 -40.46
C GLY B 54 -4.84 0.04 -39.56
N LYS B 55 -4.88 -0.16 -38.25
CA LYS B 55 -4.83 0.97 -37.34
C LYS B 55 -3.47 1.64 -37.51
N THR B 56 -2.42 0.84 -37.51
CA THR B 56 -1.08 1.33 -37.69
C THR B 56 -0.93 1.98 -39.09
N GLN B 57 -1.45 1.32 -40.14
CA GLN B 57 -1.53 1.93 -41.46
C GLN B 57 -2.11 3.36 -41.41
N ILE B 58 -3.35 3.53 -40.91
CA ILE B 58 -3.96 4.86 -40.71
C ILE B 58 -3.04 5.77 -39.91
N MET B 59 -2.44 5.26 -38.86
CA MET B 59 -1.56 6.12 -38.02
C MET B 59 -0.43 6.72 -38.83
N HIS B 60 0.32 5.83 -39.51
CA HIS B 60 1.39 6.19 -40.43
C HIS B 60 0.88 7.13 -41.51
N GLN B 61 -0.19 6.75 -42.17
CA GLN B 61 -0.66 7.63 -43.23
C GLN B 61 -0.84 9.02 -42.72
N SER B 62 -1.43 9.15 -41.52
CA SER B 62 -1.69 10.46 -40.95
C SER B 62 -0.42 11.31 -40.70
N CYS B 63 0.67 10.63 -40.34
CA CYS B 63 1.94 11.28 -40.15
C CYS B 63 2.48 11.95 -41.41
N VAL B 64 2.15 11.34 -42.54
CA VAL B 64 2.52 11.78 -43.87
C VAL B 64 1.60 12.91 -44.32
N ASN B 65 0.29 12.66 -44.34
CA ASN B 65 -0.73 13.66 -44.67
C ASN B 65 -0.57 14.95 -43.87
N LEU B 66 -0.12 14.82 -42.62
CA LEU B 66 0.27 15.99 -41.82
C LEU B 66 1.21 16.88 -42.62
N GLN B 67 2.27 16.28 -43.18
CA GLN B 67 3.21 17.00 -44.02
C GLN B 67 2.66 17.50 -45.36
N ASN B 68 1.35 17.51 -45.56
CA ASN B 68 0.86 17.99 -46.82
C ASN B 68 -0.06 19.20 -46.77
N PRO B 69 0.52 20.40 -46.96
CA PRO B 69 -0.28 21.61 -46.87
C PRO B 69 -1.74 21.41 -47.32
N GLU B 70 -1.95 20.80 -48.47
CA GLU B 70 -3.30 20.70 -49.00
C GLU B 70 -4.19 19.92 -48.06
N PHE B 71 -3.62 18.86 -47.47
CA PHE B 71 -4.37 17.84 -46.72
C PHE B 71 -4.93 18.26 -45.35
N LEU B 72 -4.68 19.50 -44.92
CA LEU B 72 -5.18 19.98 -43.63
C LEU B 72 -6.25 21.07 -43.76
N PHE B 73 -7.53 20.70 -43.62
CA PHE B 73 -8.65 21.65 -43.84
C PHE B 73 -9.00 22.44 -42.58
N TYR B 74 -8.93 23.77 -42.66
CA TYR B 74 -9.19 24.64 -41.50
C TYR B 74 -10.22 25.72 -41.80
N ASP B 75 -10.09 26.88 -41.15
CA ASP B 75 -10.79 28.10 -41.56
C ASP B 75 -9.84 29.29 -41.50
N GLU B 76 -9.77 30.04 -42.60
CA GLU B 76 -8.85 31.15 -42.71
C GLU B 76 -9.34 32.37 -41.94
N GLU B 77 -10.64 32.41 -41.64
CA GLU B 77 -11.22 33.48 -40.81
C GLU B 77 -11.25 33.16 -39.28
N ALA B 78 -10.52 32.10 -38.87
CA ALA B 78 -10.53 31.58 -37.51
C ALA B 78 -9.13 31.15 -37.09
N VAL B 79 -8.43 30.52 -38.03
CA VAL B 79 -7.11 29.92 -37.84
C VAL B 79 -6.13 30.49 -38.88
N SER B 80 -4.92 30.86 -38.46
CA SER B 80 -3.93 31.43 -39.39
C SER B 80 -3.01 30.36 -40.00
N LYS B 81 -2.59 30.60 -41.25
CA LYS B 81 -1.66 29.72 -41.98
C LYS B 81 -0.38 29.38 -41.19
N GLY B 82 -0.02 30.25 -40.24
CA GLY B 82 1.20 30.11 -39.44
C GLY B 82 1.05 29.35 -38.15
N GLU B 83 -0.19 28.91 -37.87
CA GLU B 83 -0.45 27.99 -36.77
C GLU B 83 -0.49 26.54 -37.30
N VAL B 84 -0.96 26.37 -38.53
CA VAL B 84 -0.89 25.07 -39.23
C VAL B 84 0.41 24.84 -40.02
N ALA B 85 1.29 25.84 -40.04
CA ALA B 85 2.57 25.77 -40.75
C ALA B 85 3.61 24.95 -39.99
N GLN B 86 4.63 24.47 -40.71
CA GLN B 86 5.72 23.64 -40.16
C GLN B 86 5.29 22.63 -39.11
N PRO B 87 4.25 21.82 -39.43
CA PRO B 87 3.66 21.02 -38.39
C PRO B 87 4.51 19.78 -38.12
N LYS B 88 4.37 19.26 -36.92
CA LYS B 88 5.06 18.05 -36.57
C LYS B 88 4.14 17.08 -35.85
N ALA B 89 4.48 15.81 -35.92
CA ALA B 89 3.76 14.81 -35.21
C ALA B 89 4.65 14.12 -34.19
N VAL B 90 4.02 13.67 -33.11
CA VAL B 90 4.63 12.77 -32.14
C VAL B 90 4.01 11.37 -32.35
N TYR B 91 4.81 10.33 -32.15
CA TYR B 91 4.34 8.98 -32.42
C TYR B 91 4.82 8.05 -31.30
N ILE B 92 3.91 7.64 -30.43
CA ILE B 92 4.31 6.85 -29.29
C ILE B 92 4.14 5.45 -29.71
N ASP B 93 5.22 4.68 -29.62
CA ASP B 93 5.23 3.31 -30.09
C ASP B 93 5.35 2.37 -28.92
N THR B 94 4.37 1.48 -28.80
CA THR B 94 4.08 0.64 -27.63
C THR B 94 4.54 -0.79 -27.86
N GLU B 95 4.43 -1.22 -29.10
CA GLU B 95 4.92 -2.56 -29.46
C GLU B 95 5.96 -2.55 -30.57
N GLY B 96 6.40 -1.37 -30.98
CA GLY B 96 7.43 -1.29 -31.97
C GLY B 96 6.86 -1.47 -33.36
N THR B 97 5.74 -0.81 -33.63
CA THR B 97 5.03 -0.94 -34.90
C THR B 97 5.47 0.05 -35.98
N PHE B 98 6.27 1.04 -35.58
CA PHE B 98 6.65 2.18 -36.45
C PHE B 98 7.72 1.83 -37.49
N ARG B 99 7.28 1.75 -38.74
CA ARG B 99 8.13 1.39 -39.87
C ARG B 99 8.44 2.63 -40.68
N PRO B 100 9.66 3.20 -40.50
CA PRO B 100 10.04 4.43 -41.22
C PRO B 100 10.12 4.24 -42.75
N GLU B 101 10.38 3.01 -43.18
CA GLU B 101 10.33 2.60 -44.59
C GLU B 101 8.91 2.78 -45.16
N ARG B 102 7.92 2.31 -44.41
CA ARG B 102 6.52 2.52 -44.78
C ARG B 102 6.26 4.00 -44.85
N ILE B 103 6.92 4.77 -43.97
CA ILE B 103 6.78 6.23 -43.99
C ILE B 103 7.24 6.74 -45.36
N MET B 104 8.44 6.29 -45.73
CA MET B 104 9.08 6.63 -46.99
C MET B 104 8.13 6.27 -48.14
N GLN B 105 7.77 4.99 -48.21
CA GLN B 105 6.88 4.53 -49.29
C GLN B 105 5.61 5.36 -49.37
N MET B 106 4.85 5.42 -48.28
CA MET B 106 3.59 6.23 -48.25
C MET B 106 3.82 7.60 -48.81
N ALA B 107 4.98 8.17 -48.45
CA ALA B 107 5.32 9.58 -48.72
C ALA B 107 5.67 9.82 -50.19
N GLU B 108 6.54 8.96 -50.73
CA GLU B 108 6.91 8.94 -52.14
C GLU B 108 5.65 8.95 -53.00
N HIS B 109 4.74 8.00 -52.78
CA HIS B 109 3.43 7.98 -53.46
C HIS B 109 2.53 9.19 -53.19
N ALA B 110 2.81 9.95 -52.13
CA ALA B 110 2.03 11.14 -51.80
C ALA B 110 2.48 12.36 -52.61
N GLY B 111 3.59 12.23 -53.33
CA GLY B 111 4.17 13.40 -53.95
C GLY B 111 4.64 14.37 -52.88
N ILE B 112 5.28 13.79 -51.86
CA ILE B 112 5.84 14.50 -50.71
C ILE B 112 7.12 13.78 -50.37
N ASP B 113 8.11 14.51 -49.87
CA ASP B 113 9.35 13.88 -49.49
C ASP B 113 9.29 13.24 -48.09
N GLY B 114 9.61 11.95 -48.02
CA GLY B 114 9.47 11.17 -46.80
C GLY B 114 10.48 11.55 -45.74
N GLN B 115 11.67 11.90 -46.24
CA GLN B 115 12.75 12.41 -45.41
C GLN B 115 12.24 13.56 -44.54
N THR B 116 11.48 14.46 -45.15
CA THR B 116 10.84 15.60 -44.48
C THR B 116 9.98 15.12 -43.32
N VAL B 117 9.13 14.14 -43.63
CA VAL B 117 8.20 13.55 -42.69
C VAL B 117 8.99 13.03 -41.50
N LEU B 118 10.02 12.22 -41.76
CA LEU B 118 10.90 11.68 -40.71
C LEU B 118 11.54 12.77 -39.85
N ASP B 119 11.69 13.95 -40.42
CA ASP B 119 12.31 15.07 -39.72
C ASP B 119 11.26 15.79 -38.89
N ASN B 120 10.03 15.78 -39.39
CA ASN B 120 8.91 16.33 -38.66
C ASN B 120 8.09 15.29 -37.87
N THR B 121 8.71 14.14 -37.57
CA THR B 121 8.04 13.09 -36.79
C THR B 121 8.90 12.51 -35.68
N PHE B 122 8.49 12.78 -34.44
CA PHE B 122 9.26 12.30 -33.32
C PHE B 122 8.58 11.01 -32.91
N VAL B 123 9.41 10.01 -32.60
CA VAL B 123 8.96 8.67 -32.28
C VAL B 123 9.50 8.29 -30.89
N ALA B 124 8.60 8.05 -29.92
CA ALA B 124 8.99 7.60 -28.59
C ALA B 124 8.68 6.13 -28.39
N ARG B 125 9.71 5.32 -28.25
CA ARG B 125 9.50 3.91 -28.07
C ARG B 125 9.26 3.69 -26.58
N ALA B 126 8.15 3.03 -26.27
CA ALA B 126 7.72 2.84 -24.86
C ALA B 126 7.58 1.34 -24.65
N TYR B 127 7.89 0.88 -23.45
CA TYR B 127 7.92 -0.55 -23.21
C TYR B 127 7.00 -0.89 -22.06
N ASN B 128 6.33 0.15 -21.58
CA ASN B 128 5.40 0.00 -20.48
C ASN B 128 4.66 1.27 -20.24
N SER B 129 3.57 1.12 -19.49
CA SER B 129 2.61 2.18 -19.18
C SER B 129 3.30 3.43 -18.75
N ASP B 130 4.21 3.32 -17.78
CA ASP B 130 4.85 4.53 -17.24
C ASP B 130 5.47 5.36 -18.37
N MET B 131 6.45 4.79 -19.06
CA MET B 131 7.05 5.44 -20.25
C MET B 131 6.00 5.96 -21.23
N GLN B 132 5.02 5.12 -21.54
CA GLN B 132 3.90 5.56 -22.41
C GLN B 132 3.25 6.89 -21.94
N MET B 133 2.91 6.94 -20.66
CA MET B 133 2.23 8.06 -20.06
C MET B 133 3.12 9.27 -20.05
N LEU B 134 4.37 9.01 -19.67
CA LEU B 134 5.35 10.07 -19.51
C LEU B 134 5.61 10.73 -20.84
N PHE B 135 5.78 9.93 -21.89
CA PHE B 135 6.06 10.57 -23.19
C PHE B 135 4.95 11.50 -23.56
N ALA B 136 3.73 11.09 -23.27
CA ALA B 136 2.56 11.88 -23.63
C ALA B 136 2.52 13.13 -22.77
N GLU B 137 2.94 13.01 -21.49
CA GLU B 137 3.18 14.22 -20.69
C GLU B 137 4.28 15.07 -21.37
N LYS B 138 5.45 14.47 -21.65
CA LYS B 138 6.60 15.25 -22.21
C LYS B 138 6.29 16.00 -23.53
N ILE B 139 5.18 15.71 -24.18
CA ILE B 139 4.80 16.49 -25.37
C ILE B 139 4.65 17.98 -25.00
N GLU B 140 4.06 18.30 -23.84
CA GLU B 140 4.02 19.69 -23.39
C GLU B 140 5.38 20.35 -23.65
N ASP B 141 6.42 19.74 -23.09
CA ASP B 141 7.80 20.21 -23.22
C ASP B 141 8.27 20.30 -24.66
N LEU B 142 7.83 19.39 -25.53
CA LEU B 142 8.18 19.54 -26.97
C LEU B 142 7.59 20.80 -27.59
N ILE B 143 6.43 21.23 -27.10
CA ILE B 143 5.88 22.48 -27.60
C ILE B 143 6.70 23.66 -27.03
N GLN B 144 7.37 23.42 -25.90
CA GLN B 144 8.19 24.43 -25.23
C GLN B 144 9.50 24.78 -25.94
N GLU B 145 10.17 23.78 -26.50
CA GLU B 145 11.41 24.01 -27.25
C GLU B 145 11.05 24.53 -28.64
N GLY B 146 9.77 24.86 -28.81
CA GLY B 146 9.29 25.55 -29.98
C GLY B 146 8.69 24.70 -31.08
N ASN B 147 8.35 23.44 -30.77
CA ASN B 147 7.84 22.52 -31.81
C ASN B 147 6.33 22.59 -32.00
N ASN B 148 5.92 22.75 -33.24
CA ASN B 148 4.51 22.85 -33.57
C ASN B 148 3.80 21.48 -33.72
N ILE B 149 3.70 20.77 -32.60
CA ILE B 149 3.10 19.44 -32.58
C ILE B 149 1.62 19.56 -32.89
N LYS B 150 1.21 19.05 -34.05
CA LYS B 150 -0.19 19.11 -34.49
C LYS B 150 -0.85 17.73 -34.66
N LEU B 151 -0.13 16.68 -34.30
CA LEU B 151 -0.63 15.33 -34.47
C LEU B 151 0.02 14.39 -33.45
N VAL B 152 -0.81 13.77 -32.63
CA VAL B 152 -0.29 12.84 -31.61
C VAL B 152 -0.90 11.47 -31.85
N VAL B 153 -0.01 10.48 -32.03
CA VAL B 153 -0.33 9.07 -32.29
C VAL B 153 -0.01 8.22 -31.02
N ILE B 154 -0.85 7.25 -30.72
CA ILE B 154 -0.63 6.37 -29.55
C ILE B 154 -0.96 5.00 -30.06
N ASP B 155 0.06 4.18 -30.27
CA ASP B 155 -0.19 2.94 -30.97
C ASP B 155 0.71 2.05 -30.24
N SER B 156 0.21 1.30 -29.24
CA SER B 156 -1.21 1.12 -28.89
C SER B 156 -1.62 1.90 -27.70
N LEU B 157 -2.93 2.12 -27.54
CA LEU B 157 -3.46 2.76 -26.32
C LEU B 157 -3.30 1.85 -25.10
N THR B 158 -3.66 0.58 -25.23
CA THR B 158 -3.77 -0.27 -24.07
C THR B 158 -2.89 -1.53 -24.07
N SER B 159 -2.02 -1.68 -25.04
CA SER B 159 -1.18 -2.84 -25.04
C SER B 159 -0.34 -2.97 -23.74
N THR B 160 0.40 -1.91 -23.36
CA THR B 160 1.19 -1.96 -22.13
C THR B 160 0.33 -2.38 -20.92
N PHE B 161 -0.62 -1.51 -20.56
CA PHE B 161 -1.56 -1.75 -19.47
C PHE B 161 -2.03 -3.19 -19.38
N ARG B 162 -2.46 -3.73 -20.51
CA ARG B 162 -3.04 -5.03 -20.48
C ARG B 162 -1.96 -6.10 -20.39
N ASN B 163 -0.71 -5.75 -20.68
CA ASN B 163 0.40 -6.66 -20.44
C ASN B 163 0.85 -6.66 -18.97
N GLU B 164 0.68 -5.51 -18.32
CA GLU B 164 0.98 -5.34 -16.91
C GLU B 164 -0.13 -5.93 -16.05
N TYR B 165 -1.29 -5.28 -16.05
CA TYR B 165 -2.42 -5.72 -15.22
C TYR B 165 -3.13 -6.88 -15.86
N THR B 166 -3.04 -8.03 -15.21
CA THR B 166 -3.59 -9.28 -15.71
C THR B 166 -4.44 -9.83 -14.55
N GLY B 167 -5.65 -10.28 -14.88
CA GLY B 167 -6.57 -10.88 -13.91
C GLY B 167 -7.58 -9.92 -13.29
N ARG B 168 -7.96 -10.19 -12.04
CA ARG B 168 -8.82 -9.30 -11.28
C ARG B 168 -8.03 -8.56 -10.17
N GLY B 169 -6.73 -8.83 -10.08
CA GLY B 169 -5.83 -8.26 -9.05
C GLY B 169 -5.83 -6.75 -8.83
N LYS B 170 -5.26 -6.00 -9.77
CA LYS B 170 -5.19 -4.54 -9.63
C LYS B 170 -5.94 -3.80 -10.76
N LEU B 171 -7.08 -4.38 -11.21
CA LEU B 171 -7.93 -3.80 -12.25
C LEU B 171 -8.27 -2.34 -11.98
N ALA B 172 -8.54 -2.00 -10.72
CA ALA B 172 -8.79 -0.61 -10.34
C ALA B 172 -7.55 0.30 -10.54
N GLU B 173 -6.38 -0.19 -10.15
CA GLU B 173 -5.14 0.56 -10.39
C GLU B 173 -4.90 0.86 -11.89
N ARG B 174 -5.29 -0.10 -12.74
CA ARG B 174 -5.20 0.03 -14.18
C ARG B 174 -6.19 1.06 -14.70
N GLN B 175 -7.48 0.88 -14.34
CA GLN B 175 -8.52 1.81 -14.80
C GLN B 175 -8.20 3.26 -14.43
N GLN B 176 -7.56 3.50 -13.32
CA GLN B 176 -7.29 4.89 -12.97
C GLN B 176 -6.07 5.40 -13.73
N LYS B 177 -5.11 4.52 -13.97
CA LYS B 177 -3.97 4.88 -14.79
C LYS B 177 -4.45 5.29 -16.19
N LEU B 178 -5.34 4.47 -16.78
CA LEU B 178 -5.91 4.72 -18.09
C LEU B 178 -6.58 6.07 -18.13
N GLY B 179 -7.37 6.35 -17.08
CA GLY B 179 -8.08 7.62 -16.93
C GLY B 179 -7.15 8.81 -16.97
N ARG B 180 -6.05 8.73 -16.22
CA ARG B 180 -5.05 9.82 -16.15
C ARG B 180 -4.51 10.04 -17.57
N HIS B 181 -4.03 8.94 -18.18
CA HIS B 181 -3.66 8.94 -19.58
C HIS B 181 -4.67 9.58 -20.52
N MET B 182 -5.92 9.14 -20.46
CA MET B 182 -6.96 9.74 -21.28
C MET B 182 -7.17 11.24 -21.03
N ALA B 183 -7.01 11.65 -19.77
CA ALA B 183 -7.00 13.09 -19.43
C ALA B 183 -5.94 13.82 -20.20
N THR B 184 -4.71 13.34 -20.12
CA THR B 184 -3.58 13.98 -20.81
C THR B 184 -3.82 14.17 -22.31
N LEU B 185 -4.23 13.08 -22.96
CA LEU B 185 -4.48 13.10 -24.40
C LEU B 185 -5.52 14.14 -24.74
N ASN B 186 -6.63 14.14 -24.01
CA ASN B 186 -7.67 15.07 -24.30
C ASN B 186 -7.19 16.48 -24.06
N LYS B 187 -6.41 16.67 -22.99
CA LYS B 187 -5.92 17.99 -22.60
C LYS B 187 -5.09 18.56 -23.75
N LEU B 188 -4.13 17.79 -24.23
CA LEU B 188 -3.29 18.34 -25.28
C LEU B 188 -3.92 18.41 -26.65
N ALA B 189 -4.96 17.61 -26.88
CA ALA B 189 -5.73 17.78 -28.09
C ALA B 189 -6.33 19.18 -28.08
N ASP B 190 -6.72 19.60 -26.87
CA ASP B 190 -7.56 20.76 -26.70
C ASP B 190 -6.69 21.97 -26.66
N LEU B 191 -5.73 21.94 -25.75
CA LEU B 191 -5.03 23.18 -25.42
C LEU B 191 -3.97 23.49 -26.42
N PHE B 192 -3.51 22.49 -27.16
CA PHE B 192 -2.62 22.75 -28.28
C PHE B 192 -3.27 22.51 -29.61
N ASN B 193 -4.60 22.68 -29.69
CA ASN B 193 -5.38 22.48 -30.93
C ASN B 193 -4.77 21.49 -31.95
N CYS B 194 -4.58 20.25 -31.51
CA CYS B 194 -4.09 19.26 -32.45
C CYS B 194 -4.88 17.97 -32.45
N VAL B 195 -4.63 17.13 -33.45
CA VAL B 195 -5.35 15.87 -33.51
C VAL B 195 -4.64 14.73 -32.80
N VAL B 196 -5.41 14.09 -31.93
CA VAL B 196 -4.93 12.95 -31.22
C VAL B 196 -5.64 11.71 -31.68
N LEU B 197 -4.82 10.75 -32.16
CA LEU B 197 -5.23 9.43 -32.61
C LEU B 197 -4.64 8.36 -31.73
N VAL B 198 -5.39 7.26 -31.56
CA VAL B 198 -5.04 6.16 -30.67
C VAL B 198 -5.50 4.89 -31.35
N THR B 199 -4.82 3.80 -31.03
CA THR B 199 -5.20 2.54 -31.57
C THR B 199 -5.48 1.63 -30.38
N ASN B 200 -6.41 0.69 -30.61
CA ASN B 200 -6.82 -0.25 -29.64
C ASN B 200 -7.19 -1.62 -30.22
N GLN B 201 -7.03 -2.62 -29.36
CA GLN B 201 -7.40 -4.02 -29.59
C GLN B 201 -8.90 -4.23 -29.22
N VAL B 202 -9.51 -5.31 -29.70
CA VAL B 202 -10.94 -5.61 -29.36
C VAL B 202 -11.03 -6.84 -28.49
N SER B 203 -12.08 -7.00 -27.69
CA SER B 203 -12.24 -8.25 -26.88
C SER B 203 -13.67 -8.80 -26.76
N ALA B 204 -13.77 -9.90 -25.99
CA ALA B 204 -15.03 -10.56 -25.57
C ALA B 204 -15.53 -10.02 -24.22
N ALA B 213 -20.77 -9.79 -27.27
CA ALA B 213 -19.47 -9.61 -26.61
C ALA B 213 -18.49 -8.79 -27.49
N GLU B 214 -18.83 -7.52 -27.74
CA GLU B 214 -18.19 -6.67 -28.78
C GLU B 214 -17.72 -5.24 -28.35
N GLN B 215 -16.54 -5.13 -27.70
CA GLN B 215 -16.07 -3.88 -27.04
C GLN B 215 -14.58 -3.59 -27.28
N ALA B 216 -14.19 -2.31 -27.24
CA ALA B 216 -12.77 -1.97 -27.31
C ALA B 216 -12.19 -2.06 -25.90
N ILE B 217 -10.95 -2.55 -25.77
CA ILE B 217 -10.32 -2.63 -24.45
C ILE B 217 -10.28 -1.30 -23.68
N GLY B 218 -10.44 -1.37 -22.35
CA GLY B 218 -10.44 -0.20 -21.47
C GLY B 218 -11.81 0.14 -20.90
N GLY B 219 -12.86 -0.36 -21.55
CA GLY B 219 -14.23 -0.20 -21.06
C GLY B 219 -14.64 1.23 -21.24
N HIS B 220 -15.53 1.69 -20.36
CA HIS B 220 -16.11 3.05 -20.42
C HIS B 220 -15.11 4.15 -20.16
N ILE B 221 -14.10 3.86 -19.35
CA ILE B 221 -13.11 4.87 -19.10
C ILE B 221 -12.55 5.37 -20.39
N VAL B 222 -12.22 4.45 -21.29
CA VAL B 222 -11.69 4.83 -22.59
C VAL B 222 -12.79 5.45 -23.47
N GLY B 223 -13.93 4.74 -23.60
CA GLY B 223 -15.03 5.19 -24.42
C GLY B 223 -15.56 6.58 -24.09
N HIS B 224 -15.95 6.85 -22.83
CA HIS B 224 -16.46 8.21 -22.44
C HIS B 224 -15.46 9.26 -22.77
N ALA B 225 -14.18 8.87 -22.81
CA ALA B 225 -13.09 9.80 -22.93
C ALA B 225 -12.61 9.95 -24.36
N ALA B 226 -13.23 9.28 -25.34
CA ALA B 226 -12.84 9.48 -26.77
C ALA B 226 -13.97 10.01 -27.64
N THR B 227 -13.82 11.22 -28.13
CA THR B 227 -14.81 11.86 -29.00
C THR B 227 -15.30 11.02 -30.18
N PHE B 228 -14.37 10.31 -30.83
CA PHE B 228 -14.68 9.58 -32.07
C PHE B 228 -14.19 8.17 -31.94
N ARG B 229 -15.06 7.20 -32.28
CA ARG B 229 -14.65 5.81 -32.18
C ARG B 229 -15.16 4.95 -33.33
N PHE B 230 -14.23 4.17 -33.87
CA PHE B 230 -14.46 3.23 -34.95
C PHE B 230 -14.03 1.85 -34.53
N PHE B 231 -14.64 0.86 -35.19
CA PHE B 231 -14.29 -0.56 -35.17
C PHE B 231 -13.83 -0.89 -36.60
N VAL B 232 -12.54 -1.01 -36.79
CA VAL B 232 -12.03 -1.31 -38.11
C VAL B 232 -11.99 -2.80 -38.33
N ARG B 233 -12.76 -3.31 -39.30
CA ARG B 233 -12.73 -4.77 -39.68
C ARG B 233 -12.05 -5.16 -41.05
N LYS B 234 -11.48 -6.36 -41.13
CA LYS B 234 -10.92 -6.91 -42.39
C LYS B 234 -12.09 -7.28 -43.32
N GLY B 235 -12.13 -6.73 -44.54
CA GLY B 235 -13.01 -7.26 -45.63
C GLY B 235 -12.24 -8.30 -46.48
N LYS B 236 -12.61 -8.50 -47.73
CA LYS B 236 -11.83 -9.45 -48.57
C LYS B 236 -10.44 -8.93 -48.97
N GLY B 237 -9.38 -9.72 -48.76
CA GLY B 237 -8.03 -9.32 -49.18
C GLY B 237 -7.39 -8.09 -48.51
N ASP B 238 -7.18 -7.05 -49.30
CA ASP B 238 -6.63 -5.81 -48.79
C ASP B 238 -7.73 -4.77 -48.56
N LYS B 239 -9.00 -5.18 -48.63
CA LYS B 239 -10.10 -4.24 -48.36
C LYS B 239 -10.43 -4.22 -46.82
N ARG B 240 -10.82 -3.08 -46.28
CA ARG B 240 -11.08 -2.90 -44.83
C ARG B 240 -12.30 -2.06 -44.65
N VAL B 241 -13.03 -2.28 -43.57
CA VAL B 241 -14.26 -1.52 -43.36
C VAL B 241 -14.22 -0.83 -42.02
N ALA B 242 -14.63 0.43 -41.98
CA ALA B 242 -14.54 1.14 -40.75
C ALA B 242 -15.91 1.62 -40.25
N LYS B 243 -16.28 1.18 -39.04
CA LYS B 243 -17.59 1.46 -38.46
C LYS B 243 -17.44 2.61 -37.47
N LEU B 244 -17.99 3.76 -37.79
CA LEU B 244 -18.03 4.77 -36.78
C LEU B 244 -19.28 4.53 -35.93
N TYR B 245 -19.08 4.25 -34.62
CA TYR B 245 -20.22 4.00 -33.70
C TYR B 245 -20.40 5.12 -32.68
N ASP B 246 -19.37 5.90 -32.47
CA ASP B 246 -19.46 6.95 -31.48
C ASP B 246 -18.80 8.20 -31.98
N SER B 247 -19.52 9.31 -31.87
CA SER B 247 -19.08 10.61 -32.36
C SER B 247 -19.94 11.68 -31.73
N PRO B 248 -19.44 12.94 -31.70
CA PRO B 248 -20.17 14.06 -31.12
C PRO B 248 -21.55 14.26 -31.76
N HIS B 249 -21.60 14.56 -33.05
CA HIS B 249 -22.87 14.95 -33.67
C HIS B 249 -23.20 14.16 -34.90
N LEU B 250 -22.18 13.53 -35.49
CA LEU B 250 -22.28 12.84 -36.78
C LEU B 250 -22.98 11.48 -36.66
N PRO B 251 -23.64 10.99 -37.75
CA PRO B 251 -24.37 9.70 -37.68
C PRO B 251 -23.47 8.47 -37.80
N ASP B 252 -23.93 7.34 -37.29
CA ASP B 252 -23.13 6.10 -37.28
C ASP B 252 -23.06 5.45 -38.67
N ALA B 253 -21.85 5.32 -39.20
CA ALA B 253 -21.65 5.00 -40.62
C ALA B 253 -20.50 4.03 -40.87
N GLU B 254 -20.59 3.29 -41.99
CA GLU B 254 -19.48 2.41 -42.40
C GLU B 254 -18.75 2.98 -43.61
N ALA B 255 -17.44 2.89 -43.60
CA ALA B 255 -16.62 3.34 -44.69
C ALA B 255 -15.59 2.28 -45.08
N ILE B 256 -15.65 1.84 -46.34
CA ILE B 256 -14.72 0.86 -46.88
C ILE B 256 -13.55 1.54 -47.58
N PHE B 257 -12.39 0.91 -47.48
CA PHE B 257 -11.15 1.43 -48.04
C PHE B 257 -10.10 0.32 -48.17
N ARG B 258 -8.93 0.65 -48.69
CA ARG B 258 -7.95 -0.37 -48.86
C ARG B 258 -6.67 0.16 -48.32
N ILE B 259 -5.84 -0.78 -47.90
CA ILE B 259 -4.48 -0.57 -47.54
C ILE B 259 -3.60 -1.11 -48.69
N THR B 260 -2.78 -0.25 -49.31
CA THR B 260 -1.87 -0.77 -50.33
C THR B 260 -0.51 -0.13 -50.30
N GLU B 261 0.21 -0.33 -51.40
CA GLU B 261 1.55 0.17 -51.54
C GLU B 261 1.56 1.70 -51.44
N LYS B 262 0.46 2.36 -51.84
CA LYS B 262 0.26 3.81 -51.61
C LYS B 262 0.25 4.15 -50.11
N GLY B 263 -0.25 3.19 -49.33
CA GLY B 263 -0.84 3.43 -48.01
C GLY B 263 -2.35 3.38 -48.15
N ILE B 264 -3.05 4.00 -47.20
CA ILE B 264 -4.53 4.00 -47.18
C ILE B 264 -5.10 4.56 -48.46
N GLN B 265 -6.01 3.84 -49.09
CA GLN B 265 -6.71 4.39 -50.29
C GLN B 265 -8.20 4.06 -50.54
N ASP B 266 -8.69 4.53 -51.69
CA ASP B 266 -10.10 4.62 -52.13
C ASP B 266 -10.85 5.93 -51.74
N SER C 2 17.23 20.60 -26.38
CA SER C 2 16.83 19.90 -27.63
C SER C 2 15.82 18.78 -27.37
N HIS C 3 15.25 18.26 -28.46
CA HIS C 3 14.56 16.98 -28.44
C HIS C 3 15.56 15.85 -28.21
N MET C 4 16.84 16.21 -28.28
CA MET C 4 18.00 15.35 -27.99
C MET C 4 18.26 15.26 -26.46
N ASP C 5 17.19 15.19 -25.67
CA ASP C 5 17.30 15.15 -24.20
C ASP C 5 16.14 14.44 -23.46
N LEU C 6 14.95 14.44 -24.08
CA LEU C 6 13.70 13.91 -23.49
C LEU C 6 13.50 12.35 -23.66
N GLY C 7 13.41 11.90 -24.92
CA GLY C 7 13.37 10.48 -25.24
C GLY C 7 12.84 10.26 -26.65
N PHE C 8 12.59 11.34 -27.36
CA PHE C 8 12.01 11.29 -28.69
C PHE C 8 13.15 11.30 -29.69
N LYS C 9 13.29 10.22 -30.46
CA LYS C 9 14.22 10.18 -31.60
C LYS C 9 13.38 10.42 -32.84
N SER C 10 13.70 11.45 -33.60
CA SER C 10 12.96 11.74 -34.81
C SER C 10 13.12 10.59 -35.81
N GLY C 11 12.30 10.58 -36.84
CA GLY C 11 12.39 9.54 -37.85
C GLY C 11 13.78 9.57 -38.45
N ILE C 12 14.22 10.75 -38.86
CA ILE C 12 15.52 10.83 -39.46
C ILE C 12 16.55 10.32 -38.46
N ASP C 13 16.51 10.82 -37.24
CA ASP C 13 17.40 10.28 -36.21
C ASP C 13 17.45 8.74 -36.17
N LEU C 14 16.32 8.07 -36.44
CA LEU C 14 16.28 6.60 -36.51
C LEU C 14 17.15 6.03 -37.65
N LEU C 15 17.07 6.63 -38.83
CA LEU C 15 17.92 6.24 -39.96
C LEU C 15 19.40 6.44 -39.65
N LYS C 16 19.74 7.66 -39.22
CA LYS C 16 21.10 8.02 -38.81
C LYS C 16 21.57 7.07 -37.71
N GLN C 17 20.64 6.72 -36.80
CA GLN C 17 20.87 5.66 -35.83
C GLN C 17 21.33 4.35 -36.53
N ARG C 18 20.55 3.92 -37.53
CA ARG C 18 20.75 2.61 -38.17
C ARG C 18 22.14 2.42 -38.77
N SER C 19 22.76 3.55 -39.15
CA SER C 19 24.11 3.61 -39.76
C SER C 19 25.23 3.03 -38.91
N THR C 20 25.06 3.15 -37.59
CA THR C 20 26.15 2.85 -36.66
C THR C 20 26.08 1.46 -36.01
N VAL C 21 25.26 0.58 -36.57
CA VAL C 21 25.08 -0.73 -35.97
C VAL C 21 26.24 -1.65 -36.35
N TRP C 22 26.75 -2.39 -35.36
CA TRP C 22 27.77 -3.40 -35.63
C TRP C 22 27.35 -4.74 -35.13
N LYS C 23 28.19 -5.75 -35.35
CA LYS C 23 27.80 -7.14 -35.18
C LYS C 23 28.88 -7.95 -34.51
N LEU C 24 28.47 -8.95 -33.73
CA LEU C 24 29.43 -9.76 -33.05
C LEU C 24 29.11 -11.20 -33.34
N SER C 25 30.10 -11.90 -33.90
CA SER C 25 29.98 -13.28 -34.27
C SER C 25 29.86 -14.13 -33.05
N THR C 26 29.04 -15.17 -33.19
CA THR C 26 28.63 -16.06 -32.13
C THR C 26 29.50 -17.29 -32.14
N SER C 27 30.38 -17.36 -33.16
CA SER C 27 31.29 -18.49 -33.41
C SER C 27 30.63 -19.68 -34.11
N SER C 28 29.39 -19.51 -34.57
CA SER C 28 28.75 -20.46 -35.47
C SER C 28 28.46 -19.77 -36.78
N SER C 29 28.65 -20.53 -37.87
CA SER C 29 28.48 -20.05 -39.23
C SER C 29 27.01 -19.88 -39.51
N GLU C 30 26.23 -20.86 -39.07
CA GLU C 30 24.79 -20.90 -39.34
C GLU C 30 24.12 -19.82 -38.55
N LEU C 31 24.51 -19.73 -37.28
CA LEU C 31 23.88 -18.82 -36.35
C LEU C 31 24.10 -17.38 -36.77
N ASP C 32 25.35 -17.08 -37.14
CA ASP C 32 25.67 -15.82 -37.75
C ASP C 32 24.78 -15.55 -38.96
N SER C 33 24.77 -16.52 -39.86
CA SER C 33 24.02 -16.42 -41.10
C SER C 33 22.59 -16.02 -40.76
N VAL C 34 21.97 -16.82 -39.90
CA VAL C 34 20.61 -16.59 -39.42
C VAL C 34 20.34 -15.15 -38.95
N LEU C 35 21.36 -14.54 -38.32
CA LEU C 35 21.24 -13.29 -37.58
C LEU C 35 21.35 -11.99 -38.39
N GLY C 36 21.58 -12.15 -39.70
CA GLY C 36 21.87 -11.04 -40.61
C GLY C 36 23.37 -10.74 -40.57
N GLY C 37 24.16 -11.69 -40.05
CA GLY C 37 25.60 -11.48 -39.88
C GLY C 37 26.11 -11.75 -38.47
N GLY C 38 25.22 -11.55 -37.49
CA GLY C 38 25.54 -11.76 -36.06
C GLY C 38 24.78 -10.85 -35.09
N LEU C 39 25.13 -10.94 -33.81
CA LEU C 39 24.45 -10.19 -32.76
C LEU C 39 24.57 -8.66 -32.93
N GLU C 40 23.42 -8.02 -33.16
CA GLU C 40 23.32 -6.57 -33.43
C GLU C 40 23.49 -5.68 -32.19
N SER C 41 24.21 -4.59 -32.38
CA SER C 41 24.24 -3.52 -31.41
C SER C 41 23.00 -2.68 -31.62
N GLN C 42 22.59 -1.94 -30.59
CA GLN C 42 21.32 -1.19 -30.57
C GLN C 42 20.07 -2.09 -30.59
N SER C 43 20.31 -3.37 -30.38
CA SER C 43 19.25 -4.34 -30.27
C SER C 43 19.44 -5.20 -29.01
N VAL C 44 18.36 -5.86 -28.60
CA VAL C 44 18.37 -6.88 -27.54
C VAL C 44 18.12 -8.25 -28.15
N THR C 45 18.87 -9.22 -27.70
CA THR C 45 18.73 -10.53 -28.27
C THR C 45 18.51 -11.51 -27.11
N GLU C 46 17.54 -12.40 -27.29
CA GLU C 46 17.11 -13.34 -26.25
C GLU C 46 17.32 -14.80 -26.66
N PHE C 47 17.97 -15.56 -25.78
CA PHE C 47 18.07 -16.99 -25.91
C PHE C 47 17.30 -17.70 -24.81
N ALA C 48 16.15 -18.23 -25.21
CA ALA C 48 15.21 -18.91 -24.35
C ALA C 48 15.31 -20.40 -24.63
N GLY C 49 15.16 -21.22 -23.59
CA GLY C 49 15.31 -22.68 -23.71
C GLY C 49 15.56 -23.27 -22.33
N VAL C 50 15.59 -24.60 -22.24
CA VAL C 50 15.77 -25.27 -20.95
C VAL C 50 17.20 -25.18 -20.48
N PHE C 51 17.42 -25.42 -19.19
CA PHE C 51 18.78 -25.57 -18.70
C PHE C 51 19.59 -26.53 -19.60
N GLY C 52 20.86 -26.21 -19.82
CA GLY C 52 21.78 -27.07 -20.58
C GLY C 52 21.74 -26.88 -22.07
N SER C 53 20.80 -26.07 -22.54
CA SER C 53 20.62 -25.79 -23.97
C SER C 53 21.70 -24.87 -24.57
N GLY C 54 22.63 -24.41 -23.73
CA GLY C 54 23.75 -23.55 -24.14
C GLY C 54 23.60 -22.03 -24.03
N LYS C 55 22.47 -21.58 -23.50
CA LYS C 55 22.23 -20.16 -23.41
C LYS C 55 23.45 -19.46 -22.78
N THR C 56 23.86 -20.00 -21.62
CA THR C 56 24.97 -19.41 -20.92
C THR C 56 26.26 -19.46 -21.75
N GLN C 57 26.49 -20.60 -22.42
CA GLN C 57 27.65 -20.78 -23.25
C GLN C 57 27.72 -19.63 -24.26
N ILE C 58 26.63 -19.39 -24.98
CA ILE C 58 26.64 -18.29 -25.92
C ILE C 58 27.05 -16.99 -25.25
N MET C 59 26.71 -16.82 -23.97
CA MET C 59 27.03 -15.58 -23.22
C MET C 59 28.52 -15.44 -23.00
N HIS C 60 29.11 -16.55 -22.54
CA HIS C 60 30.52 -16.71 -22.38
C HIS C 60 31.23 -16.55 -23.71
N GLN C 61 30.87 -17.37 -24.70
CA GLN C 61 31.46 -17.27 -26.06
C GLN C 61 31.46 -15.83 -26.46
N SER C 62 30.36 -15.15 -26.18
CA SER C 62 30.23 -13.75 -26.51
C SER C 62 31.28 -12.87 -25.84
N CYS C 63 31.60 -13.14 -24.58
CA CYS C 63 32.52 -12.29 -23.84
C CYS C 63 33.95 -12.39 -24.32
N VAL C 64 34.34 -13.64 -24.56
CA VAL C 64 35.55 -14.01 -25.28
C VAL C 64 35.60 -13.33 -26.65
N ASN C 65 34.67 -13.65 -27.54
CA ASN C 65 34.64 -13.08 -28.87
C ASN C 65 34.73 -11.56 -28.89
N LEU C 66 34.38 -10.90 -27.80
CA LEU C 66 34.40 -9.43 -27.81
C LEU C 66 35.84 -8.88 -27.93
N GLN C 67 36.78 -9.61 -27.36
CA GLN C 67 38.18 -9.20 -27.34
C GLN C 67 38.89 -9.80 -28.54
N ASN C 68 38.42 -9.45 -29.73
CA ASN C 68 38.95 -9.96 -31.00
C ASN C 68 38.37 -9.14 -32.16
N PRO C 69 39.05 -8.02 -32.52
CA PRO C 69 38.43 -7.05 -33.44
C PRO C 69 37.99 -7.66 -34.79
N GLU C 70 38.51 -8.84 -35.12
CA GLU C 70 38.13 -9.55 -36.35
C GLU C 70 36.67 -10.05 -36.29
N PHE C 71 36.21 -10.45 -35.11
CA PHE C 71 34.81 -10.88 -34.91
C PHE C 71 33.78 -9.73 -34.79
N LEU C 72 34.22 -8.48 -34.89
CA LEU C 72 33.27 -7.34 -34.83
C LEU C 72 33.04 -6.65 -36.19
N PHE C 73 31.95 -7.00 -36.87
CA PHE C 73 31.68 -6.46 -38.19
C PHE C 73 30.94 -5.12 -38.08
N TYR C 74 31.47 -4.10 -38.74
CA TYR C 74 30.84 -2.77 -38.74
C TYR C 74 30.94 -2.01 -40.05
N ASP C 75 30.34 -0.82 -40.04
CA ASP C 75 30.50 0.14 -41.12
C ASP C 75 31.82 0.87 -40.87
N GLU C 76 32.75 0.73 -41.82
CA GLU C 76 34.04 1.41 -41.78
C GLU C 76 33.80 2.92 -41.85
N GLU C 77 32.96 3.31 -42.82
CA GLU C 77 32.66 4.70 -43.16
C GLU C 77 31.81 5.45 -42.13
N ALA C 78 31.04 4.72 -41.32
CA ALA C 78 30.08 5.31 -40.37
C ALA C 78 30.34 4.98 -38.89
N VAL C 79 30.88 3.80 -38.60
CA VAL C 79 31.33 3.46 -37.24
C VAL C 79 32.86 3.68 -37.21
N SER C 80 33.24 4.83 -36.65
CA SER C 80 34.66 5.20 -36.48
C SER C 80 35.40 4.17 -35.64
N LYS C 81 36.46 3.60 -36.22
CA LYS C 81 37.24 2.51 -35.64
C LYS C 81 37.74 2.79 -34.22
N GLY C 82 37.76 4.08 -33.85
CA GLY C 82 38.06 4.50 -32.49
C GLY C 82 37.07 3.94 -31.49
N GLU C 83 35.78 4.13 -31.78
CA GLU C 83 34.63 3.77 -30.90
C GLU C 83 34.46 2.29 -30.52
N VAL C 84 35.10 1.37 -31.26
CA VAL C 84 35.03 -0.09 -30.96
C VAL C 84 36.28 -0.69 -30.29
N ALA C 85 37.27 0.17 -29.98
CA ALA C 85 38.53 -0.24 -29.34
C ALA C 85 38.48 -0.29 -27.79
N GLN C 86 39.33 -1.13 -27.19
CA GLN C 86 39.23 -1.51 -25.76
C GLN C 86 37.80 -1.83 -25.37
N PRO C 87 37.19 -2.83 -26.04
CA PRO C 87 35.78 -3.10 -25.84
C PRO C 87 35.60 -3.88 -24.54
N LYS C 88 34.79 -3.40 -23.62
CA LYS C 88 34.58 -4.15 -22.39
C LYS C 88 33.18 -4.77 -22.35
N ALA C 89 33.06 -5.91 -21.71
CA ALA C 89 31.75 -6.53 -21.47
C ALA C 89 31.32 -6.56 -19.98
N VAL C 90 30.01 -6.41 -19.77
CA VAL C 90 29.36 -6.56 -18.47
C VAL C 90 28.41 -7.77 -18.48
N TYR C 91 28.50 -8.56 -17.42
CA TYR C 91 27.80 -9.83 -17.30
C TYR C 91 27.15 -9.75 -15.94
N ILE C 92 25.84 -9.50 -15.95
CA ILE C 92 25.03 -9.51 -14.73
C ILE C 92 24.69 -10.98 -14.52
N ASP C 93 25.11 -11.52 -13.38
CA ASP C 93 25.00 -12.93 -13.12
C ASP C 93 23.99 -13.23 -11.97
N THR C 94 22.95 -13.97 -12.33
CA THR C 94 21.72 -14.06 -11.54
C THR C 94 21.70 -15.29 -10.62
N GLU C 95 22.34 -16.36 -11.10
CA GLU C 95 22.35 -17.61 -10.35
C GLU C 95 23.71 -18.27 -10.37
N GLY C 96 24.78 -17.46 -10.41
CA GLY C 96 26.14 -17.96 -10.37
C GLY C 96 26.57 -18.80 -11.58
N THR C 97 26.27 -18.35 -12.79
CA THR C 97 26.69 -19.11 -13.97
C THR C 97 28.05 -18.70 -14.59
N PHE C 98 28.53 -17.49 -14.31
CA PHE C 98 29.81 -17.02 -14.89
C PHE C 98 30.99 -17.91 -14.51
N ARG C 99 31.44 -18.72 -15.45
CA ARG C 99 32.61 -19.58 -15.26
C ARG C 99 33.91 -18.93 -15.78
N PRO C 100 34.72 -18.33 -14.87
CA PRO C 100 35.90 -17.64 -15.41
C PRO C 100 36.79 -18.62 -16.21
N GLU C 101 36.98 -19.84 -15.71
CA GLU C 101 37.81 -20.83 -16.41
C GLU C 101 37.30 -21.12 -17.80
N ARG C 102 36.01 -21.36 -17.90
CA ARG C 102 35.37 -21.54 -19.19
C ARG C 102 35.69 -20.37 -20.10
N ILE C 103 36.05 -19.24 -19.51
CA ILE C 103 36.45 -18.10 -20.31
C ILE C 103 37.87 -18.33 -20.82
N MET C 104 38.70 -18.98 -19.99
CA MET C 104 40.06 -19.41 -20.31
C MET C 104 40.04 -20.35 -21.48
N GLN C 105 39.24 -21.39 -21.31
CA GLN C 105 39.07 -22.43 -22.27
C GLN C 105 38.70 -21.80 -23.60
N MET C 106 37.53 -21.19 -23.65
CA MET C 106 37.02 -20.56 -24.85
C MET C 106 38.08 -19.71 -25.52
N ALA C 107 38.78 -18.93 -24.68
CA ALA C 107 39.85 -18.03 -25.10
C ALA C 107 40.96 -18.78 -25.81
N GLU C 108 41.56 -19.74 -25.11
CA GLU C 108 42.64 -20.52 -25.67
C GLU C 108 42.20 -21.08 -27.00
N HIS C 109 41.25 -22.03 -26.98
CA HIS C 109 40.85 -22.74 -28.21
C HIS C 109 40.45 -21.83 -29.34
N ALA C 110 40.56 -20.51 -29.14
CA ALA C 110 40.28 -19.50 -30.17
C ALA C 110 41.43 -18.50 -30.28
N GLY C 111 42.53 -18.75 -29.58
CA GLY C 111 43.72 -17.87 -29.57
C GLY C 111 43.49 -16.41 -29.19
N ILE C 112 43.03 -16.21 -27.96
CA ILE C 112 42.79 -14.90 -27.39
C ILE C 112 43.47 -14.91 -26.03
N ASP C 113 43.85 -13.74 -25.53
CA ASP C 113 44.31 -13.70 -24.14
C ASP C 113 43.16 -13.86 -23.12
N GLY C 114 43.00 -15.08 -22.59
CA GLY C 114 42.09 -15.37 -21.48
C GLY C 114 42.17 -14.25 -20.48
N GLN C 115 43.41 -13.91 -20.11
CA GLN C 115 43.74 -12.73 -19.29
C GLN C 115 43.11 -11.40 -19.73
N THR C 116 43.21 -11.05 -21.02
CA THR C 116 42.58 -9.82 -21.55
C THR C 116 41.08 -9.85 -21.32
N VAL C 117 40.50 -11.03 -21.55
CA VAL C 117 39.04 -11.21 -21.50
C VAL C 117 38.53 -11.11 -20.06
N LEU C 118 39.10 -11.88 -19.15
CA LEU C 118 38.78 -11.74 -17.74
C LEU C 118 39.05 -10.31 -17.24
N ASP C 119 40.06 -9.65 -17.82
CA ASP C 119 40.42 -8.27 -17.49
C ASP C 119 39.39 -7.30 -18.01
N ASN C 120 38.80 -7.61 -19.16
CA ASN C 120 37.76 -6.73 -19.74
C ASN C 120 36.29 -7.26 -19.68
N THR C 121 36.04 -8.14 -18.71
CA THR C 121 34.69 -8.58 -18.43
C THR C 121 34.31 -8.24 -16.96
N PHE C 122 33.28 -7.41 -16.81
CA PHE C 122 32.75 -7.06 -15.51
C PHE C 122 31.64 -8.03 -15.13
N VAL C 123 31.69 -8.47 -13.89
CA VAL C 123 30.75 -9.44 -13.44
C VAL C 123 29.98 -8.87 -12.24
N ALA C 124 28.66 -8.71 -12.39
CA ALA C 124 27.82 -8.23 -11.29
C ALA C 124 27.01 -9.40 -10.83
N ARG C 125 27.33 -9.91 -9.65
CA ARG C 125 26.56 -11.02 -9.08
C ARG C 125 25.28 -10.40 -8.47
N ALA C 126 24.10 -10.76 -8.98
CA ALA C 126 22.81 -10.25 -8.44
C ALA C 126 22.04 -11.31 -7.66
N TYR C 127 21.66 -11.06 -6.42
CA TYR C 127 20.85 -12.06 -5.70
C TYR C 127 19.32 -11.83 -5.81
N ASN C 128 18.91 -10.74 -6.45
CA ASN C 128 17.48 -10.41 -6.58
C ASN C 128 17.31 -9.35 -7.60
N SER C 129 16.06 -9.13 -7.96
CA SER C 129 15.73 -8.24 -9.07
C SER C 129 16.07 -6.77 -8.83
N ASP C 130 15.98 -6.27 -7.59
CA ASP C 130 16.54 -4.93 -7.29
C ASP C 130 18.02 -4.86 -7.73
N MET C 131 18.87 -5.77 -7.23
CA MET C 131 20.28 -5.77 -7.61
C MET C 131 20.52 -5.84 -9.12
N GLN C 132 19.83 -6.78 -9.77
CA GLN C 132 19.84 -6.95 -11.24
C GLN C 132 19.52 -5.65 -11.98
N MET C 133 18.38 -5.05 -11.68
CA MET C 133 17.99 -3.82 -12.39
C MET C 133 18.96 -2.71 -12.15
N LEU C 134 19.54 -2.70 -10.97
CA LEU C 134 20.35 -1.58 -10.51
C LEU C 134 21.75 -1.69 -11.10
N PHE C 135 22.22 -2.93 -11.16
CA PHE C 135 23.44 -3.21 -11.89
C PHE C 135 23.33 -2.70 -13.32
N ALA C 136 22.17 -2.90 -13.91
CA ALA C 136 21.96 -2.54 -15.29
C ALA C 136 22.04 -1.02 -15.46
N GLU C 137 21.45 -0.30 -14.51
CA GLU C 137 21.47 1.17 -14.51
C GLU C 137 22.88 1.71 -14.27
N LYS C 138 23.63 1.02 -13.43
CA LYS C 138 25.01 1.36 -13.24
C LYS C 138 25.91 1.27 -14.48
N ILE C 139 25.44 0.66 -15.58
CA ILE C 139 26.32 0.59 -16.75
C ILE C 139 26.51 1.97 -17.33
N GLU C 140 25.50 2.82 -17.20
CA GLU C 140 25.68 4.22 -17.51
C GLU C 140 26.93 4.75 -16.80
N ASP C 141 27.06 4.45 -15.51
CA ASP C 141 28.15 4.93 -14.68
C ASP C 141 29.50 4.29 -14.94
N LEU C 142 29.53 3.03 -15.34
CA LEU C 142 30.77 2.40 -15.83
C LEU C 142 31.27 3.11 -17.08
N ILE C 143 30.34 3.49 -17.93
CA ILE C 143 30.71 4.22 -19.10
C ILE C 143 31.22 5.61 -18.73
N GLN C 144 30.45 6.32 -17.89
CA GLN C 144 30.81 7.64 -17.35
C GLN C 144 32.23 7.67 -16.79
N GLU C 145 32.76 6.53 -16.36
CA GLU C 145 34.15 6.44 -15.92
C GLU C 145 35.12 5.92 -16.97
N GLY C 146 34.69 5.99 -18.23
CA GLY C 146 35.54 5.77 -19.39
C GLY C 146 35.79 4.33 -19.77
N ASN C 147 34.80 3.48 -19.50
CA ASN C 147 34.84 2.09 -19.95
C ASN C 147 34.01 1.95 -21.18
N ASN C 148 34.65 1.43 -22.21
CA ASN C 148 34.00 1.17 -23.48
C ASN C 148 33.19 -0.11 -23.40
N ILE C 149 32.05 -0.02 -22.73
CA ILE C 149 31.16 -1.15 -22.60
C ILE C 149 30.44 -1.31 -23.93
N LYS C 150 30.69 -2.44 -24.57
CA LYS C 150 30.12 -2.75 -25.88
C LYS C 150 29.26 -4.04 -25.86
N LEU C 151 29.43 -4.84 -24.80
CA LEU C 151 28.59 -6.01 -24.58
C LEU C 151 27.88 -6.01 -23.18
N VAL C 152 26.55 -6.18 -23.17
CA VAL C 152 25.84 -6.45 -21.93
C VAL C 152 25.15 -7.84 -21.91
N VAL C 153 25.45 -8.63 -20.88
CA VAL C 153 24.80 -9.92 -20.64
C VAL C 153 23.90 -9.85 -19.40
N ILE C 154 22.67 -10.35 -19.54
CA ILE C 154 21.76 -10.51 -18.42
C ILE C 154 21.36 -11.98 -18.38
N ASP C 155 22.02 -12.73 -17.51
CA ASP C 155 21.85 -14.18 -17.41
C ASP C 155 21.58 -14.48 -15.94
N SER C 156 20.33 -14.73 -15.53
CA SER C 156 19.13 -14.83 -16.37
C SER C 156 18.47 -13.52 -16.43
N LEU C 157 17.56 -13.40 -17.36
CA LEU C 157 16.74 -12.23 -17.44
C LEU C 157 15.61 -12.24 -16.39
N THR C 158 15.10 -13.44 -16.06
CA THR C 158 13.83 -13.57 -15.38
C THR C 158 13.89 -14.42 -14.12
N SER C 159 15.03 -15.08 -13.88
CA SER C 159 15.15 -15.94 -12.73
C SER C 159 14.82 -15.28 -11.35
N THR C 160 15.28 -14.04 -11.14
CA THR C 160 14.97 -13.30 -9.92
C THR C 160 13.48 -12.96 -9.81
N PHE C 161 12.92 -12.38 -10.86
CA PHE C 161 11.48 -12.03 -10.89
C PHE C 161 10.57 -13.20 -10.56
N ARG C 162 10.72 -14.31 -11.28
CA ARG C 162 9.85 -15.43 -11.01
C ARG C 162 10.06 -16.04 -9.62
N ASN C 163 11.19 -15.74 -9.00
CA ASN C 163 11.47 -16.23 -7.67
C ASN C 163 10.84 -15.35 -6.61
N GLU C 164 10.73 -14.06 -6.92
CA GLU C 164 10.18 -13.07 -6.01
C GLU C 164 8.65 -13.03 -6.10
N TYR C 165 8.12 -13.20 -7.30
CA TYR C 165 6.70 -13.23 -7.52
C TYR C 165 6.25 -14.63 -7.93
N THR C 166 6.55 -15.57 -7.06
CA THR C 166 5.75 -16.76 -6.88
C THR C 166 4.47 -16.18 -6.23
N GLY C 167 3.31 -16.79 -6.45
CA GLY C 167 2.10 -16.31 -5.81
C GLY C 167 1.63 -15.03 -6.45
N ARG C 168 0.75 -15.22 -7.44
CA ARG C 168 0.32 -14.15 -8.36
C ARG C 168 -0.78 -13.24 -7.78
N GLY C 169 -0.50 -12.66 -6.62
CA GLY C 169 -1.25 -11.50 -6.13
C GLY C 169 -0.54 -10.22 -6.58
N LYS C 170 0.80 -10.26 -6.59
CA LYS C 170 1.59 -9.08 -6.89
C LYS C 170 2.08 -9.05 -8.35
N LEU C 171 1.50 -9.89 -9.22
CA LEU C 171 1.92 -9.94 -10.64
C LEU C 171 2.11 -8.59 -11.38
N ALA C 172 1.22 -7.63 -11.14
CA ALA C 172 1.33 -6.39 -11.85
C ALA C 172 2.64 -5.67 -11.55
N GLU C 173 3.05 -5.61 -10.29
CA GLU C 173 4.32 -4.93 -10.01
C GLU C 173 5.47 -5.72 -10.68
N ARG C 174 5.36 -7.04 -10.69
CA ARG C 174 6.35 -7.84 -11.38
C ARG C 174 6.46 -7.34 -12.82
N GLN C 175 5.36 -7.48 -13.55
CA GLN C 175 5.32 -7.14 -14.96
C GLN C 175 5.82 -5.74 -15.26
N GLN C 176 5.47 -4.79 -14.42
CA GLN C 176 5.87 -3.39 -14.57
C GLN C 176 7.39 -3.26 -14.36
N LYS C 177 7.88 -4.00 -13.36
CA LYS C 177 9.31 -3.99 -12.99
C LYS C 177 10.16 -4.51 -14.15
N LEU C 178 9.70 -5.61 -14.73
CA LEU C 178 10.24 -6.21 -15.91
C LEU C 178 10.29 -5.22 -17.03
N GLY C 179 9.16 -4.58 -17.26
CA GLY C 179 9.04 -3.55 -18.27
C GLY C 179 10.05 -2.49 -18.04
N ARG C 180 10.16 -2.04 -16.79
CA ARG C 180 11.10 -0.94 -16.48
C ARG C 180 12.54 -1.31 -16.76
N HIS C 181 12.92 -2.53 -16.38
CA HIS C 181 14.23 -3.11 -16.68
C HIS C 181 14.42 -3.19 -18.17
N MET C 182 13.46 -3.80 -18.83
CA MET C 182 13.51 -3.91 -20.27
C MET C 182 13.76 -2.59 -20.98
N ALA C 183 13.19 -1.51 -20.46
CA ALA C 183 13.47 -0.18 -21.02
C ALA C 183 14.96 0.05 -20.95
N THR C 184 15.49 -0.05 -19.73
CA THR C 184 16.89 0.23 -19.48
C THR C 184 17.77 -0.49 -20.50
N LEU C 185 17.49 -1.78 -20.66
CA LEU C 185 18.29 -2.60 -21.51
C LEU C 185 18.30 -2.06 -22.95
N ASN C 186 17.13 -1.74 -23.46
CA ASN C 186 17.02 -1.09 -24.74
C ASN C 186 17.67 0.31 -24.79
N LYS C 187 17.35 1.15 -23.82
CA LYS C 187 17.93 2.51 -23.77
C LYS C 187 19.45 2.45 -23.90
N LEU C 188 20.06 1.54 -23.16
CA LEU C 188 21.49 1.53 -23.11
C LEU C 188 22.14 0.76 -24.28
N ALA C 189 21.36 -0.04 -25.01
CA ALA C 189 21.85 -0.60 -26.27
C ALA C 189 21.86 0.53 -27.28
N ASP C 190 20.86 1.40 -27.18
CA ASP C 190 20.52 2.31 -28.25
C ASP C 190 21.29 3.61 -28.08
N LEU C 191 21.62 3.96 -26.84
CA LEU C 191 22.26 5.23 -26.56
C LEU C 191 23.75 5.08 -26.37
N PHE C 192 24.20 3.84 -26.25
CA PHE C 192 25.61 3.57 -26.07
C PHE C 192 26.00 2.48 -27.04
N ASN C 193 25.38 2.51 -28.22
CA ASN C 193 25.71 1.59 -29.30
C ASN C 193 26.46 0.36 -28.82
N CYS C 194 25.72 -0.56 -28.21
CA CYS C 194 26.28 -1.83 -27.84
C CYS C 194 25.20 -2.92 -27.86
N VAL C 195 25.67 -4.16 -27.87
CA VAL C 195 24.80 -5.31 -27.93
C VAL C 195 24.44 -5.78 -26.52
N VAL C 196 23.16 -6.06 -26.37
CA VAL C 196 22.62 -6.60 -25.15
C VAL C 196 22.01 -7.96 -25.41
N LEU C 197 22.52 -8.95 -24.68
CA LEU C 197 22.02 -10.33 -24.68
C LEU C 197 21.34 -10.71 -23.37
N VAL C 198 20.10 -11.18 -23.47
CA VAL C 198 19.47 -11.77 -22.30
C VAL C 198 19.31 -13.27 -22.54
N THR C 199 19.58 -14.11 -21.54
CA THR C 199 19.09 -15.50 -21.57
C THR C 199 17.78 -15.62 -20.80
N ASN C 200 16.89 -16.50 -21.28
CA ASN C 200 15.62 -16.81 -20.62
C ASN C 200 15.29 -18.31 -20.53
N GLN C 201 14.45 -18.65 -19.56
CA GLN C 201 13.90 -19.99 -19.44
C GLN C 201 12.52 -20.01 -20.09
N VAL C 202 11.98 -21.21 -20.30
CA VAL C 202 10.68 -21.37 -20.98
C VAL C 202 9.59 -22.01 -20.13
N SER C 203 8.38 -22.09 -20.72
CA SER C 203 7.22 -22.80 -20.15
C SER C 203 6.28 -23.27 -21.26
N ALA C 204 5.16 -23.89 -20.85
CA ALA C 204 4.07 -24.27 -21.77
C ALA C 204 2.84 -23.38 -21.61
N ALA C 213 1.24 -24.79 -26.56
CA ALA C 213 1.85 -24.99 -25.25
C ALA C 213 3.31 -24.49 -25.24
N GLU C 214 3.55 -23.34 -25.86
CA GLU C 214 4.93 -22.88 -26.20
C GLU C 214 5.20 -21.36 -26.00
N GLN C 215 5.99 -20.98 -24.99
CA GLN C 215 6.26 -19.55 -24.69
C GLN C 215 7.52 -19.28 -23.86
N ALA C 216 8.11 -18.09 -24.03
CA ALA C 216 9.28 -17.65 -23.22
C ALA C 216 8.81 -16.82 -22.03
N ILE C 217 9.42 -17.03 -20.85
CA ILE C 217 8.97 -16.35 -19.60
C ILE C 217 9.02 -14.82 -19.75
N GLY C 218 8.07 -14.13 -19.09
CA GLY C 218 7.97 -12.68 -19.12
C GLY C 218 6.79 -12.25 -19.95
N GLY C 219 6.29 -13.18 -20.75
CA GLY C 219 5.11 -12.94 -21.54
C GLY C 219 5.43 -11.95 -22.63
N HIS C 220 4.60 -10.92 -22.72
CA HIS C 220 4.58 -10.03 -23.86
C HIS C 220 5.32 -8.77 -23.56
N ILE C 221 5.40 -8.43 -22.28
CA ILE C 221 6.11 -7.22 -21.85
C ILE C 221 7.60 -7.34 -22.27
N VAL C 222 8.07 -8.59 -22.23
CA VAL C 222 9.39 -8.95 -22.61
C VAL C 222 9.43 -9.07 -24.12
N GLY C 223 8.50 -9.82 -24.67
CA GLY C 223 8.43 -10.08 -26.09
C GLY C 223 8.49 -8.84 -26.95
N HIS C 224 7.68 -7.84 -26.60
CA HIS C 224 7.58 -6.56 -27.36
C HIS C 224 8.81 -5.70 -27.26
N ALA C 225 9.56 -5.85 -26.17
CA ALA C 225 10.83 -5.13 -25.96
C ALA C 225 12.08 -5.92 -26.41
N ALA C 226 11.91 -7.15 -26.87
CA ALA C 226 13.03 -7.89 -27.41
C ALA C 226 12.95 -7.83 -28.94
N THR C 227 14.09 -7.53 -29.53
CA THR C 227 14.14 -7.17 -30.93
C THR C 227 14.46 -8.43 -31.77
N PHE C 228 15.33 -9.28 -31.23
CA PHE C 228 15.67 -10.59 -31.79
C PHE C 228 15.38 -11.67 -30.74
N ARG C 229 14.72 -12.76 -31.16
CA ARG C 229 14.24 -13.78 -30.23
C ARG C 229 14.41 -15.22 -30.70
N PHE C 230 15.05 -16.03 -29.88
CA PHE C 230 15.42 -17.39 -30.26
C PHE C 230 14.82 -18.42 -29.29
N PHE C 231 14.62 -19.65 -29.76
CA PHE C 231 14.43 -20.82 -28.88
C PHE C 231 15.65 -21.67 -29.11
N VAL C 232 16.20 -22.19 -28.02
CA VAL C 232 17.38 -23.03 -28.14
C VAL C 232 17.05 -24.44 -27.70
N ARG C 233 17.12 -25.35 -28.66
CA ARG C 233 16.78 -26.76 -28.42
C ARG C 233 18.04 -27.59 -28.37
N LYS C 234 18.01 -28.56 -27.45
CA LYS C 234 19.04 -29.56 -27.29
C LYS C 234 18.87 -30.62 -28.38
N GLY C 235 19.68 -30.57 -29.46
CA GLY C 235 19.73 -31.67 -30.44
C GLY C 235 20.38 -32.92 -29.84
N LYS C 236 20.97 -33.78 -30.67
CA LYS C 236 21.65 -35.01 -30.14
C LYS C 236 23.03 -34.75 -29.48
N GLY C 237 23.19 -35.29 -28.27
CA GLY C 237 24.43 -35.13 -27.50
C GLY C 237 24.92 -33.70 -27.23
N ASP C 238 25.66 -33.15 -28.20
CA ASP C 238 26.35 -31.88 -28.01
C ASP C 238 25.97 -30.85 -29.06
N LYS C 239 25.05 -31.22 -29.96
CA LYS C 239 24.59 -30.25 -30.98
C LYS C 239 23.36 -29.49 -30.45
N ARG C 240 22.97 -28.41 -31.13
CA ARG C 240 21.94 -27.55 -30.59
C ARG C 240 21.35 -26.74 -31.71
N VAL C 241 20.06 -26.46 -31.62
CA VAL C 241 19.45 -25.67 -32.67
C VAL C 241 18.85 -24.44 -32.07
N ALA C 242 18.90 -23.36 -32.81
CA ALA C 242 18.49 -22.08 -32.34
C ALA C 242 17.49 -21.58 -33.37
N LYS C 243 16.27 -21.31 -32.90
CA LYS C 243 15.18 -20.95 -33.80
C LYS C 243 14.91 -19.49 -33.60
N LEU C 244 15.06 -18.73 -34.67
CA LEU C 244 14.81 -17.30 -34.64
C LEU C 244 13.37 -17.09 -34.99
N TYR C 245 12.58 -16.51 -34.09
CA TYR C 245 11.13 -16.42 -34.32
C TYR C 245 10.60 -14.99 -34.42
N ASP C 246 11.36 -14.05 -33.89
CA ASP C 246 10.98 -12.65 -33.97
C ASP C 246 12.23 -11.84 -34.27
N SER C 247 12.13 -10.98 -35.27
CA SER C 247 13.24 -10.17 -35.75
C SER C 247 12.68 -8.92 -36.46
N PRO C 248 13.51 -7.87 -36.68
CA PRO C 248 12.89 -6.70 -37.28
C PRO C 248 12.47 -7.04 -38.69
N HIS C 249 13.44 -7.49 -39.50
CA HIS C 249 13.23 -7.60 -40.94
C HIS C 249 13.84 -8.86 -41.50
N LEU C 250 14.19 -9.82 -40.64
CA LEU C 250 14.91 -11.01 -41.10
C LEU C 250 14.04 -12.27 -41.32
N PRO C 251 14.55 -13.26 -42.09
CA PRO C 251 13.75 -14.47 -42.26
C PRO C 251 13.73 -15.32 -40.99
N ASP C 252 12.58 -15.92 -40.69
CA ASP C 252 12.44 -16.88 -39.58
C ASP C 252 13.18 -18.20 -39.90
N ALA C 253 14.22 -18.54 -39.15
CA ALA C 253 14.97 -19.77 -39.48
C ALA C 253 15.81 -20.41 -38.37
N GLU C 254 16.08 -21.70 -38.54
CA GLU C 254 16.81 -22.52 -37.56
C GLU C 254 18.29 -22.53 -37.87
N ALA C 255 19.10 -22.98 -36.92
CA ALA C 255 20.54 -22.96 -37.05
C ALA C 255 21.17 -23.99 -36.15
N ILE C 256 22.03 -24.84 -36.71
CA ILE C 256 22.68 -25.81 -35.86
C ILE C 256 24.15 -25.47 -35.67
N PHE C 257 24.68 -25.92 -34.53
CA PHE C 257 26.01 -25.62 -34.04
C PHE C 257 26.19 -26.55 -32.85
N ARG C 258 27.36 -26.49 -32.23
CA ARG C 258 27.62 -27.38 -31.11
C ARG C 258 28.23 -26.64 -29.92
N ILE C 259 28.33 -27.34 -28.80
CA ILE C 259 29.02 -26.82 -27.64
C ILE C 259 30.03 -27.86 -27.24
N THR C 260 31.31 -27.49 -27.33
CA THR C 260 32.37 -28.39 -26.98
C THR C 260 33.36 -27.61 -26.16
N GLU C 261 34.44 -28.29 -25.76
CA GLU C 261 35.56 -27.72 -25.01
C GLU C 261 36.20 -26.55 -25.76
N LYS C 262 35.95 -26.47 -27.06
CA LYS C 262 36.43 -25.34 -27.86
C LYS C 262 35.56 -24.14 -27.58
N GLY C 263 34.28 -24.40 -27.26
CA GLY C 263 33.23 -23.38 -27.19
C GLY C 263 32.10 -23.61 -28.18
N ILE C 264 31.41 -22.54 -28.56
CA ILE C 264 30.38 -22.61 -29.62
C ILE C 264 31.09 -22.86 -30.92
N GLN C 265 30.73 -23.91 -31.65
CA GLN C 265 31.36 -24.18 -32.99
C GLN C 265 30.45 -24.50 -34.19
N ASP C 266 31.08 -24.69 -35.36
CA ASP C 266 30.43 -25.10 -36.61
C ASP C 266 29.56 -24.01 -37.24
N SER D 2 36.38 4.06 -10.05
CA SER D 2 36.61 2.61 -9.74
C SER D 2 35.34 1.80 -10.02
N HIS D 3 35.52 0.65 -10.66
CA HIS D 3 34.39 -0.24 -10.96
C HIS D 3 34.05 -1.10 -9.78
N MET D 4 35.07 -1.52 -9.05
CA MET D 4 34.92 -2.21 -7.78
C MET D 4 33.93 -1.46 -6.90
N ASP D 5 33.89 -0.15 -7.09
CA ASP D 5 33.11 0.75 -6.28
C ASP D 5 31.65 0.55 -6.58
N LEU D 6 31.34 0.30 -7.86
CA LEU D 6 29.94 0.16 -8.31
C LEU D 6 29.34 -1.24 -8.07
N GLY D 7 30.17 -2.18 -7.63
CA GLY D 7 29.72 -3.54 -7.36
C GLY D 7 30.12 -4.51 -8.48
N PHE D 8 30.88 -4.01 -9.44
CA PHE D 8 31.41 -4.82 -10.54
C PHE D 8 32.79 -5.36 -10.21
N LYS D 9 33.13 -6.46 -10.88
CA LYS D 9 34.36 -7.17 -10.68
C LYS D 9 34.83 -7.75 -12.00
N SER D 10 36.10 -7.53 -12.31
CA SER D 10 36.70 -8.15 -13.48
C SER D 10 36.73 -9.66 -13.26
N GLY D 11 36.77 -10.41 -14.35
CA GLY D 11 37.06 -11.82 -14.28
C GLY D 11 38.32 -11.96 -13.44
N ILE D 12 39.14 -10.93 -13.45
CA ILE D 12 40.43 -11.05 -12.80
C ILE D 12 40.32 -10.79 -11.30
N ASP D 13 39.64 -9.70 -10.95
CA ASP D 13 39.22 -9.43 -9.57
C ASP D 13 38.70 -10.70 -8.87
N LEU D 14 37.85 -11.45 -9.58
CA LEU D 14 37.30 -12.69 -9.05
C LEU D 14 38.42 -13.66 -8.73
N LEU D 15 39.24 -13.94 -9.74
CA LEU D 15 40.39 -14.81 -9.57
C LEU D 15 41.26 -14.34 -8.41
N LYS D 16 41.45 -13.03 -8.27
CA LYS D 16 42.23 -12.49 -7.16
C LYS D 16 41.57 -12.72 -5.82
N GLN D 17 40.34 -12.25 -5.69
CA GLN D 17 39.68 -12.35 -4.40
C GLN D 17 39.59 -13.82 -3.91
N ARG D 18 39.74 -14.75 -4.85
CA ARG D 18 39.65 -16.17 -4.58
C ARG D 18 40.80 -16.66 -3.71
N SER D 19 41.96 -16.05 -3.90
CA SER D 19 43.19 -16.44 -3.19
C SER D 19 43.10 -16.24 -1.69
N THR D 20 42.24 -15.31 -1.28
CA THR D 20 42.23 -14.85 0.09
C THR D 20 41.12 -15.51 0.87
N VAL D 21 40.53 -16.55 0.29
CA VAL D 21 39.57 -17.35 1.00
C VAL D 21 40.28 -18.12 2.10
N TRP D 22 39.75 -18.03 3.31
CA TRP D 22 40.20 -18.97 4.35
C TRP D 22 39.10 -19.94 4.69
N LYS D 23 39.43 -21.01 5.40
CA LYS D 23 38.50 -22.09 5.67
C LYS D 23 38.56 -22.41 7.14
N LEU D 24 37.41 -22.69 7.78
CA LEU D 24 37.34 -22.88 9.25
C LEU D 24 36.97 -24.33 9.46
N SER D 25 37.67 -25.04 10.33
CA SER D 25 37.42 -26.46 10.54
C SER D 25 36.21 -26.66 11.45
N THR D 26 35.44 -27.71 11.12
CA THR D 26 34.21 -28.03 11.82
C THR D 26 34.40 -28.98 12.98
N SER D 27 35.67 -29.27 13.30
CA SER D 27 36.03 -30.29 14.30
C SER D 27 35.73 -31.70 13.79
N SER D 28 35.45 -31.84 12.49
CA SER D 28 35.02 -33.12 11.93
C SER D 28 35.74 -33.44 10.64
N SER D 29 36.46 -34.55 10.67
CA SER D 29 37.37 -34.97 9.62
C SER D 29 36.65 -35.14 8.32
N GLU D 30 35.55 -35.88 8.39
CA GLU D 30 34.83 -36.25 7.17
C GLU D 30 34.09 -35.04 6.64
N LEU D 31 33.50 -34.27 7.56
CA LEU D 31 32.85 -33.01 7.19
C LEU D 31 33.83 -31.99 6.59
N ASP D 32 34.98 -31.81 7.25
CA ASP D 32 36.03 -30.96 6.72
C ASP D 32 36.44 -31.40 5.33
N SER D 33 36.57 -32.71 5.17
CA SER D 33 36.98 -33.29 3.90
C SER D 33 35.97 -32.97 2.80
N VAL D 34 34.69 -33.16 3.09
CA VAL D 34 33.60 -32.88 2.12
C VAL D 34 33.59 -31.44 1.57
N LEU D 35 33.95 -30.49 2.44
CA LEU D 35 34.07 -29.05 2.09
C LEU D 35 35.40 -28.71 1.44
N GLY D 36 36.33 -29.67 1.43
CA GLY D 36 37.67 -29.45 0.90
C GLY D 36 38.54 -28.64 1.82
N GLY D 37 38.47 -28.91 3.13
CA GLY D 37 39.33 -28.24 4.12
C GLY D 37 38.59 -27.65 5.33
N GLY D 38 37.41 -27.10 5.08
CA GLY D 38 36.60 -26.44 6.12
C GLY D 38 35.60 -25.47 5.49
N LEU D 39 34.89 -24.73 6.35
CA LEU D 39 33.93 -23.73 5.85
C LEU D 39 34.69 -22.56 5.27
N GLU D 40 34.35 -22.16 4.03
CA GLU D 40 35.00 -21.05 3.33
C GLU D 40 34.53 -19.66 3.79
N SER D 41 35.48 -18.74 3.90
CA SER D 41 35.14 -17.34 3.91
C SER D 41 34.73 -16.94 2.48
N GLN D 42 34.00 -15.84 2.41
CA GLN D 42 33.45 -15.30 1.15
C GLN D 42 32.35 -16.16 0.52
N SER D 43 31.70 -16.93 1.35
CA SER D 43 30.60 -17.75 0.94
C SER D 43 29.58 -17.83 2.06
N VAL D 44 28.34 -18.09 1.63
CA VAL D 44 27.27 -18.41 2.54
C VAL D 44 27.07 -19.90 2.49
N THR D 45 27.04 -20.51 3.67
CA THR D 45 26.84 -21.95 3.79
C THR D 45 25.59 -22.22 4.60
N GLU D 46 24.62 -22.89 3.96
CA GLU D 46 23.35 -23.36 4.57
C GLU D 46 23.41 -24.80 5.08
N PHE D 47 23.08 -24.96 6.35
CA PHE D 47 22.82 -26.25 6.90
C PHE D 47 21.31 -26.38 7.13
N ALA D 48 20.66 -27.29 6.40
CA ALA D 48 19.19 -27.48 6.52
C ALA D 48 18.84 -28.88 7.00
N GLY D 49 17.75 -28.98 7.74
CA GLY D 49 17.35 -30.24 8.32
C GLY D 49 16.33 -30.01 9.41
N VAL D 50 15.97 -31.08 10.11
CA VAL D 50 14.90 -31.05 11.12
C VAL D 50 15.47 -30.65 12.44
N PHE D 51 14.61 -30.06 13.27
CA PHE D 51 14.96 -29.80 14.65
C PHE D 51 15.68 -30.96 15.30
N GLY D 52 16.85 -30.68 15.83
CA GLY D 52 17.68 -31.70 16.42
C GLY D 52 18.71 -32.29 15.48
N SER D 53 18.73 -31.92 14.20
CA SER D 53 19.75 -32.52 13.31
C SER D 53 21.17 -31.97 13.49
N GLY D 54 21.36 -30.99 14.38
CA GLY D 54 22.69 -30.51 14.76
C GLY D 54 23.14 -29.25 14.06
N LYS D 55 22.15 -28.50 13.58
CA LYS D 55 22.45 -27.27 12.92
C LYS D 55 22.99 -26.26 13.97
N THR D 56 22.18 -25.96 14.99
CA THR D 56 22.60 -25.07 16.06
C THR D 56 23.97 -25.52 16.63
N GLN D 57 24.17 -26.84 16.76
CA GLN D 57 25.46 -27.39 17.24
C GLN D 57 26.67 -27.00 16.36
N ILE D 58 26.61 -27.27 15.06
CA ILE D 58 27.67 -26.80 14.15
C ILE D 58 27.88 -25.30 14.33
N MET D 59 26.81 -24.55 14.63
CA MET D 59 26.96 -23.09 14.79
C MET D 59 27.85 -22.77 15.96
N HIS D 60 27.53 -23.35 17.12
CA HIS D 60 28.25 -23.12 18.39
C HIS D 60 29.67 -23.61 18.31
N GLN D 61 29.88 -24.81 17.74
CA GLN D 61 31.22 -25.31 17.43
C GLN D 61 32.03 -24.31 16.62
N SER D 62 31.42 -23.75 15.59
CA SER D 62 32.14 -22.78 14.77
C SER D 62 32.63 -21.56 15.54
N CYS D 63 31.90 -21.14 16.58
CA CYS D 63 32.33 -19.97 17.36
C CYS D 63 33.53 -20.23 18.27
N VAL D 64 33.59 -21.45 18.82
CA VAL D 64 34.77 -21.93 19.55
C VAL D 64 35.96 -22.14 18.57
N ASN D 65 35.76 -22.97 17.56
CA ASN D 65 36.78 -23.18 16.52
C ASN D 65 37.42 -21.91 15.96
N LEU D 66 36.77 -20.76 16.10
CA LEU D 66 37.34 -19.51 15.55
C LEU D 66 38.49 -19.06 16.42
N GLN D 67 38.27 -19.16 17.74
CA GLN D 67 39.26 -18.86 18.77
C GLN D 67 40.46 -19.85 18.83
N ASN D 68 40.62 -20.69 17.82
CA ASN D 68 41.77 -21.54 17.74
C ASN D 68 42.35 -21.34 16.38
N PRO D 69 43.48 -20.62 16.31
CA PRO D 69 44.17 -20.24 15.08
C PRO D 69 44.60 -21.44 14.26
N GLU D 70 44.88 -22.56 14.92
CA GLU D 70 45.21 -23.81 14.21
C GLU D 70 44.04 -24.34 13.35
N PHE D 71 42.83 -23.91 13.68
CA PHE D 71 41.64 -24.36 12.97
C PHE D 71 41.26 -23.47 11.79
N LEU D 72 42.07 -22.43 11.54
CA LEU D 72 41.86 -21.53 10.40
C LEU D 72 42.93 -21.75 9.34
N PHE D 73 42.54 -22.32 8.20
CA PHE D 73 43.52 -22.65 7.16
C PHE D 73 43.53 -21.65 6.07
N TYR D 74 44.72 -21.10 5.84
CA TYR D 74 44.86 -20.17 4.74
C TYR D 74 46.22 -20.16 4.06
N ASP D 75 46.23 -19.59 2.86
CA ASP D 75 47.48 -19.33 2.20
C ASP D 75 48.17 -18.16 2.89
N GLU D 76 49.34 -18.44 3.48
CA GLU D 76 50.07 -17.49 4.34
C GLU D 76 50.63 -16.35 3.51
N GLU D 77 50.81 -16.63 2.22
CA GLU D 77 51.25 -15.70 1.20
C GLU D 77 50.16 -14.71 0.79
N ALA D 78 48.95 -15.19 0.50
CA ALA D 78 47.84 -14.31 0.05
C ALA D 78 47.01 -13.68 1.17
N VAL D 79 47.16 -14.14 2.41
CA VAL D 79 46.41 -13.60 3.56
C VAL D 79 47.34 -13.31 4.73
N SER D 80 47.31 -12.07 5.22
CA SER D 80 48.05 -11.65 6.42
C SER D 80 47.49 -12.24 7.70
N LYS D 81 48.34 -12.48 8.68
CA LYS D 81 47.96 -13.04 9.99
C LYS D 81 47.08 -12.05 10.76
N GLY D 82 47.22 -10.80 10.39
CA GLY D 82 46.42 -9.72 10.90
C GLY D 82 45.00 -9.78 10.38
N GLU D 83 44.82 -10.23 9.13
CA GLU D 83 43.44 -10.47 8.64
C GLU D 83 42.64 -11.32 9.61
N VAL D 84 43.29 -12.37 10.13
CA VAL D 84 42.62 -13.34 10.99
C VAL D 84 42.92 -13.10 12.47
N ALA D 85 43.50 -11.94 12.77
CA ALA D 85 43.88 -11.61 14.14
C ALA D 85 42.67 -11.32 15.01
N GLN D 86 42.78 -11.64 16.29
CA GLN D 86 41.71 -11.49 17.26
C GLN D 86 40.33 -11.59 16.61
N PRO D 87 40.07 -12.70 15.90
CA PRO D 87 38.84 -12.77 15.13
C PRO D 87 37.63 -12.84 16.04
N LYS D 88 36.50 -12.36 15.55
CA LYS D 88 35.27 -12.37 16.32
C LYS D 88 34.10 -12.91 15.53
N ALA D 89 33.07 -13.33 16.25
CA ALA D 89 31.87 -13.90 15.65
C ALA D 89 30.59 -13.18 16.06
N VAL D 90 29.70 -13.07 15.08
CA VAL D 90 28.36 -12.56 15.31
C VAL D 90 27.41 -13.71 15.10
N TYR D 91 26.51 -13.85 16.08
CA TYR D 91 25.52 -14.90 16.17
C TYR D 91 24.12 -14.26 16.32
N ILE D 92 23.37 -14.24 15.22
CA ILE D 92 22.03 -13.70 15.25
C ILE D 92 21.11 -14.86 15.62
N ASP D 93 20.47 -14.71 16.78
CA ASP D 93 19.65 -15.74 17.42
C ASP D 93 18.17 -15.34 17.34
N THR D 94 17.47 -16.13 16.53
CA THR D 94 16.16 -15.88 16.01
C THR D 94 15.11 -16.57 16.87
N GLU D 95 15.52 -17.63 17.55
CA GLU D 95 14.58 -18.37 18.40
C GLU D 95 15.08 -18.62 19.82
N GLY D 96 16.23 -18.06 20.18
CA GLY D 96 16.83 -18.24 21.50
C GLY D 96 17.59 -19.53 21.65
N THR D 97 18.33 -19.93 20.62
CA THR D 97 19.11 -21.20 20.62
C THR D 97 20.52 -21.11 21.21
N PHE D 98 21.00 -19.89 21.48
CA PHE D 98 22.38 -19.66 21.93
C PHE D 98 22.63 -20.06 23.38
N ARG D 99 23.53 -21.03 23.54
CA ARG D 99 23.84 -21.65 24.84
C ARG D 99 25.27 -21.29 25.29
N PRO D 100 25.39 -20.33 26.24
CA PRO D 100 26.72 -19.97 26.75
C PRO D 100 27.49 -21.19 27.32
N GLU D 101 26.82 -21.93 28.18
CA GLU D 101 27.34 -23.16 28.75
C GLU D 101 27.94 -24.03 27.65
N ARG D 102 27.16 -24.31 26.62
CA ARG D 102 27.63 -25.20 25.57
C ARG D 102 28.86 -24.67 24.89
N ILE D 103 28.98 -23.35 24.84
CA ILE D 103 30.19 -22.73 24.35
C ILE D 103 31.34 -23.18 25.24
N MET D 104 31.20 -22.89 26.55
CA MET D 104 32.12 -23.32 27.62
C MET D 104 32.51 -24.79 27.46
N GLN D 105 31.50 -25.66 27.36
CA GLN D 105 31.74 -27.06 27.26
C GLN D 105 32.62 -27.39 26.06
N MET D 106 32.18 -27.06 24.83
CA MET D 106 32.99 -27.34 23.62
C MET D 106 34.40 -26.73 23.71
N ALA D 107 34.51 -25.59 24.40
CA ALA D 107 35.81 -24.91 24.52
C ALA D 107 36.72 -25.77 25.38
N GLU D 108 36.30 -26.01 26.63
CA GLU D 108 37.00 -26.89 27.55
C GLU D 108 37.56 -28.12 26.83
N HIS D 109 36.69 -28.91 26.23
CA HIS D 109 37.16 -30.07 25.48
C HIS D 109 38.11 -29.72 24.35
N ALA D 110 37.94 -28.58 23.67
CA ALA D 110 38.86 -28.18 22.60
C ALA D 110 40.18 -27.65 23.18
N GLY D 111 40.21 -27.54 24.50
CA GLY D 111 41.33 -26.90 25.15
C GLY D 111 41.36 -25.39 25.00
N ILE D 112 40.57 -24.83 24.08
CA ILE D 112 40.36 -23.38 23.98
C ILE D 112 39.78 -22.85 25.29
N ASP D 113 40.15 -21.63 25.68
CA ASP D 113 39.51 -21.03 26.85
C ASP D 113 38.10 -20.63 26.46
N GLY D 114 37.13 -21.03 27.28
CA GLY D 114 35.73 -20.68 27.07
C GLY D 114 35.53 -19.20 27.24
N GLN D 115 35.86 -18.71 28.43
CA GLN D 115 35.86 -17.27 28.76
C GLN D 115 36.26 -16.42 27.56
N THR D 116 37.26 -16.89 26.83
CA THR D 116 37.81 -16.23 25.68
C THR D 116 36.83 -16.21 24.50
N VAL D 117 36.14 -17.34 24.27
CA VAL D 117 35.13 -17.46 23.19
C VAL D 117 33.99 -16.46 23.44
N LEU D 118 33.40 -16.57 24.62
CA LEU D 118 32.30 -15.72 25.09
C LEU D 118 32.59 -14.24 24.97
N ASP D 119 33.87 -13.95 25.00
CA ASP D 119 34.27 -12.59 25.00
C ASP D 119 34.43 -12.13 23.57
N ASN D 120 34.65 -13.08 22.66
CA ASN D 120 34.82 -12.75 21.24
C ASN D 120 33.65 -13.12 20.35
N THR D 121 32.53 -13.45 21.00
CA THR D 121 31.28 -13.77 20.31
C THR D 121 30.17 -12.76 20.65
N PHE D 122 29.75 -12.04 19.60
CA PHE D 122 28.63 -11.12 19.67
C PHE D 122 27.30 -11.86 19.40
N VAL D 123 26.29 -11.52 20.19
CA VAL D 123 25.03 -12.23 20.12
C VAL D 123 23.88 -11.23 20.00
N ALA D 124 23.10 -11.35 18.92
CA ALA D 124 22.01 -10.44 18.64
C ALA D 124 20.72 -11.22 18.65
N ARG D 125 19.89 -10.98 19.67
CA ARG D 125 18.64 -11.73 19.81
C ARG D 125 17.57 -11.05 19.00
N ALA D 126 17.22 -11.66 17.87
CA ALA D 126 16.27 -11.11 16.92
C ALA D 126 14.87 -11.71 17.09
N TYR D 127 13.86 -10.90 17.41
CA TYR D 127 12.51 -11.46 17.58
C TYR D 127 11.60 -11.40 16.35
N ASN D 128 12.12 -10.87 15.23
CA ASN D 128 11.34 -10.73 14.02
C ASN D 128 12.20 -10.35 12.88
N SER D 129 11.68 -10.50 11.66
CA SER D 129 12.53 -10.40 10.46
C SER D 129 13.19 -9.07 10.24
N ASP D 130 12.50 -7.98 10.53
CA ASP D 130 13.18 -6.71 10.44
C ASP D 130 14.41 -6.67 11.33
N MET D 131 14.27 -7.11 12.60
CA MET D 131 15.37 -7.05 13.58
C MET D 131 16.48 -7.92 13.05
N GLN D 132 16.11 -9.14 12.62
CA GLN D 132 17.04 -10.06 11.97
C GLN D 132 17.82 -9.39 10.83
N MET D 133 17.11 -8.78 9.89
CA MET D 133 17.75 -8.14 8.75
C MET D 133 18.62 -6.98 9.15
N LEU D 134 18.13 -6.29 10.18
CA LEU D 134 18.68 -5.00 10.52
C LEU D 134 19.97 -5.30 11.24
N PHE D 135 19.97 -6.38 12.02
CA PHE D 135 21.15 -6.85 12.73
C PHE D 135 22.24 -7.26 11.76
N ALA D 136 21.85 -7.90 10.66
CA ALA D 136 22.84 -8.37 9.72
C ALA D 136 23.50 -7.15 9.10
N GLU D 137 22.73 -6.06 9.02
CA GLU D 137 23.26 -4.88 8.38
C GLU D 137 24.21 -4.19 9.31
N LYS D 138 23.79 -4.05 10.55
CA LYS D 138 24.60 -3.44 11.58
C LYS D 138 25.97 -4.16 11.79
N ILE D 139 26.21 -5.26 11.07
CA ILE D 139 27.56 -5.84 11.09
C ILE D 139 28.66 -4.91 10.50
N GLU D 140 28.41 -4.25 9.37
CA GLU D 140 29.33 -3.18 8.97
C GLU D 140 29.71 -2.27 10.15
N ASP D 141 28.73 -1.84 10.93
CA ASP D 141 29.02 -0.87 11.98
C ASP D 141 29.86 -1.51 13.06
N LEU D 142 29.60 -2.79 13.34
CA LEU D 142 30.40 -3.52 14.31
C LEU D 142 31.86 -3.71 13.88
N ILE D 143 32.08 -4.01 12.61
CA ILE D 143 33.40 -4.11 12.06
C ILE D 143 34.05 -2.74 12.21
N GLN D 144 33.28 -1.69 11.88
CA GLN D 144 33.78 -0.31 11.76
C GLN D 144 34.01 0.26 13.15
N GLU D 145 33.58 -0.51 14.14
CA GLU D 145 33.94 -0.26 15.52
C GLU D 145 35.29 -0.92 15.90
N GLY D 146 35.93 -1.60 14.95
CA GLY D 146 37.23 -2.20 15.20
C GLY D 146 37.13 -3.63 15.70
N ASN D 147 36.07 -4.30 15.25
CA ASN D 147 35.80 -5.66 15.58
C ASN D 147 36.09 -6.47 14.33
N ASN D 148 37.14 -7.28 14.38
CA ASN D 148 37.38 -8.14 13.29
C ASN D 148 36.34 -9.31 13.30
N ILE D 149 35.18 -9.03 12.72
CA ILE D 149 34.15 -10.05 12.58
C ILE D 149 34.57 -10.97 11.46
N LYS D 150 34.91 -12.22 11.80
CA LYS D 150 35.30 -13.21 10.79
C LYS D 150 34.28 -14.35 10.62
N LEU D 151 33.47 -14.58 11.65
CA LEU D 151 32.39 -15.53 11.53
C LEU D 151 30.99 -14.89 11.69
N VAL D 152 30.11 -15.10 10.71
CA VAL D 152 28.72 -14.75 10.89
C VAL D 152 27.79 -15.96 10.82
N VAL D 153 26.97 -16.07 11.87
CA VAL D 153 25.93 -17.06 12.05
C VAL D 153 24.49 -16.44 12.05
N ILE D 154 23.64 -16.99 11.20
CA ILE D 154 22.21 -16.67 11.17
C ILE D 154 21.45 -17.94 11.53
N ASP D 155 20.90 -18.02 12.74
CA ASP D 155 20.29 -19.24 13.24
C ASP D 155 18.98 -18.87 13.92
N SER D 156 17.88 -19.00 13.20
CA SER D 156 17.83 -19.57 11.86
C SER D 156 17.62 -18.51 10.79
N LEU D 157 17.70 -18.95 9.54
CA LEU D 157 17.55 -18.05 8.42
C LEU D 157 16.08 -17.65 8.14
N THR D 158 15.14 -18.59 8.27
CA THR D 158 13.77 -18.41 7.81
C THR D 158 12.70 -18.49 8.93
N SER D 159 13.09 -18.73 10.18
CA SER D 159 12.12 -18.94 11.25
C SER D 159 11.11 -17.75 11.39
N THR D 160 11.65 -16.54 11.41
CA THR D 160 10.88 -15.34 11.56
C THR D 160 9.98 -15.11 10.36
N PHE D 161 10.55 -15.28 9.16
CA PHE D 161 9.85 -15.03 7.92
C PHE D 161 8.59 -15.86 7.81
N ARG D 162 8.69 -17.10 8.27
CA ARG D 162 7.58 -18.00 8.13
C ARG D 162 6.62 -17.94 9.33
N ASN D 163 7.04 -17.36 10.44
CA ASN D 163 6.10 -17.04 11.50
C ASN D 163 5.33 -15.80 11.13
N GLU D 164 5.95 -14.93 10.33
CA GLU D 164 5.34 -13.68 9.96
C GLU D 164 4.43 -13.84 8.75
N TYR D 165 4.94 -14.48 7.71
CA TYR D 165 4.16 -14.70 6.48
C TYR D 165 3.58 -16.10 6.43
N THR D 166 2.31 -16.14 6.78
CA THR D 166 1.48 -17.32 6.83
C THR D 166 0.32 -16.93 5.91
N GLY D 167 -0.01 -17.82 4.99
CA GLY D 167 -1.09 -17.57 4.05
C GLY D 167 -0.57 -16.92 2.79
N ARG D 168 -0.68 -17.66 1.67
CA ARG D 168 -0.06 -17.33 0.37
C ARG D 168 -0.40 -15.95 -0.26
N GLY D 169 -1.06 -15.08 0.51
CA GLY D 169 -1.41 -13.73 0.05
C GLY D 169 -0.34 -12.68 0.25
N LYS D 170 0.90 -13.12 0.51
CA LYS D 170 1.99 -12.20 0.87
C LYS D 170 3.41 -12.72 0.58
N LEU D 171 3.49 -13.92 0.04
CA LEU D 171 4.76 -14.57 -0.34
C LEU D 171 5.79 -13.65 -1.02
N ALA D 172 5.29 -12.79 -1.90
CA ALA D 172 6.11 -12.00 -2.78
C ALA D 172 6.88 -10.92 -2.06
N GLU D 173 6.42 -10.55 -0.87
CA GLU D 173 7.16 -9.60 -0.03
C GLU D 173 8.21 -10.32 0.82
N ARG D 174 7.81 -11.49 1.28
CA ARG D 174 8.65 -12.36 2.03
C ARG D 174 9.80 -12.82 1.12
N GLN D 175 9.48 -13.26 -0.10
CA GLN D 175 10.51 -13.61 -1.08
C GLN D 175 11.44 -12.41 -1.41
N GLN D 176 10.90 -11.20 -1.25
CA GLN D 176 11.67 -10.04 -1.58
C GLN D 176 12.55 -9.56 -0.43
N LYS D 177 12.01 -9.61 0.79
CA LYS D 177 12.82 -9.40 1.96
C LYS D 177 13.95 -10.45 2.00
N LEU D 178 13.57 -11.70 1.89
CA LEU D 178 14.52 -12.80 1.86
C LEU D 178 15.70 -12.53 0.91
N GLY D 179 15.40 -12.14 -0.34
CA GLY D 179 16.42 -11.76 -1.32
C GLY D 179 17.29 -10.60 -0.87
N ARG D 180 16.68 -9.61 -0.22
CA ARG D 180 17.44 -8.52 0.40
C ARG D 180 18.42 -9.11 1.41
N HIS D 181 17.91 -9.94 2.30
CA HIS D 181 18.70 -10.51 3.36
C HIS D 181 19.84 -11.38 2.85
N MET D 182 19.51 -12.36 2.03
CA MET D 182 20.48 -13.11 1.25
C MET D 182 21.53 -12.21 0.59
N ALA D 183 21.10 -11.10 0.00
CA ALA D 183 22.06 -10.13 -0.56
C ALA D 183 23.08 -9.59 0.47
N THR D 184 22.58 -8.91 1.50
CA THR D 184 23.43 -8.52 2.62
C THR D 184 24.35 -9.66 3.10
N LEU D 185 23.82 -10.87 3.25
CA LEU D 185 24.65 -11.92 3.83
C LEU D 185 25.84 -12.18 2.90
N ASN D 186 25.55 -12.33 1.62
CA ASN D 186 26.57 -12.42 0.62
C ASN D 186 27.50 -11.18 0.61
N LYS D 187 26.92 -10.00 0.84
CA LYS D 187 27.72 -8.78 0.81
C LYS D 187 28.85 -8.86 1.86
N LEU D 188 28.51 -9.21 3.08
CA LEU D 188 29.52 -9.13 4.08
C LEU D 188 30.46 -10.30 4.12
N ALA D 189 30.07 -11.47 3.62
CA ALA D 189 31.02 -12.58 3.36
C ALA D 189 32.12 -12.06 2.47
N ASP D 190 31.76 -11.43 1.36
CA ASP D 190 32.73 -10.98 0.37
C ASP D 190 33.57 -9.83 0.86
N LEU D 191 32.92 -8.77 1.28
CA LEU D 191 33.64 -7.54 1.44
C LEU D 191 34.27 -7.43 2.81
N PHE D 192 34.03 -8.38 3.68
CA PHE D 192 34.79 -8.47 4.94
C PHE D 192 35.47 -9.82 5.08
N ASN D 193 35.49 -10.56 3.97
CA ASN D 193 36.18 -11.82 3.85
C ASN D 193 35.88 -12.72 5.02
N CYS D 194 34.61 -12.95 5.31
CA CYS D 194 34.40 -13.90 6.38
C CYS D 194 33.47 -15.06 6.05
N VAL D 195 33.36 -16.02 6.98
CA VAL D 195 32.46 -17.14 6.77
C VAL D 195 31.06 -16.76 7.25
N VAL D 196 30.07 -17.05 6.40
CA VAL D 196 28.72 -16.80 6.73
C VAL D 196 28.02 -18.14 6.65
N LEU D 197 27.58 -18.58 7.84
CA LEU D 197 26.72 -19.74 8.05
C LEU D 197 25.28 -19.40 8.44
N VAL D 198 24.35 -20.16 7.87
CA VAL D 198 22.93 -20.03 8.09
C VAL D 198 22.35 -21.42 8.42
N THR D 199 21.41 -21.47 9.37
CA THR D 199 20.64 -22.70 9.60
C THR D 199 19.29 -22.53 8.92
N ASN D 200 18.74 -23.61 8.37
CA ASN D 200 17.42 -23.61 7.76
C ASN D 200 16.68 -24.86 8.14
N GLN D 201 15.37 -24.83 7.92
CA GLN D 201 14.44 -25.93 8.14
C GLN D 201 14.09 -26.57 6.78
N VAL D 202 13.39 -27.70 6.78
CA VAL D 202 12.94 -28.36 5.53
C VAL D 202 11.42 -28.53 5.41
N SER D 203 10.96 -29.03 4.26
CA SER D 203 9.58 -29.56 4.09
C SER D 203 9.43 -30.43 2.83
N ALA D 204 8.29 -31.14 2.72
CA ALA D 204 7.86 -31.76 1.46
C ALA D 204 7.25 -30.73 0.49
N ALA D 213 9.11 -33.79 -3.42
CA ALA D 213 8.62 -33.64 -2.06
C ALA D 213 9.75 -33.42 -1.03
N GLU D 214 10.81 -32.68 -1.41
CA GLU D 214 12.03 -32.47 -0.58
C GLU D 214 12.77 -31.14 -0.87
N GLN D 215 12.90 -30.25 0.12
CA GLN D 215 13.43 -28.88 -0.12
C GLN D 215 13.75 -28.11 1.18
N ALA D 216 14.65 -27.11 1.09
CA ALA D 216 14.96 -26.19 2.20
C ALA D 216 14.11 -24.92 2.08
N ILE D 217 13.54 -24.44 3.20
CA ILE D 217 12.68 -23.22 3.20
C ILE D 217 13.25 -21.92 2.53
N GLY D 218 12.41 -21.28 1.72
CA GLY D 218 12.74 -20.03 1.02
C GLY D 218 12.89 -20.20 -0.50
N GLY D 219 12.64 -21.42 -1.00
CA GLY D 219 12.62 -21.69 -2.45
C GLY D 219 13.92 -21.27 -3.08
N HIS D 220 13.93 -21.09 -4.40
CA HIS D 220 15.15 -20.70 -5.13
C HIS D 220 15.83 -19.38 -4.74
N ILE D 221 15.07 -18.44 -4.19
CA ILE D 221 15.63 -17.15 -3.81
C ILE D 221 16.85 -17.40 -2.92
N VAL D 222 16.66 -18.30 -1.95
CA VAL D 222 17.68 -18.72 -1.01
C VAL D 222 18.73 -19.65 -1.63
N GLY D 223 18.27 -20.62 -2.43
CA GLY D 223 19.14 -21.64 -2.98
C GLY D 223 20.15 -20.98 -3.91
N HIS D 224 19.66 -20.19 -4.87
CA HIS D 224 20.55 -19.45 -5.75
C HIS D 224 21.55 -18.61 -5.02
N ALA D 225 21.26 -18.27 -3.78
CA ALA D 225 22.08 -17.29 -3.10
C ALA D 225 23.01 -17.90 -2.05
N ALA D 226 22.92 -19.20 -1.86
CA ALA D 226 23.88 -19.91 -1.01
C ALA D 226 24.94 -20.60 -1.95
N THR D 227 26.22 -20.44 -1.63
CA THR D 227 27.31 -21.12 -2.34
C THR D 227 27.36 -22.63 -2.08
N PHE D 228 27.32 -23.01 -0.81
CA PHE D 228 27.36 -24.39 -0.31
C PHE D 228 26.10 -24.68 0.50
N ARG D 229 25.43 -25.78 0.16
CA ARG D 229 24.18 -26.15 0.82
C ARG D 229 24.30 -27.57 1.26
N PHE D 230 23.99 -27.81 2.54
CA PHE D 230 23.88 -29.16 3.08
C PHE D 230 22.44 -29.49 3.51
N PHE D 231 22.07 -30.78 3.52
CA PHE D 231 21.02 -31.31 4.43
C PHE D 231 21.64 -32.05 5.58
N VAL D 232 21.10 -31.86 6.78
CA VAL D 232 21.53 -32.68 7.90
C VAL D 232 20.46 -33.66 8.33
N ARG D 233 20.78 -34.96 8.23
CA ARG D 233 19.87 -36.00 8.71
C ARG D 233 20.41 -36.58 10.02
N LYS D 234 19.47 -36.91 10.89
CA LYS D 234 19.74 -37.57 12.15
C LYS D 234 19.95 -39.05 11.83
N GLY D 235 21.19 -39.54 11.97
CA GLY D 235 21.45 -40.98 11.92
C GLY D 235 21.11 -41.63 13.26
N LYS D 236 21.72 -42.80 13.52
CA LYS D 236 21.41 -43.56 14.75
C LYS D 236 21.96 -42.83 15.96
N GLY D 237 21.11 -42.61 16.98
CA GLY D 237 21.54 -42.04 18.27
C GLY D 237 22.13 -40.65 18.18
N ASP D 238 23.44 -40.56 18.34
CA ASP D 238 24.15 -39.28 18.25
C ASP D 238 24.98 -39.14 16.94
N LYS D 239 24.89 -40.08 16.02
CA LYS D 239 25.57 -39.82 14.74
C LYS D 239 24.69 -39.09 13.73
N ARG D 240 25.30 -38.22 12.95
CA ARG D 240 24.60 -37.38 11.96
C ARG D 240 25.24 -37.46 10.61
N VAL D 241 24.45 -37.18 9.59
CA VAL D 241 24.95 -37.21 8.22
C VAL D 241 24.70 -35.91 7.47
N ALA D 242 25.74 -35.43 6.77
CA ALA D 242 25.71 -34.16 6.09
C ALA D 242 25.68 -34.33 4.58
N LYS D 243 24.59 -33.94 3.94
CA LYS D 243 24.56 -34.18 2.51
C LYS D 243 24.82 -32.92 1.76
N LEU D 244 26.02 -32.77 1.22
CA LEU D 244 26.31 -31.64 0.38
C LEU D 244 25.78 -31.93 -1.00
N TYR D 245 24.91 -31.04 -1.49
CA TYR D 245 24.17 -31.24 -2.73
C TYR D 245 24.30 -30.08 -3.69
N ASP D 246 24.79 -28.96 -3.19
CA ASP D 246 25.11 -27.81 -4.02
C ASP D 246 26.46 -27.23 -3.64
N SER D 247 27.29 -26.96 -4.65
CA SER D 247 28.64 -26.36 -4.46
C SER D 247 29.16 -25.73 -5.75
N PRO D 248 29.93 -24.63 -5.62
CA PRO D 248 30.38 -23.89 -6.79
C PRO D 248 31.20 -24.75 -7.75
N HIS D 249 31.91 -25.75 -7.21
CA HIS D 249 32.71 -26.66 -8.03
C HIS D 249 32.76 -28.03 -7.40
N LEU D 250 32.76 -28.08 -6.07
CA LEU D 250 32.89 -29.33 -5.29
C LEU D 250 31.87 -30.45 -5.58
N PRO D 251 32.31 -31.72 -5.39
CA PRO D 251 31.42 -32.81 -5.82
C PRO D 251 30.45 -33.13 -4.70
N ASP D 252 29.41 -33.89 -4.98
CA ASP D 252 28.33 -34.03 -4.01
C ASP D 252 28.52 -35.21 -3.09
N ALA D 253 28.77 -34.96 -1.82
CA ALA D 253 29.16 -36.06 -0.92
C ALA D 253 28.48 -36.04 0.46
N GLU D 254 28.70 -37.13 1.22
CA GLU D 254 28.08 -37.36 2.54
C GLU D 254 29.12 -37.51 3.65
N ALA D 255 28.99 -36.70 4.69
CA ALA D 255 29.88 -36.82 5.81
C ALA D 255 29.09 -37.36 6.98
N ILE D 256 29.57 -38.43 7.59
CA ILE D 256 29.03 -38.81 8.89
C ILE D 256 29.94 -38.26 9.97
N PHE D 257 29.33 -37.88 11.09
CA PHE D 257 30.02 -37.33 12.27
C PHE D 257 29.07 -37.42 13.49
N ARG D 258 29.55 -37.01 14.66
CA ARG D 258 28.75 -37.11 15.87
C ARG D 258 28.74 -35.82 16.65
N ILE D 259 27.64 -35.60 17.39
CA ILE D 259 27.49 -34.51 18.34
C ILE D 259 27.42 -35.16 19.73
N THR D 260 28.46 -34.92 20.52
CA THR D 260 28.54 -35.48 21.86
C THR D 260 28.75 -34.31 22.79
N GLU D 261 28.97 -34.63 24.05
CA GLU D 261 29.31 -33.63 25.04
C GLU D 261 30.60 -32.90 24.67
N LYS D 262 31.49 -33.58 23.96
CA LYS D 262 32.70 -32.92 23.46
C LYS D 262 32.33 -31.81 22.48
N GLY D 263 31.21 -32.01 21.77
CA GLY D 263 30.81 -31.16 20.65
C GLY D 263 30.81 -31.96 19.38
N ILE D 264 31.35 -31.41 18.30
CA ILE D 264 31.36 -32.14 17.02
C ILE D 264 32.63 -33.01 16.88
N GLN D 265 32.47 -34.28 16.54
CA GLN D 265 33.64 -35.17 16.40
C GLN D 265 33.67 -36.25 15.31
N ASP D 266 34.87 -36.83 15.19
CA ASP D 266 35.23 -37.90 14.28
C ASP D 266 35.75 -37.36 12.93
N SER E 2 28.99 1.13 22.69
CA SER E 2 29.47 0.91 21.28
C SER E 2 28.66 -0.19 20.60
N HIS E 3 29.05 -1.44 20.84
CA HIS E 3 28.34 -2.62 20.37
C HIS E 3 27.05 -2.79 21.14
N MET E 4 27.08 -2.31 22.39
CA MET E 4 25.93 -2.18 23.29
C MET E 4 24.88 -1.26 22.65
N ASP E 5 25.33 -0.08 22.23
CA ASP E 5 24.55 0.90 21.48
C ASP E 5 23.88 0.27 20.23
N LEU E 6 24.60 -0.64 19.56
CA LEU E 6 24.11 -1.36 18.38
C LEU E 6 23.10 -2.52 18.61
N GLY E 7 22.97 -2.97 19.87
CA GLY E 7 22.07 -4.08 20.23
C GLY E 7 22.77 -5.43 20.39
N PHE E 8 24.10 -5.42 20.31
CA PHE E 8 24.89 -6.64 20.42
C PHE E 8 25.41 -6.77 21.86
N LYS E 9 25.39 -8.01 22.36
CA LYS E 9 25.96 -8.34 23.65
C LYS E 9 26.99 -9.44 23.39
N SER E 10 28.06 -9.47 24.19
CA SER E 10 29.02 -10.59 24.12
C SER E 10 28.56 -11.71 25.04
N GLY E 11 29.02 -12.91 24.75
CA GLY E 11 28.87 -14.02 25.67
C GLY E 11 29.20 -13.55 27.07
N ILE E 12 30.29 -12.83 27.25
CA ILE E 12 30.63 -12.50 28.60
C ILE E 12 29.63 -11.54 29.22
N ASP E 13 29.13 -10.58 28.44
CA ASP E 13 28.04 -9.70 28.92
C ASP E 13 26.78 -10.49 29.27
N LEU E 14 26.57 -11.61 28.56
CA LEU E 14 25.42 -12.48 28.80
C LEU E 14 25.46 -13.12 30.21
N LEU E 15 26.61 -13.67 30.61
CA LEU E 15 26.83 -14.12 32.00
C LEU E 15 26.83 -12.96 33.00
N LYS E 16 27.31 -11.80 32.58
CA LYS E 16 27.40 -10.65 33.49
C LYS E 16 26.00 -10.10 33.79
N GLN E 17 25.17 -10.03 32.75
CA GLN E 17 23.72 -9.90 32.90
C GLN E 17 23.19 -10.89 33.98
N ARG E 18 23.52 -12.17 33.77
CA ARG E 18 22.92 -13.30 34.45
C ARG E 18 23.14 -13.34 35.96
N SER E 19 23.92 -12.40 36.49
CA SER E 19 24.23 -12.35 37.92
C SER E 19 23.31 -11.36 38.63
N THR E 20 22.88 -10.36 37.88
CA THR E 20 22.07 -9.27 38.38
C THR E 20 20.56 -9.59 38.27
N VAL E 21 20.24 -10.83 37.86
CA VAL E 21 18.83 -11.21 37.78
C VAL E 21 18.27 -11.30 39.19
N TRP E 22 17.03 -10.84 39.35
CA TRP E 22 16.35 -10.92 40.66
C TRP E 22 14.96 -11.44 40.47
N LYS E 23 14.28 -11.70 41.59
CA LYS E 23 13.08 -12.52 41.55
C LYS E 23 11.98 -12.03 42.46
N LEU E 24 10.76 -12.06 41.93
CA LEU E 24 9.60 -11.57 42.66
C LEU E 24 8.64 -12.75 43.00
N SER E 25 8.35 -12.88 44.28
CA SER E 25 7.42 -13.87 44.75
C SER E 25 6.05 -13.57 44.19
N THR E 26 5.32 -14.65 43.97
CA THR E 26 3.93 -14.60 43.54
C THR E 26 2.97 -14.84 44.69
N SER E 27 3.48 -14.94 45.92
CA SER E 27 2.66 -15.36 47.08
C SER E 27 2.11 -16.78 47.05
N SER E 28 2.52 -17.60 46.12
CA SER E 28 2.22 -19.01 46.22
C SER E 28 3.53 -19.75 46.24
N SER E 29 3.63 -20.61 47.24
CA SER E 29 4.84 -21.36 47.51
C SER E 29 5.14 -22.28 46.35
N GLU E 30 4.06 -22.90 45.87
CA GLU E 30 4.19 -23.90 44.85
C GLU E 30 4.56 -23.26 43.53
N LEU E 31 3.96 -22.11 43.29
CA LEU E 31 4.26 -21.40 42.08
C LEU E 31 5.67 -20.80 42.11
N ASP E 32 6.10 -20.33 43.28
CA ASP E 32 7.47 -19.81 43.41
C ASP E 32 8.46 -20.96 43.23
N SER E 33 8.10 -22.11 43.76
CA SER E 33 8.92 -23.30 43.69
C SER E 33 9.17 -23.67 42.23
N VAL E 34 8.09 -23.85 41.48
CA VAL E 34 8.13 -24.19 40.06
C VAL E 34 8.93 -23.17 39.26
N LEU E 35 8.82 -21.93 39.73
CA LEU E 35 9.49 -20.83 39.10
C LEU E 35 10.98 -20.79 39.38
N GLY E 36 11.41 -21.52 40.41
CA GLY E 36 12.80 -21.48 40.85
C GLY E 36 13.07 -20.28 41.72
N GLY E 37 12.09 -19.89 42.52
CA GLY E 37 12.26 -18.79 43.46
C GLY E 37 11.26 -17.67 43.22
N GLY E 38 10.85 -17.51 41.96
CA GLY E 38 9.83 -16.52 41.62
C GLY E 38 9.96 -15.94 40.22
N LEU E 39 9.13 -14.94 39.95
CA LEU E 39 9.16 -14.29 38.67
C LEU E 39 10.50 -13.64 38.49
N GLU E 40 11.23 -14.02 37.44
CA GLU E 40 12.57 -13.48 37.17
C GLU E 40 12.58 -12.15 36.41
N SER E 41 13.51 -11.27 36.74
CA SER E 41 13.77 -10.11 35.91
C SER E 41 14.56 -10.52 34.65
N GLN E 42 14.60 -9.62 33.67
CA GLN E 42 15.35 -9.86 32.42
C GLN E 42 14.80 -10.96 31.54
N SER E 43 13.56 -11.34 31.86
CA SER E 43 12.81 -12.32 31.08
C SER E 43 11.39 -11.84 30.95
N VAL E 44 10.76 -12.26 29.86
CA VAL E 44 9.31 -12.09 29.65
C VAL E 44 8.61 -13.37 30.15
N THR E 45 7.59 -13.18 30.97
CA THR E 45 6.88 -14.32 31.55
C THR E 45 5.43 -14.26 31.14
N GLU E 46 4.96 -15.32 30.46
CA GLU E 46 3.60 -15.37 29.89
C GLU E 46 2.70 -16.23 30.75
N PHE E 47 1.53 -15.69 31.06
CA PHE E 47 0.46 -16.50 31.64
C PHE E 47 -0.68 -16.56 30.65
N ALA E 48 -0.91 -17.74 30.09
CA ALA E 48 -1.97 -17.98 29.08
C ALA E 48 -3.08 -18.82 29.70
N GLY E 49 -4.31 -18.61 29.29
CA GLY E 49 -5.46 -19.40 29.81
C GLY E 49 -6.81 -18.68 29.62
N VAL E 50 -7.90 -19.37 29.92
CA VAL E 50 -9.23 -18.80 29.67
C VAL E 50 -9.51 -17.67 30.64
N PHE E 51 -10.49 -16.85 30.24
CA PHE E 51 -11.03 -15.86 31.14
C PHE E 51 -11.39 -16.48 32.47
N GLY E 52 -10.99 -15.82 33.55
CA GLY E 52 -11.23 -16.34 34.86
C GLY E 52 -10.19 -17.30 35.36
N SER E 53 -9.17 -17.60 34.58
CA SER E 53 -8.13 -18.53 35.09
C SER E 53 -7.13 -17.93 36.10
N GLY E 54 -7.28 -16.63 36.41
CA GLY E 54 -6.41 -15.94 37.37
C GLY E 54 -5.26 -15.06 36.88
N LYS E 55 -5.16 -14.86 35.57
CA LYS E 55 -4.02 -14.12 35.02
C LYS E 55 -4.03 -12.68 35.53
N THR E 56 -5.19 -12.04 35.51
CA THR E 56 -5.26 -10.69 36.01
C THR E 56 -4.91 -10.58 37.51
N GLN E 57 -5.42 -11.54 38.31
CA GLN E 57 -5.06 -11.69 39.71
C GLN E 57 -3.58 -11.78 39.97
N ILE E 58 -2.84 -12.48 39.12
CA ILE E 58 -1.39 -12.62 39.33
C ILE E 58 -0.73 -11.30 38.99
N MET E 59 -1.25 -10.59 37.98
CA MET E 59 -0.71 -9.26 37.62
C MET E 59 -0.89 -8.29 38.78
N HIS E 60 -2.09 -8.26 39.35
CA HIS E 60 -2.37 -7.41 40.51
C HIS E 60 -1.47 -7.77 41.69
N GLN E 61 -1.43 -9.06 42.05
CA GLN E 61 -0.59 -9.48 43.16
C GLN E 61 0.84 -9.10 42.90
N SER E 62 1.27 -9.11 41.64
CA SER E 62 2.67 -8.72 41.39
C SER E 62 2.92 -7.23 41.71
N CYS E 63 1.87 -6.43 41.58
CA CYS E 63 1.97 -5.00 41.87
C CYS E 63 2.08 -4.74 43.35
N VAL E 64 1.42 -5.57 44.14
CA VAL E 64 1.39 -5.45 45.59
C VAL E 64 2.71 -5.97 46.13
N ASN E 65 3.07 -7.19 45.76
CA ASN E 65 4.33 -7.78 46.18
C ASN E 65 5.59 -6.99 45.89
N LEU E 66 5.58 -6.09 44.90
CA LEU E 66 6.82 -5.36 44.55
C LEU E 66 7.21 -4.41 45.66
N GLN E 67 6.18 -3.77 46.21
CA GLN E 67 6.26 -2.90 47.39
C GLN E 67 6.44 -3.70 48.69
N ASN E 68 7.32 -4.69 48.69
CA ASN E 68 7.61 -5.38 49.91
C ASN E 68 9.01 -5.92 49.73
N PRO E 69 9.97 -5.29 50.43
CA PRO E 69 11.37 -5.57 50.15
C PRO E 69 11.64 -7.06 50.31
N GLU E 70 11.03 -7.68 51.33
CA GLU E 70 11.16 -9.12 51.56
C GLU E 70 10.58 -10.01 50.45
N PHE E 71 9.96 -9.44 49.42
CA PHE E 71 9.42 -10.28 48.35
C PHE E 71 10.29 -10.28 47.10
N LEU E 72 11.38 -9.52 47.13
CA LEU E 72 12.35 -9.49 46.03
C LEU E 72 13.63 -10.22 46.43
N PHE E 73 13.94 -11.29 45.71
CA PHE E 73 15.11 -12.09 46.02
C PHE E 73 16.19 -11.78 45.00
N TYR E 74 17.36 -11.34 45.50
CA TYR E 74 18.50 -10.94 44.65
C TYR E 74 19.81 -11.27 45.33
N ASP E 75 20.91 -11.18 44.57
CA ASP E 75 22.24 -11.37 45.14
C ASP E 75 22.77 -10.04 45.67
N GLU E 76 22.96 -9.96 46.99
CA GLU E 76 23.51 -8.78 47.65
C GLU E 76 24.89 -8.44 47.09
N GLU E 77 25.70 -9.47 46.88
CA GLU E 77 27.04 -9.32 46.28
C GLU E 77 27.01 -8.98 44.78
N ALA E 78 25.83 -9.04 44.18
CA ALA E 78 25.68 -8.80 42.73
C ALA E 78 24.77 -7.60 42.36
N VAL E 79 23.67 -7.43 43.11
CA VAL E 79 22.71 -6.36 42.86
C VAL E 79 22.70 -5.38 44.03
N SER E 80 23.07 -4.13 43.72
CA SER E 80 23.05 -3.03 44.69
C SER E 80 21.73 -2.94 45.43
N LYS E 81 21.78 -2.64 46.74
CA LYS E 81 20.54 -2.44 47.53
C LYS E 81 19.71 -1.30 46.95
N GLY E 82 20.39 -0.39 46.26
CA GLY E 82 19.77 0.77 45.64
C GLY E 82 19.05 0.52 44.32
N GLU E 83 19.59 -0.33 43.46
CA GLU E 83 18.98 -0.58 42.13
C GLU E 83 17.52 -1.05 42.25
N VAL E 84 17.19 -1.65 43.39
CA VAL E 84 15.86 -2.21 43.59
C VAL E 84 14.98 -1.46 44.59
N ALA E 85 15.42 -0.27 45.01
CA ALA E 85 14.68 0.59 45.96
C ALA E 85 13.74 1.59 45.29
N GLN E 86 12.65 1.92 45.99
CA GLN E 86 11.51 2.68 45.46
C GLN E 86 10.96 2.16 44.15
N PRO E 87 10.80 0.84 44.10
CA PRO E 87 10.42 0.13 42.89
C PRO E 87 9.02 0.50 42.41
N LYS E 88 8.89 0.81 41.12
CA LYS E 88 7.58 1.06 40.56
C LYS E 88 7.17 0.03 39.51
N ALA E 89 5.89 -0.17 39.38
CA ALA E 89 5.34 -1.00 38.33
C ALA E 89 4.59 -0.17 37.30
N VAL E 90 4.61 -0.66 36.07
CA VAL E 90 3.74 -0.16 35.00
C VAL E 90 2.70 -1.25 34.66
N TYR E 91 1.45 -0.86 34.58
CA TYR E 91 0.38 -1.82 34.29
C TYR E 91 -0.35 -1.33 33.08
N ILE E 92 -0.02 -1.87 31.92
CA ILE E 92 -0.68 -1.48 30.66
C ILE E 92 -1.93 -2.31 30.56
N ASP E 93 -3.08 -1.64 30.67
CA ASP E 93 -4.35 -2.31 30.85
C ASP E 93 -5.18 -2.17 29.57
N THR E 94 -5.48 -3.32 28.99
CA THR E 94 -5.82 -3.41 27.56
C THR E 94 -7.29 -3.70 27.33
N GLU E 95 -7.91 -4.20 28.36
CA GLU E 95 -9.34 -4.42 28.33
C GLU E 95 -10.03 -3.78 29.55
N GLY E 96 -9.31 -3.02 30.38
CA GLY E 96 -9.91 -2.43 31.56
C GLY E 96 -9.96 -3.36 32.78
N THR E 97 -8.90 -4.13 33.00
CA THR E 97 -8.92 -5.14 34.06
C THR E 97 -8.43 -4.59 35.40
N PHE E 98 -7.79 -3.43 35.36
CA PHE E 98 -7.18 -2.86 36.57
C PHE E 98 -8.22 -2.39 37.59
N ARG E 99 -8.17 -3.03 38.76
CA ARG E 99 -9.05 -2.71 39.89
C ARG E 99 -8.22 -2.20 41.07
N PRO E 100 -8.28 -0.86 41.35
CA PRO E 100 -7.54 -0.36 42.52
C PRO E 100 -8.10 -0.93 43.83
N GLU E 101 -9.40 -1.18 43.87
CA GLU E 101 -10.03 -1.80 45.05
C GLU E 101 -9.37 -3.17 45.33
N ARG E 102 -9.06 -3.90 44.26
CA ARG E 102 -8.42 -5.19 44.36
C ARG E 102 -6.98 -5.07 44.86
N ILE E 103 -6.33 -3.97 44.50
CA ILE E 103 -4.99 -3.67 44.98
C ILE E 103 -5.03 -3.50 46.50
N MET E 104 -5.86 -2.55 46.96
CA MET E 104 -6.15 -2.31 48.39
C MET E 104 -6.23 -3.62 49.18
N GLN E 105 -7.25 -4.41 48.82
CA GLN E 105 -7.55 -5.68 49.43
C GLN E 105 -6.29 -6.55 49.60
N MET E 106 -5.52 -6.70 48.54
CA MET E 106 -4.33 -7.52 48.54
C MET E 106 -3.25 -6.99 49.47
N ALA E 107 -3.08 -5.66 49.46
CA ALA E 107 -2.02 -5.02 50.27
C ALA E 107 -2.35 -5.10 51.74
N GLU E 108 -3.61 -4.82 52.06
CA GLU E 108 -4.12 -4.94 53.40
C GLU E 108 -3.71 -6.32 53.88
N HIS E 109 -4.40 -7.33 53.40
CA HIS E 109 -4.06 -8.73 53.71
C HIS E 109 -2.56 -9.03 53.71
N ALA E 110 -1.81 -8.56 52.72
CA ALA E 110 -0.38 -8.86 52.67
C ALA E 110 0.41 -8.05 53.70
N GLY E 111 -0.29 -7.19 54.44
CA GLY E 111 0.34 -6.25 55.36
C GLY E 111 1.18 -5.15 54.70
N ILE E 112 0.75 -4.70 53.54
CA ILE E 112 1.48 -3.70 52.79
C ILE E 112 0.58 -2.48 52.80
N ASP E 113 1.15 -1.30 52.64
CA ASP E 113 0.29 -0.12 52.48
C ASP E 113 -0.31 -0.06 51.04
N GLY E 114 -1.62 -0.27 50.93
CA GLY E 114 -2.33 -0.22 49.66
C GLY E 114 -2.10 1.09 48.94
N GLN E 115 -2.16 2.17 49.71
CA GLN E 115 -1.85 3.52 49.26
C GLN E 115 -0.48 3.61 48.58
N THR E 116 0.53 3.04 49.23
CA THR E 116 1.87 3.07 48.67
C THR E 116 1.83 2.41 47.31
N VAL E 117 1.36 1.16 47.28
CA VAL E 117 1.18 0.38 46.04
C VAL E 117 0.61 1.30 44.95
N LEU E 118 -0.56 1.84 45.25
CA LEU E 118 -1.31 2.60 44.29
C LEU E 118 -0.49 3.77 43.75
N ASP E 119 0.49 4.16 44.54
CA ASP E 119 1.24 5.35 44.23
C ASP E 119 2.47 5.04 43.39
N ASN E 120 2.92 3.78 43.43
CA ASN E 120 4.00 3.32 42.57
C ASN E 120 3.57 2.27 41.55
N THR E 121 2.29 2.35 41.17
CA THR E 121 1.76 1.62 40.02
C THR E 121 1.16 2.59 39.02
N PHE E 122 1.84 2.76 37.89
CA PHE E 122 1.37 3.59 36.80
C PHE E 122 0.55 2.71 35.88
N VAL E 123 -0.67 3.15 35.60
CA VAL E 123 -1.60 2.39 34.79
C VAL E 123 -1.74 3.09 33.46
N ALA E 124 -1.62 2.35 32.37
CA ALA E 124 -1.74 2.98 31.05
C ALA E 124 -2.88 2.28 30.37
N ARG E 125 -3.99 2.99 30.19
CA ARG E 125 -5.15 2.36 29.53
C ARG E 125 -4.99 2.40 28.01
N ALA E 126 -5.01 1.22 27.39
CA ALA E 126 -4.73 1.06 25.93
C ALA E 126 -5.96 0.46 25.22
N TYR E 127 -6.48 1.21 24.26
CA TYR E 127 -7.70 0.81 23.54
C TYR E 127 -7.38 0.13 22.21
N ASN E 128 -6.11 0.19 21.81
CA ASN E 128 -5.66 -0.48 20.60
C ASN E 128 -4.17 -0.70 20.57
N SER E 129 -3.77 -1.61 19.70
CA SER E 129 -2.36 -2.02 19.57
C SER E 129 -1.38 -0.88 19.43
N ASP E 130 -1.65 0.11 18.58
CA ASP E 130 -0.79 1.31 18.64
C ASP E 130 -0.61 1.85 20.06
N MET E 131 -1.69 2.17 20.77
CA MET E 131 -1.57 2.74 22.14
C MET E 131 -0.79 1.78 23.04
N GLN E 132 -1.19 0.49 23.01
CA GLN E 132 -0.49 -0.57 23.78
C GLN E 132 0.99 -0.58 23.47
N MET E 133 1.33 -0.60 22.18
CA MET E 133 2.76 -0.67 21.77
C MET E 133 3.56 0.56 22.14
N LEU E 134 2.87 1.70 22.14
CA LEU E 134 3.54 2.96 22.30
C LEU E 134 3.85 3.15 23.75
N PHE E 135 2.90 2.81 24.62
CA PHE E 135 3.03 2.90 26.09
C PHE E 135 4.22 2.08 26.57
N ALA E 136 4.35 0.89 26.00
CA ALA E 136 5.53 0.08 26.28
C ALA E 136 6.85 0.80 25.96
N GLU E 137 6.94 1.49 24.82
CA GLU E 137 8.19 2.23 24.46
C GLU E 137 8.37 3.44 25.38
N LYS E 138 7.27 4.11 25.70
CA LYS E 138 7.31 5.18 26.70
C LYS E 138 7.78 4.73 28.09
N ILE E 139 7.90 3.43 28.31
CA ILE E 139 8.50 3.04 29.59
C ILE E 139 9.92 3.59 29.66
N GLU E 140 10.69 3.45 28.59
CA GLU E 140 12.01 4.10 28.50
C GLU E 140 11.95 5.54 29.01
N ASP E 141 10.89 6.25 28.62
CA ASP E 141 10.74 7.65 28.99
C ASP E 141 10.44 7.74 30.47
N LEU E 142 9.54 6.91 31.00
CA LEU E 142 9.25 6.90 32.45
C LEU E 142 10.48 6.72 33.34
N ILE E 143 11.43 5.90 32.87
CA ILE E 143 12.68 5.65 33.61
C ILE E 143 13.71 6.74 33.38
N GLN E 144 13.54 7.49 32.29
CA GLN E 144 14.42 8.63 32.02
C GLN E 144 14.12 9.72 33.03
N GLU E 145 12.83 9.92 33.35
CA GLU E 145 12.40 10.82 34.42
C GLU E 145 12.92 10.37 35.78
N GLY E 146 13.30 9.11 35.90
CA GLY E 146 14.01 8.62 37.06
C GLY E 146 13.20 7.72 37.97
N ASN E 147 12.12 7.15 37.43
CA ASN E 147 11.31 6.16 38.12
C ASN E 147 11.92 4.77 38.03
N ASN E 148 12.14 4.13 39.18
CA ASN E 148 12.57 2.74 39.25
C ASN E 148 11.47 1.77 38.80
N ILE E 149 11.36 1.58 37.49
CA ILE E 149 10.39 0.68 36.93
C ILE E 149 11.04 -0.68 37.12
N LYS E 150 10.42 -1.55 37.91
CA LYS E 150 11.01 -2.83 38.19
C LYS E 150 10.01 -3.95 37.87
N LEU E 151 8.87 -3.55 37.34
CA LEU E 151 7.79 -4.46 37.01
C LEU E 151 6.92 -3.87 35.87
N VAL E 152 6.76 -4.64 34.83
CA VAL E 152 5.95 -4.25 33.70
C VAL E 152 4.90 -5.33 33.42
N VAL E 153 3.65 -4.89 33.45
CA VAL E 153 2.50 -5.73 33.18
C VAL E 153 1.89 -5.34 31.80
N ILE E 154 1.43 -6.36 31.11
CA ILE E 154 0.78 -6.21 29.83
C ILE E 154 -0.36 -7.15 29.99
N ASP E 155 -1.54 -6.59 30.17
CA ASP E 155 -2.68 -7.39 30.45
C ASP E 155 -3.80 -6.73 29.71
N SER E 156 -4.09 -7.23 28.50
CA SER E 156 -3.44 -8.45 27.97
C SER E 156 -2.57 -8.24 26.74
N LEU E 157 -1.75 -9.23 26.44
CA LEU E 157 -0.74 -9.11 25.38
C LEU E 157 -1.35 -8.90 24.00
N THR E 158 -2.34 -9.75 23.66
CA THR E 158 -2.86 -9.86 22.29
C THR E 158 -4.31 -9.48 22.04
N SER E 159 -5.06 -9.13 23.08
CA SER E 159 -6.46 -8.77 22.88
C SER E 159 -6.68 -7.75 21.70
N THR E 160 -5.89 -6.68 21.67
CA THR E 160 -5.98 -5.65 20.64
C THR E 160 -5.69 -6.19 19.25
N PHE E 161 -4.61 -6.96 19.15
CA PHE E 161 -4.22 -7.49 17.86
C PHE E 161 -5.29 -8.36 17.27
N ARG E 162 -5.91 -9.20 18.08
CA ARG E 162 -6.87 -10.08 17.51
C ARG E 162 -8.20 -9.38 17.28
N ASN E 163 -8.36 -8.17 17.82
CA ASN E 163 -9.56 -7.39 17.50
C ASN E 163 -9.34 -6.53 16.30
N GLU E 164 -8.10 -6.18 16.05
CA GLU E 164 -7.80 -5.38 14.91
C GLU E 164 -7.69 -6.21 13.63
N TYR E 165 -7.37 -7.51 13.77
CA TYR E 165 -7.15 -8.41 12.61
C TYR E 165 -8.04 -9.61 12.67
N THR E 166 -9.01 -9.56 11.80
CA THR E 166 -10.06 -10.54 11.72
C THR E 166 -10.04 -10.78 10.21
N GLY E 167 -9.92 -12.04 9.82
CA GLY E 167 -9.84 -12.36 8.41
C GLY E 167 -8.44 -12.15 7.90
N ARG E 168 -7.97 -13.16 7.16
CA ARG E 168 -6.58 -13.32 6.69
C ARG E 168 -5.94 -12.14 5.92
N GLY E 169 -6.75 -11.11 5.63
CA GLY E 169 -6.28 -9.91 4.91
C GLY E 169 -4.90 -9.41 5.32
N LYS E 170 -4.82 -8.87 6.55
CA LYS E 170 -3.61 -8.17 7.03
C LYS E 170 -2.76 -8.95 8.02
N LEU E 171 -2.95 -10.27 8.06
CA LEU E 171 -2.32 -11.12 9.06
C LEU E 171 -0.79 -11.00 9.23
N ALA E 172 -0.09 -10.74 8.13
CA ALA E 172 1.34 -10.55 8.14
C ALA E 172 1.80 -9.29 8.91
N GLU E 173 1.16 -8.15 8.67
CA GLU E 173 1.40 -6.95 9.50
C GLU E 173 1.23 -7.26 11.02
N ARG E 174 0.05 -7.73 11.41
CA ARG E 174 -0.22 -8.22 12.74
C ARG E 174 0.94 -9.02 13.33
N GLN E 175 1.34 -10.11 12.64
CA GLN E 175 2.46 -10.96 13.10
C GLN E 175 3.76 -10.18 13.26
N GLN E 176 4.01 -9.18 12.43
CA GLN E 176 5.28 -8.46 12.61
C GLN E 176 5.16 -7.40 13.70
N LYS E 177 4.01 -6.71 13.73
CA LYS E 177 3.70 -5.74 14.79
C LYS E 177 3.86 -6.38 16.15
N LEU E 178 3.37 -7.60 16.25
CA LEU E 178 3.54 -8.41 17.41
C LEU E 178 5.00 -8.67 17.72
N GLY E 179 5.79 -9.03 16.70
CA GLY E 179 7.20 -9.35 16.92
C GLY E 179 7.89 -8.10 17.41
N ARG E 180 7.46 -6.95 16.89
CA ARG E 180 8.08 -5.66 17.23
C ARG E 180 7.80 -5.33 18.66
N HIS E 181 6.53 -5.54 19.06
CA HIS E 181 6.13 -5.47 20.46
C HIS E 181 6.80 -6.44 21.39
N MET E 182 7.00 -7.67 20.95
CA MET E 182 7.78 -8.61 21.77
C MET E 182 9.22 -8.18 22.02
N ALA E 183 9.84 -7.56 21.02
CA ALA E 183 11.21 -7.01 21.15
C ALA E 183 11.28 -5.93 22.21
N THR E 184 10.42 -4.91 22.10
CA THR E 184 10.39 -3.87 23.14
C THR E 184 10.24 -4.44 24.55
N LEU E 185 9.31 -5.37 24.71
CA LEU E 185 9.14 -6.04 25.98
C LEU E 185 10.45 -6.72 26.46
N ASN E 186 11.04 -7.55 25.59
CA ASN E 186 12.29 -8.19 25.94
C ASN E 186 13.37 -7.13 26.13
N LYS E 187 13.44 -6.16 25.23
CA LYS E 187 14.45 -5.11 25.35
C LYS E 187 14.39 -4.47 26.75
N LEU E 188 13.22 -3.96 27.13
CA LEU E 188 13.06 -3.39 28.49
C LEU E 188 13.18 -4.32 29.71
N ALA E 189 13.06 -5.63 29.53
CA ALA E 189 13.32 -6.53 30.66
C ALA E 189 14.82 -6.59 30.90
N ASP E 190 15.55 -6.64 29.80
CA ASP E 190 16.98 -6.83 29.82
C ASP E 190 17.70 -5.57 30.25
N LEU E 191 17.59 -4.55 29.40
CA LEU E 191 18.24 -3.27 29.62
C LEU E 191 17.93 -2.60 30.98
N PHE E 192 16.71 -2.79 31.49
CA PHE E 192 16.36 -2.17 32.74
C PHE E 192 16.19 -3.17 33.85
N ASN E 193 16.55 -4.42 33.59
CA ASN E 193 16.55 -5.44 34.64
C ASN E 193 15.25 -5.37 35.43
N CYS E 194 14.14 -5.41 34.71
CA CYS E 194 12.89 -5.61 35.42
C CYS E 194 12.18 -6.90 34.99
N VAL E 195 11.17 -7.27 35.76
CA VAL E 195 10.38 -8.41 35.36
C VAL E 195 9.25 -7.88 34.52
N VAL E 196 8.99 -8.64 33.45
CA VAL E 196 7.94 -8.36 32.49
C VAL E 196 7.00 -9.56 32.41
N LEU E 197 5.72 -9.31 32.75
CA LEU E 197 4.64 -10.31 32.77
C LEU E 197 3.61 -10.00 31.68
N VAL E 198 3.19 -10.99 30.91
CA VAL E 198 2.21 -10.76 29.86
C VAL E 198 1.12 -11.76 30.08
N THR E 199 -0.14 -11.34 29.98
CA THR E 199 -1.23 -12.31 30.03
C THR E 199 -1.68 -12.52 28.61
N ASN E 200 -2.21 -13.71 28.32
CA ASN E 200 -2.65 -14.06 27.00
C ASN E 200 -3.83 -15.05 27.07
N GLN E 201 -4.54 -15.15 25.96
CA GLN E 201 -5.57 -16.15 25.74
C GLN E 201 -5.06 -17.45 25.03
N VAL E 202 -5.88 -18.50 25.08
CA VAL E 202 -5.61 -19.76 24.34
C VAL E 202 -6.60 -20.03 23.18
N SER E 203 -6.21 -20.98 22.31
CA SER E 203 -7.06 -21.49 21.23
C SER E 203 -6.66 -22.91 20.84
N ALA E 204 -7.62 -23.67 20.29
CA ALA E 204 -7.44 -25.08 19.90
C ALA E 204 -7.57 -25.26 18.39
N ALA E 213 -4.96 -29.70 19.93
CA ALA E 213 -5.97 -28.77 20.44
C ALA E 213 -5.43 -27.97 21.66
N GLU E 214 -4.28 -27.31 21.48
CA GLU E 214 -3.55 -26.62 22.58
C GLU E 214 -2.49 -25.52 22.23
N GLN E 215 -2.86 -24.22 22.34
CA GLN E 215 -1.91 -23.11 22.02
C GLN E 215 -2.22 -21.68 22.59
N ALA E 216 -1.18 -20.88 22.82
CA ALA E 216 -1.32 -19.47 23.21
C ALA E 216 -1.37 -18.60 21.95
N ILE E 217 -2.25 -17.58 21.98
CA ILE E 217 -2.44 -16.69 20.81
C ILE E 217 -1.15 -15.94 20.44
N GLY E 218 -0.96 -15.72 19.13
CA GLY E 218 0.21 -15.03 18.58
C GLY E 218 1.21 -16.01 18.04
N GLY E 219 0.82 -17.28 17.97
CA GLY E 219 1.64 -18.32 17.41
C GLY E 219 3.04 -18.34 18.02
N HIS E 220 4.02 -18.67 17.19
CA HIS E 220 5.39 -18.92 17.65
C HIS E 220 6.18 -17.62 17.78
N ILE E 221 5.68 -16.59 17.08
CA ILE E 221 6.21 -15.25 17.15
C ILE E 221 6.23 -14.78 18.61
N VAL E 222 5.13 -15.01 19.32
CA VAL E 222 5.11 -14.80 20.77
C VAL E 222 5.92 -15.86 21.49
N GLY E 223 5.87 -17.10 21.03
CA GLY E 223 6.41 -18.23 21.78
C GLY E 223 7.89 -18.11 22.00
N HIS E 224 8.64 -18.08 20.90
CA HIS E 224 10.10 -17.89 20.98
C HIS E 224 10.50 -16.68 21.79
N ALA E 225 9.69 -15.61 21.73
CA ALA E 225 9.90 -14.37 22.50
C ALA E 225 9.67 -14.40 24.01
N ALA E 226 9.05 -15.45 24.56
CA ALA E 226 8.82 -15.50 26.01
C ALA E 226 9.64 -16.56 26.68
N THR E 227 10.38 -16.15 27.71
CA THR E 227 11.32 -17.04 28.35
C THR E 227 10.66 -18.03 29.30
N PHE E 228 9.69 -17.58 30.11
CA PHE E 228 8.83 -18.54 30.87
C PHE E 228 7.44 -18.51 30.33
N ARG E 229 6.90 -19.69 30.09
CA ARG E 229 5.52 -19.77 29.65
C ARG E 229 4.68 -20.69 30.52
N PHE E 230 3.52 -20.21 30.94
CA PHE E 230 2.57 -21.03 31.68
C PHE E 230 1.26 -21.08 30.94
N PHE E 231 0.56 -22.18 31.13
CA PHE E 231 -0.88 -22.26 30.90
C PHE E 231 -1.51 -22.32 32.27
N VAL E 232 -2.50 -21.47 32.54
CA VAL E 232 -3.19 -21.54 33.79
C VAL E 232 -4.58 -22.16 33.68
N ARG E 233 -4.78 -23.27 34.37
CA ARG E 233 -6.06 -23.96 34.37
C ARG E 233 -6.89 -23.70 35.65
N LYS E 234 -8.20 -23.85 35.52
CA LYS E 234 -9.12 -23.76 36.66
C LYS E 234 -9.25 -25.14 37.29
N GLY E 235 -8.93 -25.25 38.58
CA GLY E 235 -9.25 -26.46 39.38
C GLY E 235 -10.71 -26.42 39.84
N LYS E 236 -11.03 -27.00 41.00
CA LYS E 236 -12.40 -26.86 41.54
C LYS E 236 -12.50 -25.56 42.35
N GLY E 237 -13.68 -24.94 42.37
CA GLY E 237 -13.89 -23.75 43.21
C GLY E 237 -12.93 -22.59 42.91
N ASP E 238 -12.00 -22.36 43.82
CA ASP E 238 -11.07 -21.24 43.68
C ASP E 238 -9.63 -21.72 43.53
N LYS E 239 -9.44 -22.99 43.22
CA LYS E 239 -8.08 -23.44 43.04
C LYS E 239 -7.71 -23.35 41.54
N ARG E 240 -6.43 -23.16 41.28
CA ARG E 240 -5.95 -23.07 39.91
C ARG E 240 -4.60 -23.74 39.78
N VAL E 241 -4.30 -24.16 38.55
CA VAL E 241 -3.07 -24.88 38.25
C VAL E 241 -2.30 -24.19 37.14
N ALA E 242 -1.08 -23.81 37.45
CA ALA E 242 -0.24 -23.13 36.52
C ALA E 242 0.79 -24.16 36.07
N LYS E 243 0.97 -24.25 34.77
CA LYS E 243 1.80 -25.31 34.20
C LYS E 243 2.95 -24.72 33.44
N LEU E 244 4.11 -24.78 34.04
CA LEU E 244 5.28 -24.22 33.40
C LEU E 244 5.66 -25.23 32.36
N TYR E 245 5.67 -24.82 31.10
CA TYR E 245 5.96 -25.76 30.01
C TYR E 245 7.06 -25.27 29.12
N ASP E 246 7.67 -24.16 29.50
CA ASP E 246 8.74 -23.57 28.72
C ASP E 246 9.50 -22.60 29.59
N SER E 247 10.76 -22.92 29.80
CA SER E 247 11.67 -22.12 30.59
C SER E 247 13.03 -22.54 30.10
N PRO E 248 14.04 -21.67 30.26
CA PRO E 248 15.40 -21.98 29.80
C PRO E 248 15.96 -23.23 30.45
N HIS E 249 16.09 -23.22 31.78
CA HIS E 249 16.81 -24.29 32.45
C HIS E 249 16.04 -24.76 33.64
N LEU E 250 14.73 -24.97 33.49
CA LEU E 250 13.89 -25.35 34.64
C LEU E 250 12.89 -26.42 34.22
N PRO E 251 12.54 -27.37 35.12
CA PRO E 251 11.73 -28.50 34.66
C PRO E 251 10.23 -28.16 34.48
N ASP E 252 9.58 -28.75 33.47
CA ASP E 252 8.14 -28.59 33.29
C ASP E 252 7.43 -29.14 34.50
N ALA E 253 6.83 -28.25 35.29
CA ALA E 253 6.15 -28.63 36.51
C ALA E 253 4.77 -28.00 36.62
N GLU E 254 3.95 -28.48 37.54
CA GLU E 254 2.63 -27.90 37.72
C GLU E 254 2.58 -27.26 39.05
N ALA E 255 1.87 -26.16 39.20
CA ALA E 255 1.78 -25.51 40.50
C ALA E 255 0.34 -25.23 40.85
N ILE E 256 -0.15 -25.80 41.92
CA ILE E 256 -1.51 -25.49 42.33
C ILE E 256 -1.50 -24.28 43.28
N PHE E 257 -2.61 -23.53 43.27
CA PHE E 257 -2.81 -22.36 44.17
C PHE E 257 -4.25 -21.89 44.19
N ARG E 258 -4.52 -20.91 45.04
CA ARG E 258 -5.86 -20.36 45.22
C ARG E 258 -5.89 -18.87 45.00
N ILE E 259 -7.07 -18.39 44.67
CA ILE E 259 -7.32 -17.00 44.45
C ILE E 259 -8.42 -16.70 45.42
N THR E 260 -8.10 -15.92 46.44
CA THR E 260 -9.10 -15.64 47.49
C THR E 260 -9.19 -14.15 47.71
N GLU E 261 -9.95 -13.73 48.72
CA GLU E 261 -9.94 -12.31 49.07
C GLU E 261 -8.54 -11.90 49.52
N LYS E 262 -7.68 -12.84 49.88
CA LYS E 262 -6.34 -12.44 50.25
C LYS E 262 -5.50 -12.23 48.99
N GLY E 263 -6.05 -12.55 47.82
CA GLY E 263 -5.26 -12.54 46.59
C GLY E 263 -4.71 -13.92 46.32
N ILE E 264 -3.47 -13.98 45.83
CA ILE E 264 -2.81 -15.26 45.54
C ILE E 264 -2.19 -15.85 46.78
N GLN E 265 -2.61 -17.08 47.13
CA GLN E 265 -2.07 -17.82 48.31
C GLN E 265 -1.87 -19.37 48.16
N ASP E 266 -1.04 -19.95 49.07
CA ASP E 266 -0.53 -21.39 49.13
C ASP E 266 0.92 -21.66 48.63
N SER F 2 6.48 15.32 33.96
CA SER F 2 5.61 14.34 34.67
C SER F 2 5.38 13.05 33.87
N HIS F 3 4.77 12.07 34.53
CA HIS F 3 4.29 10.84 33.91
C HIS F 3 2.90 11.09 33.39
N MET F 4 2.22 11.99 34.12
CA MET F 4 0.84 12.38 33.89
C MET F 4 0.61 12.77 32.43
N ASP F 5 1.61 13.46 31.85
CA ASP F 5 1.53 13.90 30.47
C ASP F 5 1.93 12.81 29.46
N LEU F 6 2.73 11.83 29.90
CA LEU F 6 3.08 10.66 29.06
C LEU F 6 1.93 9.65 28.79
N GLY F 7 0.84 9.77 29.53
CA GLY F 7 -0.35 8.94 29.32
C GLY F 7 -0.57 7.97 30.47
N PHE F 8 0.39 7.96 31.39
CA PHE F 8 0.35 7.06 32.51
C PHE F 8 -0.33 7.74 33.68
N LYS F 9 -1.16 6.99 34.37
CA LYS F 9 -1.74 7.47 35.58
C LYS F 9 -1.33 6.54 36.70
N SER F 10 -0.94 7.10 37.84
CA SER F 10 -0.76 6.28 39.03
C SER F 10 -2.11 5.74 39.44
N GLY F 11 -2.10 4.69 40.23
CA GLY F 11 -3.32 4.20 40.86
C GLY F 11 -3.95 5.25 41.78
N ILE F 12 -3.13 6.17 42.30
CA ILE F 12 -3.69 7.25 43.11
C ILE F 12 -4.39 8.30 42.27
N ASP F 13 -3.73 8.74 41.20
CA ASP F 13 -4.37 9.58 40.18
C ASP F 13 -5.75 9.03 39.75
N LEU F 14 -5.83 7.71 39.54
CA LEU F 14 -7.11 7.12 39.17
C LEU F 14 -8.19 7.37 40.24
N LEU F 15 -7.86 7.10 41.51
CA LEU F 15 -8.74 7.41 42.64
C LEU F 15 -9.11 8.89 42.72
N LYS F 16 -8.11 9.76 42.61
CA LYS F 16 -8.31 11.20 42.54
C LYS F 16 -9.33 11.64 41.48
N GLN F 17 -8.94 11.48 40.21
CA GLN F 17 -9.88 11.58 39.07
C GLN F 17 -11.33 11.14 39.38
N ARG F 18 -11.49 10.01 40.06
CA ARG F 18 -12.79 9.41 40.28
C ARG F 18 -13.75 10.30 41.07
N SER F 19 -13.19 11.15 41.93
CA SER F 19 -13.91 12.16 42.72
C SER F 19 -14.56 13.27 41.92
N THR F 20 -13.99 13.54 40.75
CA THR F 20 -14.46 14.62 39.88
C THR F 20 -15.41 14.20 38.72
N VAL F 21 -15.89 12.96 38.78
CA VAL F 21 -16.89 12.51 37.83
C VAL F 21 -18.19 13.20 38.22
N TRP F 22 -18.84 13.82 37.24
CA TRP F 22 -20.20 14.40 37.43
C TRP F 22 -21.24 13.59 36.65
N LYS F 23 -22.53 13.85 36.87
CA LYS F 23 -23.54 13.06 36.17
C LYS F 23 -24.52 13.94 35.49
N LEU F 24 -25.27 13.36 34.56
CA LEU F 24 -26.18 14.13 33.74
C LEU F 24 -27.45 13.34 33.60
N SER F 25 -28.52 13.89 34.14
CA SER F 25 -29.82 13.23 34.13
C SER F 25 -30.33 13.12 32.71
N THR F 26 -31.10 12.06 32.47
CA THR F 26 -31.62 11.75 31.17
C THR F 26 -33.04 12.19 31.09
N SER F 27 -33.58 12.66 32.21
CA SER F 27 -35.00 13.02 32.35
C SER F 27 -35.89 11.81 32.65
N SER F 28 -35.28 10.64 32.82
CA SER F 28 -36.05 9.47 33.23
C SER F 28 -35.49 8.92 34.53
N SER F 29 -36.36 8.75 35.54
CA SER F 29 -35.97 8.25 36.87
C SER F 29 -35.38 6.86 36.85
N GLU F 30 -36.02 5.98 36.07
CA GLU F 30 -35.63 4.59 35.95
C GLU F 30 -34.30 4.44 35.24
N LEU F 31 -34.13 5.20 34.17
CA LEU F 31 -32.86 5.24 33.48
C LEU F 31 -31.73 5.77 34.35
N ASP F 32 -31.98 6.87 35.07
CA ASP F 32 -30.93 7.45 35.91
C ASP F 32 -30.43 6.44 36.96
N SER F 33 -31.40 5.69 37.47
CA SER F 33 -31.15 4.79 38.56
C SER F 33 -30.34 3.59 38.09
N VAL F 34 -30.66 3.09 36.89
CA VAL F 34 -29.86 2.02 36.28
C VAL F 34 -28.42 2.51 36.06
N LEU F 35 -28.28 3.80 35.73
CA LEU F 35 -26.94 4.45 35.56
C LEU F 35 -26.31 4.81 36.88
N GLY F 36 -27.10 4.76 37.94
CA GLY F 36 -26.58 4.97 39.28
C GLY F 36 -26.37 6.43 39.52
N GLY F 37 -27.26 7.28 38.98
CA GLY F 37 -27.15 8.74 39.04
C GLY F 37 -27.50 9.40 37.70
N GLY F 38 -26.75 9.06 36.65
CA GLY F 38 -26.89 9.65 35.30
C GLY F 38 -25.68 9.34 34.42
N LEU F 39 -25.70 9.86 33.21
CA LEU F 39 -24.57 9.67 32.30
C LEU F 39 -23.33 10.24 32.94
N GLU F 40 -22.24 9.46 32.97
CA GLU F 40 -21.07 9.87 33.76
C GLU F 40 -20.09 10.61 32.91
N SER F 41 -19.46 11.65 33.46
CA SER F 41 -18.27 12.18 32.80
C SER F 41 -17.14 11.14 32.89
N GLN F 42 -16.11 11.36 32.07
CA GLN F 42 -14.91 10.51 32.02
C GLN F 42 -15.09 9.10 31.46
N SER F 43 -16.24 8.89 30.83
CA SER F 43 -16.69 7.60 30.32
C SER F 43 -17.37 7.78 28.99
N VAL F 44 -17.35 6.70 28.23
CA VAL F 44 -18.06 6.65 26.98
C VAL F 44 -19.31 5.82 27.21
N THR F 45 -20.46 6.38 26.85
CA THR F 45 -21.70 5.58 26.95
C THR F 45 -22.30 5.24 25.60
N GLU F 46 -22.67 3.98 25.41
CA GLU F 46 -23.26 3.56 24.16
C GLU F 46 -24.72 3.12 24.33
N PHE F 47 -25.59 3.73 23.53
CA PHE F 47 -26.90 3.18 23.29
C PHE F 47 -26.92 2.56 21.89
N ALA F 48 -27.18 1.25 21.87
CA ALA F 48 -27.29 0.47 20.64
C ALA F 48 -28.68 -0.17 20.56
N GLY F 49 -29.32 -0.05 19.40
CA GLY F 49 -30.64 -0.61 19.16
C GLY F 49 -31.03 -0.35 17.71
N VAL F 50 -32.27 -0.68 17.35
CA VAL F 50 -32.71 -0.51 15.99
C VAL F 50 -33.08 0.93 15.73
N PHE F 51 -33.16 1.27 14.44
CA PHE F 51 -33.69 2.57 14.07
C PHE F 51 -35.02 2.82 14.79
N GLY F 52 -35.19 4.01 15.34
CA GLY F 52 -36.43 4.30 16.05
C GLY F 52 -36.54 3.87 17.51
N SER F 53 -35.49 3.30 18.09
CA SER F 53 -35.58 2.79 19.49
C SER F 53 -35.24 3.84 20.55
N GLY F 54 -35.00 5.09 20.14
CA GLY F 54 -34.78 6.19 21.11
C GLY F 54 -33.40 6.81 21.10
N LYS F 55 -32.41 6.09 20.55
CA LYS F 55 -31.01 6.46 20.71
C LYS F 55 -30.77 7.94 20.44
N THR F 56 -31.16 8.39 19.24
CA THR F 56 -31.03 9.78 18.91
C THR F 56 -31.85 10.70 19.88
N GLN F 57 -32.94 10.20 20.43
CA GLN F 57 -33.78 11.01 21.28
C GLN F 57 -32.99 11.31 22.57
N ILE F 58 -32.22 10.33 23.01
CA ILE F 58 -31.47 10.46 24.23
C ILE F 58 -30.36 11.48 24.01
N MET F 59 -29.79 11.53 22.81
CA MET F 59 -28.73 12.49 22.51
C MET F 59 -29.29 13.89 22.56
N HIS F 60 -30.48 14.05 21.98
CA HIS F 60 -31.14 15.33 21.96
C HIS F 60 -31.47 15.73 23.38
N GLN F 61 -32.16 14.86 24.10
CA GLN F 61 -32.54 15.14 25.46
C GLN F 61 -31.36 15.57 26.30
N SER F 62 -30.19 14.99 26.01
CA SER F 62 -29.03 15.31 26.81
C SER F 62 -28.50 16.68 26.48
N CYS F 63 -28.67 17.13 25.24
CA CYS F 63 -28.15 18.41 24.83
C CYS F 63 -28.90 19.50 25.53
N VAL F 64 -30.18 19.24 25.72
CA VAL F 64 -31.04 20.11 26.49
C VAL F 64 -30.61 20.09 27.96
N ASN F 65 -30.62 18.89 28.54
CA ASN F 65 -30.48 18.73 29.97
C ASN F 65 -29.18 19.31 30.44
N LEU F 66 -28.22 19.50 29.55
CA LEU F 66 -26.92 20.03 29.96
C LEU F 66 -27.03 21.50 30.38
N GLN F 67 -28.07 22.19 29.90
CA GLN F 67 -28.28 23.63 30.23
C GLN F 67 -29.27 23.82 31.39
N ASN F 68 -29.62 22.73 32.02
CA ASN F 68 -30.22 22.86 33.30
C ASN F 68 -29.17 22.45 34.35
N PRO F 69 -28.56 23.44 35.03
CA PRO F 69 -27.42 23.19 35.91
C PRO F 69 -27.80 22.26 37.05
N GLU F 70 -29.11 22.13 37.31
CA GLU F 70 -29.62 21.24 38.37
C GLU F 70 -29.64 19.77 37.94
N PHE F 71 -29.55 19.57 36.62
CA PHE F 71 -29.44 18.23 36.06
C PHE F 71 -28.02 17.66 36.11
N LEU F 72 -27.05 18.45 36.56
CA LEU F 72 -25.66 17.95 36.75
C LEU F 72 -25.42 17.56 38.22
N PHE F 73 -25.00 16.31 38.46
CA PHE F 73 -24.76 15.80 39.80
C PHE F 73 -23.28 15.59 40.03
N TYR F 74 -22.76 16.17 41.11
CA TYR F 74 -21.36 15.98 41.44
C TYR F 74 -21.01 16.25 42.90
N ASP F 75 -19.74 16.06 43.20
CA ASP F 75 -19.21 16.36 44.51
C ASP F 75 -18.81 17.83 44.57
N GLU F 76 -19.64 18.67 45.18
CA GLU F 76 -19.29 20.08 45.30
C GLU F 76 -17.98 20.29 46.07
N GLU F 77 -17.55 19.23 46.75
CA GLU F 77 -16.26 19.22 47.40
C GLU F 77 -15.08 19.00 46.44
N ALA F 78 -15.30 18.35 45.29
CA ALA F 78 -14.21 17.96 44.39
C ALA F 78 -14.29 18.56 43.00
N VAL F 79 -15.47 19.03 42.61
CA VAL F 79 -15.65 19.67 41.30
C VAL F 79 -16.10 21.11 41.58
N SER F 80 -15.38 22.07 41.02
CA SER F 80 -15.75 23.47 41.19
C SER F 80 -16.91 23.85 40.28
N LYS F 81 -17.59 24.95 40.62
CA LYS F 81 -18.74 25.44 39.85
C LYS F 81 -18.31 25.93 38.47
N GLY F 82 -17.07 26.38 38.38
CA GLY F 82 -16.52 26.81 37.11
C GLY F 82 -16.17 25.68 36.15
N GLU F 83 -15.93 24.48 36.65
CA GLU F 83 -15.60 23.39 35.77
C GLU F 83 -16.82 23.08 34.90
N VAL F 84 -18.01 23.21 35.49
CA VAL F 84 -19.27 22.89 34.79
C VAL F 84 -20.00 24.16 34.35
N ALA F 85 -19.30 25.28 34.28
CA ALA F 85 -19.96 26.55 33.91
C ALA F 85 -19.96 26.81 32.41
N GLN F 86 -20.99 27.49 31.93
CA GLN F 86 -21.23 27.70 30.48
C GLN F 86 -20.96 26.44 29.66
N PRO F 87 -21.64 25.35 30.00
CA PRO F 87 -21.34 24.03 29.42
C PRO F 87 -21.81 23.89 27.95
N LYS F 88 -20.90 23.52 27.08
CA LYS F 88 -21.31 23.32 25.72
C LYS F 88 -21.20 21.85 25.36
N ALA F 89 -22.12 21.43 24.50
CA ALA F 89 -22.18 20.09 23.94
C ALA F 89 -21.76 20.11 22.47
N VAL F 90 -21.06 19.06 22.07
CA VAL F 90 -20.76 18.80 20.65
C VAL F 90 -21.60 17.65 20.09
N TYR F 91 -22.22 17.86 18.92
CA TYR F 91 -23.08 16.83 18.29
C TYR F 91 -22.53 16.49 16.90
N ILE F 92 -21.79 15.38 16.78
CA ILE F 92 -21.25 14.95 15.49
C ILE F 92 -22.36 14.17 14.82
N ASP F 93 -22.98 14.78 13.82
CA ASP F 93 -24.14 14.24 13.11
C ASP F 93 -23.65 13.50 11.85
N THR F 94 -23.97 12.23 11.79
CA THR F 94 -23.35 11.33 10.81
C THR F 94 -24.23 10.98 9.59
N GLU F 95 -25.54 10.94 9.84
CA GLU F 95 -26.59 10.72 8.83
C GLU F 95 -27.64 11.83 8.72
N GLY F 96 -27.54 12.91 9.47
CA GLY F 96 -28.56 13.96 9.40
C GLY F 96 -29.66 13.87 10.45
N THR F 97 -29.34 13.40 11.65
CA THR F 97 -30.34 13.19 12.66
C THR F 97 -30.66 14.40 13.55
N PHE F 98 -29.83 15.45 13.54
CA PHE F 98 -30.05 16.56 14.48
C PHE F 98 -31.25 17.49 14.16
N ARG F 99 -32.22 17.58 15.06
CA ARG F 99 -33.41 18.35 14.80
C ARG F 99 -33.54 19.54 15.75
N PRO F 100 -33.09 20.73 15.31
CA PRO F 100 -33.19 21.97 16.13
C PRO F 100 -34.61 22.13 16.73
N GLU F 101 -35.61 21.80 15.91
CA GLU F 101 -37.00 21.87 16.29
C GLU F 101 -37.19 21.05 17.54
N ARG F 102 -36.70 19.81 17.46
CA ARG F 102 -36.87 18.86 18.53
C ARG F 102 -36.13 19.39 19.75
N ILE F 103 -35.04 20.11 19.51
CA ILE F 103 -34.34 20.70 20.62
C ILE F 103 -35.22 21.76 21.32
N MET F 104 -35.77 22.71 20.53
CA MET F 104 -36.75 23.69 21.00
C MET F 104 -37.77 22.97 21.86
N GLN F 105 -38.40 21.97 21.23
CA GLN F 105 -39.54 21.30 21.82
C GLN F 105 -39.28 20.74 23.22
N MET F 106 -38.25 19.89 23.31
CA MET F 106 -37.76 19.31 24.56
C MET F 106 -37.52 20.36 25.65
N ALA F 107 -37.00 21.52 25.22
CA ALA F 107 -36.63 22.58 26.16
C ALA F 107 -37.85 23.33 26.69
N GLU F 108 -38.74 23.72 25.78
CA GLU F 108 -39.95 24.39 26.17
C GLU F 108 -40.59 23.58 27.29
N HIS F 109 -40.57 22.26 27.14
CA HIS F 109 -41.21 21.36 28.11
C HIS F 109 -40.38 21.13 29.36
N ALA F 110 -39.07 21.38 29.32
CA ALA F 110 -38.27 21.26 30.56
C ALA F 110 -37.95 22.65 31.15
N GLY F 111 -38.70 23.66 30.72
CA GLY F 111 -38.48 25.05 31.11
C GLY F 111 -37.09 25.59 30.82
N ILE F 112 -36.35 24.92 29.94
CA ILE F 112 -35.06 25.39 29.51
C ILE F 112 -35.32 26.29 28.31
N ASP F 113 -34.52 27.33 28.15
CA ASP F 113 -34.61 28.18 26.98
C ASP F 113 -34.04 27.44 25.73
N GLY F 114 -34.96 26.99 24.86
CA GLY F 114 -34.63 26.34 23.57
C GLY F 114 -33.48 26.99 22.85
N GLN F 115 -33.43 28.32 22.91
CA GLN F 115 -32.44 29.16 22.21
C GLN F 115 -31.08 29.00 22.82
N THR F 116 -31.05 29.02 24.15
CA THR F 116 -29.82 28.84 24.89
C THR F 116 -29.23 27.51 24.49
N VAL F 117 -30.10 26.51 24.31
CA VAL F 117 -29.61 25.18 23.99
C VAL F 117 -28.92 25.19 22.66
N LEU F 118 -29.65 25.66 21.63
CA LEU F 118 -29.08 25.75 20.29
C LEU F 118 -27.84 26.58 20.30
N ASP F 119 -27.84 27.59 21.16
CA ASP F 119 -26.76 28.53 21.15
C ASP F 119 -25.49 27.96 21.73
N ASN F 120 -25.65 26.93 22.57
CA ASN F 120 -24.50 26.20 23.11
C ASN F 120 -24.31 24.74 22.70
N THR F 121 -25.12 24.26 21.76
CA THR F 121 -24.81 22.98 21.16
C THR F 121 -24.10 23.20 19.82
N PHE F 122 -22.81 22.85 19.75
CA PHE F 122 -22.16 22.78 18.44
C PHE F 122 -22.58 21.52 17.63
N VAL F 123 -22.77 21.72 16.33
CA VAL F 123 -23.18 20.62 15.50
C VAL F 123 -22.12 20.44 14.41
N ALA F 124 -21.52 19.25 14.32
CA ALA F 124 -20.63 18.93 13.19
C ALA F 124 -21.34 17.90 12.31
N ARG F 125 -21.65 18.27 11.05
CA ARG F 125 -22.20 17.33 10.07
C ARG F 125 -21.11 16.56 9.32
N ALA F 126 -20.92 15.27 9.63
CA ALA F 126 -19.83 14.48 8.97
C ALA F 126 -20.34 13.50 7.93
N TYR F 127 -19.83 13.60 6.72
CA TYR F 127 -20.30 12.70 5.66
C TYR F 127 -19.59 11.36 5.58
N ASN F 128 -18.53 11.20 6.40
CA ASN F 128 -17.62 10.03 6.29
C ASN F 128 -16.63 9.84 7.42
N SER F 129 -16.08 8.65 7.52
CA SER F 129 -15.27 8.31 8.68
C SER F 129 -14.15 9.31 8.95
N ASP F 130 -13.34 9.65 7.94
CA ASP F 130 -12.37 10.75 8.15
C ASP F 130 -12.97 12.00 8.83
N MET F 131 -13.94 12.67 8.22
CA MET F 131 -14.64 13.81 8.82
C MET F 131 -15.05 13.57 10.28
N GLN F 132 -15.71 12.42 10.51
CA GLN F 132 -16.16 12.01 11.84
C GLN F 132 -15.00 11.97 12.85
N MET F 133 -13.91 11.30 12.49
CA MET F 133 -12.79 11.17 13.40
C MET F 133 -12.14 12.52 13.55
N LEU F 134 -11.94 13.17 12.41
CA LEU F 134 -11.29 14.48 12.43
C LEU F 134 -12.04 15.48 13.31
N PHE F 135 -13.36 15.48 13.24
CA PHE F 135 -14.16 16.33 14.14
C PHE F 135 -13.97 15.98 15.62
N ALA F 136 -13.96 14.69 15.93
CA ALA F 136 -13.80 14.30 17.33
C ALA F 136 -12.45 14.88 17.80
N GLU F 137 -11.40 14.76 16.99
CA GLU F 137 -10.11 15.26 17.42
C GLU F 137 -10.16 16.77 17.52
N LYS F 138 -10.90 17.40 16.62
CA LYS F 138 -10.98 18.86 16.60
C LYS F 138 -11.72 19.44 17.81
N ILE F 139 -12.31 18.58 18.63
CA ILE F 139 -12.89 19.04 19.88
C ILE F 139 -11.80 19.65 20.80
N GLU F 140 -10.58 19.09 20.77
CA GLU F 140 -9.48 19.75 21.45
C GLU F 140 -9.46 21.23 21.09
N ASP F 141 -9.25 21.52 19.80
CA ASP F 141 -9.15 22.90 19.39
C ASP F 141 -10.38 23.67 19.81
N LEU F 142 -11.55 23.05 19.75
CA LEU F 142 -12.79 23.73 20.16
C LEU F 142 -12.77 24.16 21.63
N ILE F 143 -12.16 23.33 22.46
CA ILE F 143 -12.03 23.63 23.86
C ILE F 143 -10.88 24.60 24.09
N GLN F 144 -9.73 24.27 23.50
CA GLN F 144 -8.53 25.09 23.48
C GLN F 144 -8.83 26.50 22.94
N GLU F 145 -9.99 26.68 22.34
CA GLU F 145 -10.52 28.01 21.96
C GLU F 145 -11.28 28.80 23.06
N GLY F 146 -11.59 28.13 24.18
CA GLY F 146 -12.26 28.79 25.27
C GLY F 146 -13.68 28.30 25.40
N ASN F 147 -13.92 27.10 24.87
CA ASN F 147 -15.25 26.49 24.92
C ASN F 147 -15.32 25.35 25.91
N ASN F 148 -16.06 25.55 26.98
CA ASN F 148 -16.22 24.48 27.97
C ASN F 148 -17.11 23.32 27.42
N ILE F 149 -16.54 22.52 26.52
CA ILE F 149 -17.24 21.33 26.00
C ILE F 149 -17.37 20.35 27.14
N LYS F 150 -18.61 20.02 27.53
CA LYS F 150 -18.86 19.06 28.60
C LYS F 150 -19.65 17.79 28.19
N LEU F 151 -20.14 17.76 26.95
CA LEU F 151 -20.98 16.65 26.47
C LEU F 151 -20.66 16.40 25.00
N VAL F 152 -20.23 15.21 24.65
CA VAL F 152 -20.01 14.94 23.25
C VAL F 152 -20.89 13.82 22.76
N VAL F 153 -21.70 14.14 21.76
CA VAL F 153 -22.53 13.12 21.10
C VAL F 153 -21.87 12.55 19.80
N ILE F 154 -21.99 11.28 19.59
CA ILE F 154 -21.49 10.71 18.37
C ILE F 154 -22.62 9.86 17.81
N ASP F 155 -23.45 10.45 16.98
CA ASP F 155 -24.66 9.76 16.57
C ASP F 155 -24.67 9.78 15.04
N SER F 156 -24.30 8.68 14.37
CA SER F 156 -23.97 7.34 14.91
C SER F 156 -22.47 7.15 15.00
N LEU F 157 -22.09 6.25 15.90
CA LEU F 157 -20.73 5.77 15.97
C LEU F 157 -20.17 5.00 14.71
N THR F 158 -20.98 4.12 14.10
CA THR F 158 -20.49 3.21 13.09
C THR F 158 -21.09 3.35 11.68
N SER F 159 -22.14 4.14 11.53
CA SER F 159 -22.75 4.27 10.24
C SER F 159 -21.72 4.59 9.14
N THR F 160 -20.81 5.54 9.33
CA THR F 160 -19.86 5.82 8.25
C THR F 160 -18.97 4.63 7.86
N PHE F 161 -18.47 3.91 8.85
CA PHE F 161 -17.58 2.78 8.63
C PHE F 161 -18.27 1.64 7.90
N ARG F 162 -19.51 1.33 8.27
CA ARG F 162 -20.12 0.18 7.63
C ARG F 162 -20.55 0.51 6.21
N ASN F 163 -20.68 1.80 5.93
CA ASN F 163 -20.89 2.29 4.60
C ASN F 163 -19.61 2.39 3.77
N GLU F 164 -18.44 2.50 4.38
CA GLU F 164 -17.19 2.58 3.64
C GLU F 164 -16.56 1.22 3.39
N TYR F 165 -16.47 0.41 4.44
CA TYR F 165 -16.09 -1.00 4.36
C TYR F 165 -17.35 -1.90 4.48
N THR F 166 -17.68 -2.50 3.35
CA THR F 166 -18.91 -3.26 3.13
C THR F 166 -18.45 -4.68 2.71
N GLY F 167 -18.83 -5.69 3.50
CA GLY F 167 -18.33 -7.06 3.33
C GLY F 167 -16.82 -7.15 3.55
N ARG F 168 -16.38 -8.14 4.35
CA ARG F 168 -14.96 -8.33 4.74
C ARG F 168 -13.91 -8.23 3.60
N GLY F 169 -12.66 -7.90 3.96
CA GLY F 169 -11.56 -7.65 2.99
C GLY F 169 -10.59 -6.57 3.42
N LYS F 170 -11.12 -5.36 3.60
CA LYS F 170 -10.37 -4.24 4.19
C LYS F 170 -10.76 -4.06 5.66
N LEU F 171 -11.26 -5.14 6.26
CA LEU F 171 -11.83 -5.11 7.59
C LEU F 171 -10.88 -4.59 8.66
N ALA F 172 -9.60 -4.83 8.43
CA ALA F 172 -8.59 -4.49 9.39
C ALA F 172 -8.38 -2.97 9.51
N GLU F 173 -8.13 -2.28 8.39
CA GLU F 173 -8.02 -0.82 8.37
C GLU F 173 -9.23 -0.13 9.10
N ARG F 174 -10.38 -0.75 8.97
CA ARG F 174 -11.60 -0.33 9.57
C ARG F 174 -11.53 -0.52 11.06
N GLN F 175 -11.26 -1.78 11.46
CA GLN F 175 -11.10 -2.13 12.87
C GLN F 175 -10.02 -1.31 13.60
N GLN F 176 -8.98 -0.88 12.91
CA GLN F 176 -7.97 -0.03 13.54
C GLN F 176 -8.39 1.46 13.51
N LYS F 177 -9.20 1.84 12.53
CA LYS F 177 -9.64 3.22 12.44
C LYS F 177 -10.64 3.42 13.59
N LEU F 178 -11.48 2.41 13.81
CA LEU F 178 -12.39 2.41 14.92
C LEU F 178 -11.64 2.55 16.25
N GLY F 179 -10.55 1.79 16.38
CA GLY F 179 -9.75 1.77 17.58
C GLY F 179 -9.17 3.11 17.86
N ARG F 180 -8.66 3.74 16.79
CA ARG F 180 -8.11 5.10 16.92
C ARG F 180 -9.21 6.08 17.37
N HIS F 181 -10.42 5.90 16.85
CA HIS F 181 -11.53 6.78 17.21
C HIS F 181 -12.02 6.60 18.63
N MET F 182 -12.13 5.34 19.05
CA MET F 182 -12.48 4.99 20.42
C MET F 182 -11.45 5.52 21.41
N ALA F 183 -10.17 5.41 21.04
CA ALA F 183 -9.10 6.07 21.78
C ALA F 183 -9.39 7.53 21.98
N THR F 184 -9.63 8.26 20.90
CA THR F 184 -9.91 9.68 21.03
C THR F 184 -11.14 9.96 21.92
N LEU F 185 -12.23 9.26 21.70
CA LEU F 185 -13.40 9.55 22.46
C LEU F 185 -13.06 9.42 23.93
N ASN F 186 -12.39 8.34 24.29
CA ASN F 186 -12.04 8.08 25.67
C ASN F 186 -11.15 9.14 26.26
N LYS F 187 -10.19 9.60 25.47
CA LYS F 187 -9.22 10.58 25.91
C LYS F 187 -9.92 11.90 26.27
N LEU F 188 -10.88 12.31 25.47
CA LEU F 188 -11.43 13.59 25.75
C LEU F 188 -12.50 13.51 26.87
N ALA F 189 -12.97 12.31 27.16
CA ALA F 189 -13.89 12.13 28.25
C ALA F 189 -13.12 12.36 29.53
N ASP F 190 -11.88 11.88 29.53
CA ASP F 190 -10.96 11.81 30.66
C ASP F 190 -10.27 13.13 30.89
N LEU F 191 -9.61 13.62 29.84
CA LEU F 191 -8.81 14.84 29.94
C LEU F 191 -9.65 16.11 30.07
N PHE F 192 -10.86 16.10 29.53
CA PHE F 192 -11.71 17.28 29.64
C PHE F 192 -12.91 16.97 30.50
N ASN F 193 -12.79 15.94 31.33
CA ASN F 193 -13.81 15.59 32.33
C ASN F 193 -15.18 15.86 31.78
N CYS F 194 -15.55 15.07 30.78
CA CYS F 194 -16.90 15.22 30.30
C CYS F 194 -17.57 13.93 29.79
N VAL F 195 -18.86 14.03 29.50
CA VAL F 195 -19.60 12.87 28.99
C VAL F 195 -19.52 12.71 27.47
N VAL F 196 -19.16 11.50 27.06
CA VAL F 196 -19.20 11.12 25.67
C VAL F 196 -20.22 10.03 25.58
N LEU F 197 -21.20 10.26 24.70
CA LEU F 197 -22.29 9.31 24.40
C LEU F 197 -22.14 8.92 22.91
N VAL F 198 -22.35 7.66 22.54
CA VAL F 198 -22.33 7.27 21.15
C VAL F 198 -23.59 6.47 20.91
N THR F 199 -24.17 6.59 19.71
CA THR F 199 -25.28 5.72 19.29
C THR F 199 -24.67 4.68 18.38
N ASN F 200 -25.31 3.52 18.31
CA ASN F 200 -24.88 2.39 17.51
C ASN F 200 -26.05 1.53 17.09
N GLN F 201 -25.83 0.73 16.06
CA GLN F 201 -26.84 -0.20 15.60
C GLN F 201 -26.47 -1.61 16.08
N VAL F 202 -27.39 -2.55 15.87
CA VAL F 202 -27.25 -3.95 16.27
C VAL F 202 -27.15 -4.89 15.05
N SER F 203 -26.73 -6.14 15.29
CA SER F 203 -26.61 -7.18 14.25
C SER F 203 -26.75 -8.62 14.82
N ALA F 204 -26.70 -9.62 13.93
CA ALA F 204 -26.75 -11.04 14.31
C ALA F 204 -25.35 -11.63 14.62
N ALA F 213 -26.83 -14.60 18.34
CA ALA F 213 -27.02 -13.20 17.94
C ALA F 213 -27.26 -12.26 19.12
N GLU F 214 -27.36 -10.95 18.82
CA GLU F 214 -27.68 -9.88 19.80
C GLU F 214 -26.46 -9.07 20.30
N GLN F 215 -25.84 -8.33 19.38
CA GLN F 215 -24.56 -7.64 19.62
C GLN F 215 -24.43 -6.25 18.90
N ALA F 216 -23.66 -5.31 19.45
CA ALA F 216 -23.49 -3.99 18.80
C ALA F 216 -22.37 -3.97 17.76
N ILE F 217 -22.61 -3.26 16.64
CA ILE F 217 -21.60 -3.14 15.57
C ILE F 217 -20.23 -2.64 16.09
N GLY F 218 -19.14 -3.11 15.46
CA GLY F 218 -17.79 -2.67 15.81
C GLY F 218 -17.03 -3.76 16.53
N GLY F 219 -17.76 -4.78 16.99
CA GLY F 219 -17.16 -5.92 17.66
C GLY F 219 -16.52 -5.50 18.95
N HIS F 220 -15.27 -5.90 19.16
CA HIS F 220 -14.66 -5.79 20.48
C HIS F 220 -13.87 -4.56 20.69
N ILE F 221 -13.28 -4.07 19.62
CA ILE F 221 -12.60 -2.77 19.66
C ILE F 221 -13.53 -1.75 20.37
N VAL F 222 -14.79 -1.76 20.02
CA VAL F 222 -15.73 -0.84 20.57
C VAL F 222 -16.10 -1.22 22.00
N GLY F 223 -16.58 -2.47 22.19
CA GLY F 223 -17.04 -3.02 23.46
C GLY F 223 -16.05 -2.86 24.59
N HIS F 224 -14.80 -3.28 24.39
CA HIS F 224 -13.73 -3.08 25.39
C HIS F 224 -13.47 -1.64 25.68
N ALA F 225 -13.87 -0.76 24.76
CA ALA F 225 -13.57 0.66 24.94
C ALA F 225 -14.81 1.50 25.32
N ALA F 226 -15.97 0.89 25.46
CA ALA F 226 -17.11 1.64 25.93
C ALA F 226 -17.36 1.36 27.44
N THR F 227 -17.15 2.32 28.33
CA THR F 227 -17.37 2.02 29.74
C THR F 227 -18.79 1.52 30.11
N PHE F 228 -19.85 2.19 29.63
CA PHE F 228 -21.21 1.73 29.92
C PHE F 228 -21.92 1.34 28.63
N ARG F 229 -22.61 0.20 28.59
CA ARG F 229 -23.27 -0.18 27.31
C ARG F 229 -24.68 -0.66 27.48
N PHE F 230 -25.60 -0.01 26.78
CA PHE F 230 -27.01 -0.39 26.76
C PHE F 230 -27.45 -0.97 25.40
N PHE F 231 -28.46 -1.84 25.44
CA PHE F 231 -29.30 -2.12 24.28
C PHE F 231 -30.64 -1.47 24.54
N VAL F 232 -31.12 -0.72 23.55
CA VAL F 232 -32.41 -0.10 23.72
C VAL F 232 -33.41 -0.77 22.80
N ARG F 233 -34.43 -1.37 23.42
CA ARG F 233 -35.51 -2.08 22.74
C ARG F 233 -36.76 -1.23 22.69
N LYS F 234 -37.60 -1.45 21.67
CA LYS F 234 -38.91 -0.81 21.62
C LYS F 234 -39.92 -1.65 22.42
N GLY F 235 -40.58 -1.05 23.42
CA GLY F 235 -41.70 -1.71 24.10
C GLY F 235 -42.93 -1.43 23.25
N LYS F 236 -44.12 -1.33 23.87
CA LYS F 236 -45.33 -0.98 23.09
C LYS F 236 -45.51 0.54 22.90
N GLY F 237 -45.97 0.95 21.72
CA GLY F 237 -46.17 2.38 21.41
C GLY F 237 -44.95 3.24 21.65
N ASP F 238 -45.10 4.23 22.52
CA ASP F 238 -44.05 5.19 22.79
C ASP F 238 -43.17 4.80 24.00
N LYS F 239 -43.24 3.55 24.44
CA LYS F 239 -42.37 3.11 25.53
C LYS F 239 -41.16 2.29 25.02
N ARG F 240 -40.05 2.37 25.77
CA ARG F 240 -38.78 1.74 25.39
C ARG F 240 -38.15 1.12 26.60
N VAL F 241 -37.26 0.17 26.38
CA VAL F 241 -36.50 -0.41 27.51
C VAL F 241 -35.04 -0.39 27.20
N ALA F 242 -34.22 0.00 28.18
CA ALA F 242 -32.80 0.11 27.99
C ALA F 242 -32.11 -0.88 28.90
N LYS F 243 -31.31 -1.76 28.30
CA LYS F 243 -30.69 -2.83 29.04
C LYS F 243 -29.23 -2.49 29.33
N LEU F 244 -28.89 -2.30 30.59
CA LEU F 244 -27.47 -2.14 30.93
C LEU F 244 -26.90 -3.51 31.05
N TYR F 245 -25.77 -3.73 30.37
CA TYR F 245 -25.16 -5.06 30.29
C TYR F 245 -23.64 -4.99 30.33
N ASP F 246 -23.12 -3.78 30.45
CA ASP F 246 -21.72 -3.63 30.74
C ASP F 246 -21.53 -2.35 31.50
N SER F 247 -20.79 -2.44 32.60
CA SER F 247 -20.52 -1.32 33.50
C SER F 247 -19.52 -1.85 34.51
N PRO F 248 -18.59 -1.01 34.99
CA PRO F 248 -17.55 -1.57 35.86
C PRO F 248 -18.07 -2.08 37.19
N HIS F 249 -19.03 -1.38 37.79
CA HIS F 249 -19.46 -1.74 39.13
C HIS F 249 -20.92 -1.56 39.27
N LEU F 250 -21.64 -1.60 38.15
CA LEU F 250 -23.09 -1.51 38.20
C LEU F 250 -23.79 -2.79 37.85
N PRO F 251 -24.88 -3.08 38.57
CA PRO F 251 -25.68 -4.25 38.24
C PRO F 251 -26.22 -4.13 36.82
N ASP F 252 -26.12 -5.21 36.04
CA ASP F 252 -26.82 -5.25 34.75
C ASP F 252 -28.28 -5.10 35.10
N ALA F 253 -29.00 -4.22 34.40
CA ALA F 253 -30.41 -3.97 34.74
C ALA F 253 -31.14 -3.29 33.60
N GLU F 254 -32.47 -3.37 33.64
CA GLU F 254 -33.34 -2.83 32.59
C GLU F 254 -34.14 -1.61 33.08
N ALA F 255 -34.08 -0.51 32.32
CA ALA F 255 -34.84 0.65 32.63
C ALA F 255 -35.84 0.87 31.55
N ILE F 256 -37.11 1.04 31.94
CA ILE F 256 -38.19 1.43 31.04
C ILE F 256 -38.49 2.93 31.15
N PHE F 257 -38.83 3.55 30.01
CA PHE F 257 -39.10 4.98 29.87
C PHE F 257 -39.91 5.23 28.61
N ARG F 258 -40.22 6.48 28.32
CA ARG F 258 -41.09 6.78 27.18
C ARG F 258 -40.57 7.96 26.43
N ILE F 259 -40.95 8.09 25.17
CA ILE F 259 -40.52 9.22 24.34
C ILE F 259 -41.76 9.95 23.89
N THR F 260 -41.85 11.27 24.13
CA THR F 260 -43.10 12.00 23.87
C THR F 260 -42.91 13.40 23.33
N GLU F 261 -43.92 14.25 23.53
CA GLU F 261 -43.77 15.59 23.05
C GLU F 261 -42.68 16.25 23.90
N LYS F 262 -42.60 15.85 25.17
CA LYS F 262 -41.64 16.42 26.13
C LYS F 262 -40.21 15.93 25.93
N GLY F 263 -40.05 14.78 25.25
CA GLY F 263 -38.76 14.05 25.19
C GLY F 263 -38.78 12.83 26.07
N ILE F 264 -37.62 12.38 26.51
CA ILE F 264 -37.48 11.20 27.39
C ILE F 264 -38.25 11.42 28.67
N GLN F 265 -39.10 10.48 29.09
CA GLN F 265 -39.86 10.72 30.34
C GLN F 265 -40.35 9.57 31.21
N ASP F 266 -40.61 9.90 32.47
CA ASP F 266 -41.09 9.01 33.56
C ASP F 266 -40.02 8.64 34.58
#